data_1LCJ
# 
_entry.id   1LCJ 
# 
_audit_conform.dict_name       mmcif_pdbx.dic 
_audit_conform.dict_version    5.398 
_audit_conform.dict_location   http://mmcif.pdb.org/dictionaries/ascii/mmcif_pdbx.dic 
# 
loop_
_database_2.database_id 
_database_2.database_code 
_database_2.pdbx_database_accession 
_database_2.pdbx_DOI 
PDB   1LCJ         pdb_00001lcj 10.2210/pdb1lcj/pdb 
WWPDB D_1000174656 ?            ?                   
# 
loop_
_pdbx_audit_revision_history.ordinal 
_pdbx_audit_revision_history.data_content_type 
_pdbx_audit_revision_history.major_revision 
_pdbx_audit_revision_history.minor_revision 
_pdbx_audit_revision_history.revision_date 
1 'Structure model' 1 0 1995-10-15 
2 'Structure model' 1 1 2008-03-03 
3 'Structure model' 1 2 2011-07-13 
4 'Structure model' 1 3 2024-06-05 
5 'Structure model' 1 4 2024-10-30 
# 
_pdbx_audit_revision_details.ordinal             1 
_pdbx_audit_revision_details.revision_ordinal    1 
_pdbx_audit_revision_details.data_content_type   'Structure model' 
_pdbx_audit_revision_details.provider            repository 
_pdbx_audit_revision_details.type                'Initial release' 
_pdbx_audit_revision_details.description         ? 
_pdbx_audit_revision_details.details             ? 
# 
loop_
_pdbx_audit_revision_group.ordinal 
_pdbx_audit_revision_group.revision_ordinal 
_pdbx_audit_revision_group.data_content_type 
_pdbx_audit_revision_group.group 
1 2 'Structure model' 'Version format compliance' 
2 3 'Structure model' 'Version format compliance' 
3 4 'Structure model' 'Data collection'           
4 4 'Structure model' 'Database references'       
5 4 'Structure model' 'Derived calculations'      
6 4 'Structure model' Other                       
7 5 'Structure model' 'Structure summary'         
# 
loop_
_pdbx_audit_revision_category.ordinal 
_pdbx_audit_revision_category.revision_ordinal 
_pdbx_audit_revision_category.data_content_type 
_pdbx_audit_revision_category.category 
1 4 'Structure model' chem_comp_atom            
2 4 'Structure model' chem_comp_bond            
3 4 'Structure model' database_2                
4 4 'Structure model' pdbx_database_status      
5 4 'Structure model' struct_conn               
6 5 'Structure model' pdbx_entry_details        
7 5 'Structure model' pdbx_modification_feature 
# 
loop_
_pdbx_audit_revision_item.ordinal 
_pdbx_audit_revision_item.revision_ordinal 
_pdbx_audit_revision_item.data_content_type 
_pdbx_audit_revision_item.item 
1 4 'Structure model' '_database_2.pdbx_DOI'                
2 4 'Structure model' '_database_2.pdbx_database_accession' 
3 4 'Structure model' '_pdbx_database_status.process_site'  
4 4 'Structure model' '_struct_conn.pdbx_leaving_atom_flag' 
# 
_pdbx_database_status.status_code                     REL 
_pdbx_database_status.entry_id                        1LCJ 
_pdbx_database_status.recvd_initial_deposition_date   1994-12-12 
_pdbx_database_status.deposit_site                    ? 
_pdbx_database_status.process_site                    BNL 
_pdbx_database_status.SG_entry                        . 
_pdbx_database_status.status_code_sf                  ? 
_pdbx_database_status.status_code_mr                  ? 
_pdbx_database_status.pdb_format_compatible           Y 
_pdbx_database_status.status_code_cs                  ? 
_pdbx_database_status.status_code_nmr_data            ? 
_pdbx_database_status.methods_development_category    ? 
# 
loop_
_audit_author.name 
_audit_author.pdbx_ordinal 
'Eck, M.'      1 
'Harrison, S.' 2 
# 
_citation.id                        primary 
_citation.title                     'Recognition of a high-affinity phosphotyrosyl peptide by the Src homology-2 domain of p56lck.' 
_citation.journal_abbrev            Nature 
_citation.journal_volume            362 
_citation.page_first                87 
_citation.page_last                 91 
_citation.year                      1993 
_citation.journal_id_ASTM           NATUAS 
_citation.country                   UK 
_citation.journal_id_ISSN           0028-0836 
_citation.journal_id_CSD            0006 
_citation.book_publisher            ? 
_citation.pdbx_database_id_PubMed   7680435 
_citation.pdbx_database_id_DOI      10.1038/362087a0 
# 
loop_
_citation_author.citation_id 
_citation_author.name 
_citation_author.ordinal 
_citation_author.identifier_ORCID 
primary 'Eck, M.J.'      1 ? 
primary 'Shoelson, S.E.' 2 ? 
primary 'Harrison, S.C.' 3 ? 
# 
loop_
_entity.id 
_entity.type 
_entity.src_method 
_entity.pdbx_description 
_entity.formula_weight 
_entity.pdbx_number_of_molecules 
_entity.pdbx_ec 
_entity.pdbx_mutation 
_entity.pdbx_fragment 
_entity.details 
1 polymer man 'P56==LCK== TYROSINE KINASE'          12388.826 1  2.7.1.112 'INS(MET 118)' ? ? 
2 polymer man 'PHOSPHOPEPTIDE EPQ(PHOSPHO)YEEIPIYL' 1473.515  1  ?         ?              ? ? 
3 water   nat water                                 18.015    65 ?         ?              ? ? 
# 
loop_
_entity_poly.entity_id 
_entity_poly.type 
_entity_poly.nstd_linkage 
_entity_poly.nstd_monomer 
_entity_poly.pdbx_seq_one_letter_code 
_entity_poly.pdbx_seq_one_letter_code_can 
_entity_poly.pdbx_strand_id 
_entity_poly.pdbx_target_identifier 
1 'polypeptide(L)' no no  
;MANSLEPEPWFFKNLSRKDAERQLLAPGNTHGSFLIRESESTAGSFSLSVRDFDQNQGEVVKHYKIRNLDNGGFYISPRI
TFPGLHELVRHYTNASDGLCTRLSRPCQT
;
;MANSLEPEPWFFKNLSRKDAERQLLAPGNTHGSFLIRESESTAGSFSLSVRDFDQNQGEVVKHYKIRNLDNGGFYISPRI
TFPGLHELVRHYTNASDGLCTRLSRPCQT
;
A ? 
2 'polypeptide(L)' no yes 'EPQ(PTR)EEIPIYL' EPQYEEIPIYL B ? 
# 
_pdbx_entity_nonpoly.entity_id   3 
_pdbx_entity_nonpoly.name        water 
_pdbx_entity_nonpoly.comp_id     HOH 
# 
loop_
_entity_poly_seq.entity_id 
_entity_poly_seq.num 
_entity_poly_seq.mon_id 
_entity_poly_seq.hetero 
1 1   MET n 
1 2   ALA n 
1 3   ASN n 
1 4   SER n 
1 5   LEU n 
1 6   GLU n 
1 7   PRO n 
1 8   GLU n 
1 9   PRO n 
1 10  TRP n 
1 11  PHE n 
1 12  PHE n 
1 13  LYS n 
1 14  ASN n 
1 15  LEU n 
1 16  SER n 
1 17  ARG n 
1 18  LYS n 
1 19  ASP n 
1 20  ALA n 
1 21  GLU n 
1 22  ARG n 
1 23  GLN n 
1 24  LEU n 
1 25  LEU n 
1 26  ALA n 
1 27  PRO n 
1 28  GLY n 
1 29  ASN n 
1 30  THR n 
1 31  HIS n 
1 32  GLY n 
1 33  SER n 
1 34  PHE n 
1 35  LEU n 
1 36  ILE n 
1 37  ARG n 
1 38  GLU n 
1 39  SER n 
1 40  GLU n 
1 41  SER n 
1 42  THR n 
1 43  ALA n 
1 44  GLY n 
1 45  SER n 
1 46  PHE n 
1 47  SER n 
1 48  LEU n 
1 49  SER n 
1 50  VAL n 
1 51  ARG n 
1 52  ASP n 
1 53  PHE n 
1 54  ASP n 
1 55  GLN n 
1 56  ASN n 
1 57  GLN n 
1 58  GLY n 
1 59  GLU n 
1 60  VAL n 
1 61  VAL n 
1 62  LYS n 
1 63  HIS n 
1 64  TYR n 
1 65  LYS n 
1 66  ILE n 
1 67  ARG n 
1 68  ASN n 
1 69  LEU n 
1 70  ASP n 
1 71  ASN n 
1 72  GLY n 
1 73  GLY n 
1 74  PHE n 
1 75  TYR n 
1 76  ILE n 
1 77  SER n 
1 78  PRO n 
1 79  ARG n 
1 80  ILE n 
1 81  THR n 
1 82  PHE n 
1 83  PRO n 
1 84  GLY n 
1 85  LEU n 
1 86  HIS n 
1 87  GLU n 
1 88  LEU n 
1 89  VAL n 
1 90  ARG n 
1 91  HIS n 
1 92  TYR n 
1 93  THR n 
1 94  ASN n 
1 95  ALA n 
1 96  SER n 
1 97  ASP n 
1 98  GLY n 
1 99  LEU n 
1 100 CYS n 
1 101 THR n 
1 102 ARG n 
1 103 LEU n 
1 104 SER n 
1 105 ARG n 
1 106 PRO n 
1 107 CYS n 
1 108 GLN n 
1 109 THR n 
2 1   GLU n 
2 2   PRO n 
2 3   GLN n 
2 4   PTR n 
2 5   GLU n 
2 6   GLU n 
2 7   ILE n 
2 8   PRO n 
2 9   ILE n 
2 10  TYR n 
2 11  LEU n 
# 
_entity_src_gen.entity_id                          1 
_entity_src_gen.pdbx_src_id                        1 
_entity_src_gen.pdbx_alt_source_flag               sample 
_entity_src_gen.pdbx_seq_type                      ? 
_entity_src_gen.pdbx_beg_seq_num                   ? 
_entity_src_gen.pdbx_end_seq_num                   ? 
_entity_src_gen.gene_src_common_name               human 
_entity_src_gen.gene_src_genus                     Homo 
_entity_src_gen.pdbx_gene_src_gene                 ? 
_entity_src_gen.gene_src_species                   ? 
_entity_src_gen.gene_src_strain                    ? 
_entity_src_gen.gene_src_tissue                    ? 
_entity_src_gen.gene_src_tissue_fraction           ? 
_entity_src_gen.gene_src_details                   ? 
_entity_src_gen.pdbx_gene_src_fragment             ? 
_entity_src_gen.pdbx_gene_src_scientific_name      'Homo sapiens' 
_entity_src_gen.pdbx_gene_src_ncbi_taxonomy_id     9606 
_entity_src_gen.pdbx_gene_src_variant              ? 
_entity_src_gen.pdbx_gene_src_cell_line            ? 
_entity_src_gen.pdbx_gene_src_atcc                 ? 
_entity_src_gen.pdbx_gene_src_organ                ? 
_entity_src_gen.pdbx_gene_src_organelle            ? 
_entity_src_gen.pdbx_gene_src_cell                 ? 
_entity_src_gen.pdbx_gene_src_cellular_location    ? 
_entity_src_gen.host_org_common_name               ? 
_entity_src_gen.pdbx_host_org_scientific_name      'Escherichia coli' 
_entity_src_gen.pdbx_host_org_ncbi_taxonomy_id     562 
_entity_src_gen.host_org_genus                     Escherichia 
_entity_src_gen.pdbx_host_org_gene                 ? 
_entity_src_gen.pdbx_host_org_organ                ? 
_entity_src_gen.host_org_species                   ? 
_entity_src_gen.pdbx_host_org_tissue               ? 
_entity_src_gen.pdbx_host_org_tissue_fraction      ? 
_entity_src_gen.pdbx_host_org_strain               'BL21(DE3)PLYSS' 
_entity_src_gen.pdbx_host_org_variant              ? 
_entity_src_gen.pdbx_host_org_cell_line            ? 
_entity_src_gen.pdbx_host_org_atcc                 ? 
_entity_src_gen.pdbx_host_org_culture_collection   ? 
_entity_src_gen.pdbx_host_org_cell                 ? 
_entity_src_gen.pdbx_host_org_organelle            ? 
_entity_src_gen.pdbx_host_org_cellular_location    ? 
_entity_src_gen.pdbx_host_org_vector_type          ? 
_entity_src_gen.pdbx_host_org_vector               ? 
_entity_src_gen.host_org_details                   ? 
_entity_src_gen.expression_system_id               ? 
_entity_src_gen.plasmid_name                       ? 
_entity_src_gen.plasmid_details                    ? 
_entity_src_gen.pdbx_description                   ? 
# 
loop_
_chem_comp.id 
_chem_comp.type 
_chem_comp.mon_nstd_flag 
_chem_comp.name 
_chem_comp.pdbx_synonyms 
_chem_comp.formula 
_chem_comp.formula_weight 
ALA 'L-peptide linking' y ALANINE           ?                 'C3 H7 N O2'     89.093  
ARG 'L-peptide linking' y ARGININE          ?                 'C6 H15 N4 O2 1' 175.209 
ASN 'L-peptide linking' y ASPARAGINE        ?                 'C4 H8 N2 O3'    132.118 
ASP 'L-peptide linking' y 'ASPARTIC ACID'   ?                 'C4 H7 N O4'     133.103 
CYS 'L-peptide linking' y CYSTEINE          ?                 'C3 H7 N O2 S'   121.158 
GLN 'L-peptide linking' y GLUTAMINE         ?                 'C5 H10 N2 O3'   146.144 
GLU 'L-peptide linking' y 'GLUTAMIC ACID'   ?                 'C5 H9 N O4'     147.129 
GLY 'peptide linking'   y GLYCINE           ?                 'C2 H5 N O2'     75.067  
HIS 'L-peptide linking' y HISTIDINE         ?                 'C6 H10 N3 O2 1' 156.162 
HOH non-polymer         . WATER             ?                 'H2 O'           18.015  
ILE 'L-peptide linking' y ISOLEUCINE        ?                 'C6 H13 N O2'    131.173 
LEU 'L-peptide linking' y LEUCINE           ?                 'C6 H13 N O2'    131.173 
LYS 'L-peptide linking' y LYSINE            ?                 'C6 H15 N2 O2 1' 147.195 
MET 'L-peptide linking' y METHIONINE        ?                 'C5 H11 N O2 S'  149.211 
PHE 'L-peptide linking' y PHENYLALANINE     ?                 'C9 H11 N O2'    165.189 
PRO 'L-peptide linking' y PROLINE           ?                 'C5 H9 N O2'     115.130 
PTR 'L-peptide linking' n O-PHOSPHOTYROSINE PHOSPHONOTYROSINE 'C9 H12 N O6 P'  261.168 
SER 'L-peptide linking' y SERINE            ?                 'C3 H7 N O3'     105.093 
THR 'L-peptide linking' y THREONINE         ?                 'C4 H9 N O3'     119.119 
TRP 'L-peptide linking' y TRYPTOPHAN        ?                 'C11 H12 N2 O2'  204.225 
TYR 'L-peptide linking' y TYROSINE          ?                 'C9 H11 N O3'    181.189 
VAL 'L-peptide linking' y VALINE            ?                 'C5 H11 N O2'    117.146 
# 
loop_
_pdbx_poly_seq_scheme.asym_id 
_pdbx_poly_seq_scheme.entity_id 
_pdbx_poly_seq_scheme.seq_id 
_pdbx_poly_seq_scheme.mon_id 
_pdbx_poly_seq_scheme.ndb_seq_num 
_pdbx_poly_seq_scheme.pdb_seq_num 
_pdbx_poly_seq_scheme.auth_seq_num 
_pdbx_poly_seq_scheme.pdb_mon_id 
_pdbx_poly_seq_scheme.auth_mon_id 
_pdbx_poly_seq_scheme.pdb_strand_id 
_pdbx_poly_seq_scheme.pdb_ins_code 
_pdbx_poly_seq_scheme.hetero 
A 1 1   MET 1   118 ?   ?   ?   A . n 
A 1 2   ALA 2   119 ?   ?   ?   A . n 
A 1 3   ASN 3   120 ?   ?   ?   A . n 
A 1 4   SER 4   121 ?   ?   ?   A . n 
A 1 5   LEU 5   122 ?   ?   ?   A . n 
A 1 6   GLU 6   123 123 GLU GLU A . n 
A 1 7   PRO 7   124 124 PRO PRO A . n 
A 1 8   GLU 8   125 125 GLU GLU A . n 
A 1 9   PRO 9   126 126 PRO PRO A . n 
A 1 10  TRP 10  127 127 TRP TRP A . n 
A 1 11  PHE 11  128 128 PHE PHE A . n 
A 1 12  PHE 12  129 129 PHE PHE A . n 
A 1 13  LYS 13  130 130 LYS LYS A . n 
A 1 14  ASN 14  131 131 ASN ASN A . n 
A 1 15  LEU 15  132 132 LEU LEU A . n 
A 1 16  SER 16  133 133 SER SER A . n 
A 1 17  ARG 17  134 134 ARG ARG A . n 
A 1 18  LYS 18  135 135 LYS LYS A . n 
A 1 19  ASP 19  136 136 ASP ASP A . n 
A 1 20  ALA 20  137 137 ALA ALA A . n 
A 1 21  GLU 21  138 138 GLU GLU A . n 
A 1 22  ARG 22  139 139 ARG ARG A . n 
A 1 23  GLN 23  140 140 GLN GLN A . n 
A 1 24  LEU 24  141 141 LEU LEU A . n 
A 1 25  LEU 25  142 142 LEU LEU A . n 
A 1 26  ALA 26  143 143 ALA ALA A . n 
A 1 27  PRO 27  144 144 PRO PRO A . n 
A 1 28  GLY 28  145 145 GLY GLY A . n 
A 1 29  ASN 29  146 146 ASN ASN A . n 
A 1 30  THR 30  147 147 THR THR A . n 
A 1 31  HIS 31  148 148 HIS HIS A . n 
A 1 32  GLY 32  149 149 GLY GLY A . n 
A 1 33  SER 33  150 150 SER SER A . n 
A 1 34  PHE 34  151 151 PHE PHE A . n 
A 1 35  LEU 35  152 152 LEU LEU A . n 
A 1 36  ILE 36  153 153 ILE ILE A . n 
A 1 37  ARG 37  154 154 ARG ARG A . n 
A 1 38  GLU 38  155 155 GLU GLU A . n 
A 1 39  SER 39  156 156 SER SER A . n 
A 1 40  GLU 40  157 157 GLU GLU A . n 
A 1 41  SER 41  158 158 SER SER A . n 
A 1 42  THR 42  159 159 THR THR A . n 
A 1 43  ALA 43  160 160 ALA ALA A . n 
A 1 44  GLY 44  161 161 GLY GLY A . n 
A 1 45  SER 45  162 162 SER SER A . n 
A 1 46  PHE 46  163 163 PHE PHE A . n 
A 1 47  SER 47  164 164 SER SER A . n 
A 1 48  LEU 48  165 165 LEU LEU A . n 
A 1 49  SER 49  166 166 SER SER A . n 
A 1 50  VAL 50  167 167 VAL VAL A . n 
A 1 51  ARG 51  168 168 ARG ARG A . n 
A 1 52  ASP 52  169 169 ASP ASP A . n 
A 1 53  PHE 53  170 170 PHE PHE A . n 
A 1 54  ASP 54  171 171 ASP ASP A . n 
A 1 55  GLN 55  172 172 GLN GLN A . n 
A 1 56  ASN 56  173 173 ASN ASN A . n 
A 1 57  GLN 57  174 174 GLN GLN A . n 
A 1 58  GLY 58  175 175 GLY GLY A . n 
A 1 59  GLU 59  176 176 GLU GLU A . n 
A 1 60  VAL 60  177 177 VAL VAL A . n 
A 1 61  VAL 61  178 178 VAL VAL A . n 
A 1 62  LYS 62  179 179 LYS LYS A . n 
A 1 63  HIS 63  180 180 HIS HIS A . n 
A 1 64  TYR 64  181 181 TYR TYR A . n 
A 1 65  LYS 65  182 182 LYS LYS A . n 
A 1 66  ILE 66  183 183 ILE ILE A . n 
A 1 67  ARG 67  184 184 ARG ARG A . n 
A 1 68  ASN 68  185 185 ASN ASN A . n 
A 1 69  LEU 69  186 186 LEU LEU A . n 
A 1 70  ASP 70  187 187 ASP ASP A . n 
A 1 71  ASN 71  188 188 ASN ASN A . n 
A 1 72  GLY 72  189 189 GLY GLY A . n 
A 1 73  GLY 73  190 190 GLY GLY A . n 
A 1 74  PHE 74  191 191 PHE PHE A . n 
A 1 75  TYR 75  192 192 TYR TYR A . n 
A 1 76  ILE 76  193 193 ILE ILE A . n 
A 1 77  SER 77  194 194 SER SER A . n 
A 1 78  PRO 78  195 195 PRO PRO A . n 
A 1 79  ARG 79  196 196 ARG ARG A . n 
A 1 80  ILE 80  197 197 ILE ILE A . n 
A 1 81  THR 81  198 198 THR THR A . n 
A 1 82  PHE 82  199 199 PHE PHE A . n 
A 1 83  PRO 83  200 200 PRO PRO A . n 
A 1 84  GLY 84  201 201 GLY GLY A . n 
A 1 85  LEU 85  202 202 LEU LEU A . n 
A 1 86  HIS 86  203 203 HIS HIS A . n 
A 1 87  GLU 87  204 204 GLU GLU A . n 
A 1 88  LEU 88  205 205 LEU LEU A . n 
A 1 89  VAL 89  206 206 VAL VAL A . n 
A 1 90  ARG 90  207 207 ARG ARG A . n 
A 1 91  HIS 91  208 208 HIS HIS A . n 
A 1 92  TYR 92  209 209 TYR TYR A . n 
A 1 93  THR 93  210 210 THR THR A . n 
A 1 94  ASN 94  211 211 ASN ASN A . n 
A 1 95  ALA 95  212 212 ALA ALA A . n 
A 1 96  SER 96  213 213 SER SER A . n 
A 1 97  ASP 97  214 214 ASP ASP A . n 
A 1 98  GLY 98  215 215 GLY GLY A . n 
A 1 99  LEU 99  216 216 LEU LEU A . n 
A 1 100 CYS 100 217 217 CYS CYS A . n 
A 1 101 THR 101 218 218 THR THR A . n 
A 1 102 ARG 102 219 219 ARG ARG A . n 
A 1 103 LEU 103 220 220 LEU LEU A . n 
A 1 104 SER 104 221 221 SER SER A . n 
A 1 105 ARG 105 222 222 ARG ARG A . n 
A 1 106 PRO 106 223 223 PRO PRO A . n 
A 1 107 CYS 107 224 224 CYS CYS A . n 
A 1 108 GLN 108 225 225 GLN GLN A . n 
A 1 109 THR 109 226 226 THR THR A . n 
B 2 1   GLU 1   201 201 GLU GLU B . n 
B 2 2   PRO 2   202 202 PRO PRO B . n 
B 2 3   GLN 3   203 203 GLN GLN B . n 
B 2 4   PTR 4   204 204 PTR PTR B . n 
B 2 5   GLU 5   205 205 GLU GLU B . n 
B 2 6   GLU 6   206 206 GLU GLU B . n 
B 2 7   ILE 7   207 207 ILE ILE B . n 
B 2 8   PRO 8   208 208 PRO PRO B . n 
B 2 9   ILE 9   209 209 ILE ILE B . n 
B 2 10  TYR 10  210 210 TYR TYR B . n 
B 2 11  LEU 11  211 211 LEU LEU B . n 
# 
loop_
_pdbx_nonpoly_scheme.asym_id 
_pdbx_nonpoly_scheme.entity_id 
_pdbx_nonpoly_scheme.mon_id 
_pdbx_nonpoly_scheme.ndb_seq_num 
_pdbx_nonpoly_scheme.pdb_seq_num 
_pdbx_nonpoly_scheme.auth_seq_num 
_pdbx_nonpoly_scheme.pdb_mon_id 
_pdbx_nonpoly_scheme.auth_mon_id 
_pdbx_nonpoly_scheme.pdb_strand_id 
_pdbx_nonpoly_scheme.pdb_ins_code 
C 3 HOH 1  301 301 HOH HOH A . 
C 3 HOH 2  302 302 HOH HOH A . 
C 3 HOH 3  304 304 HOH HOH A . 
C 3 HOH 4  305 305 HOH HOH A . 
C 3 HOH 5  306 306 HOH HOH A . 
C 3 HOH 6  307 307 HOH HOH A . 
C 3 HOH 7  308 308 HOH HOH A . 
C 3 HOH 8  309 309 HOH HOH A . 
C 3 HOH 9  310 310 HOH HOH A . 
C 3 HOH 10 311 311 HOH HOH A . 
C 3 HOH 11 312 312 HOH HOH A . 
C 3 HOH 12 313 313 HOH HOH A . 
C 3 HOH 13 314 314 HOH HOH A . 
C 3 HOH 14 315 315 HOH HOH A . 
C 3 HOH 15 316 316 HOH HOH A . 
C 3 HOH 16 317 317 HOH HOH A . 
C 3 HOH 17 318 318 HOH HOH A . 
C 3 HOH 18 319 319 HOH HOH A . 
C 3 HOH 19 320 320 HOH HOH A . 
C 3 HOH 20 321 321 HOH HOH A . 
C 3 HOH 21 322 322 HOH HOH A . 
C 3 HOH 22 323 323 HOH HOH A . 
C 3 HOH 23 324 324 HOH HOH A . 
C 3 HOH 24 327 327 HOH HOH A . 
C 3 HOH 25 328 328 HOH HOH A . 
C 3 HOH 26 329 329 HOH HOH A . 
C 3 HOH 27 330 330 HOH HOH A . 
C 3 HOH 28 331 331 HOH HOH A . 
C 3 HOH 29 332 332 HOH HOH A . 
C 3 HOH 30 333 333 HOH HOH A . 
C 3 HOH 31 334 334 HOH HOH A . 
C 3 HOH 32 335 335 HOH HOH A . 
C 3 HOH 33 336 336 HOH HOH A . 
C 3 HOH 34 337 337 HOH HOH A . 
C 3 HOH 35 338 338 HOH HOH A . 
C 3 HOH 36 339 339 HOH HOH A . 
C 3 HOH 37 340 340 HOH HOH A . 
C 3 HOH 38 341 341 HOH HOH A . 
C 3 HOH 39 342 342 HOH HOH A . 
C 3 HOH 40 343 343 HOH HOH A . 
C 3 HOH 41 344 344 HOH HOH A . 
C 3 HOH 42 345 345 HOH HOH A . 
C 3 HOH 43 349 349 HOH HOH A . 
C 3 HOH 44 350 350 HOH HOH A . 
C 3 HOH 45 356 356 HOH HOH A . 
C 3 HOH 46 357 357 HOH HOH A . 
C 3 HOH 47 359 359 HOH HOH A . 
C 3 HOH 48 360 360 HOH HOH A . 
C 3 HOH 49 361 361 HOH HOH A . 
C 3 HOH 50 362 362 HOH HOH A . 
C 3 HOH 51 363 363 HOH HOH A . 
C 3 HOH 52 364 364 HOH HOH A . 
C 3 HOH 53 365 365 HOH HOH A . 
D 3 HOH 1  303 303 HOH HOH B . 
D 3 HOH 2  325 325 HOH HOH B . 
D 3 HOH 3  326 326 HOH HOH B . 
D 3 HOH 4  346 346 HOH HOH B . 
D 3 HOH 5  347 347 HOH HOH B . 
D 3 HOH 6  348 348 HOH HOH B . 
D 3 HOH 7  351 351 HOH HOH B . 
D 3 HOH 8  352 352 HOH HOH B . 
D 3 HOH 9  353 353 HOH HOH B . 
D 3 HOH 10 354 354 HOH HOH B . 
D 3 HOH 11 355 355 HOH HOH B . 
D 3 HOH 12 358 358 HOH HOH B . 
# 
loop_
_pdbx_unobs_or_zero_occ_atoms.id 
_pdbx_unobs_or_zero_occ_atoms.PDB_model_num 
_pdbx_unobs_or_zero_occ_atoms.polymer_flag 
_pdbx_unobs_or_zero_occ_atoms.occupancy_flag 
_pdbx_unobs_or_zero_occ_atoms.auth_asym_id 
_pdbx_unobs_or_zero_occ_atoms.auth_comp_id 
_pdbx_unobs_or_zero_occ_atoms.auth_seq_id 
_pdbx_unobs_or_zero_occ_atoms.PDB_ins_code 
_pdbx_unobs_or_zero_occ_atoms.auth_atom_id 
_pdbx_unobs_or_zero_occ_atoms.label_alt_id 
_pdbx_unobs_or_zero_occ_atoms.label_asym_id 
_pdbx_unobs_or_zero_occ_atoms.label_comp_id 
_pdbx_unobs_or_zero_occ_atoms.label_seq_id 
_pdbx_unobs_or_zero_occ_atoms.label_atom_id 
1 1 Y 1 A GLU 123 ? CG  ? A GLU 6 CG  
2 1 Y 1 A GLU 123 ? CD  ? A GLU 6 CD  
3 1 Y 1 A GLU 123 ? OE1 ? A GLU 6 OE1 
4 1 Y 1 A GLU 123 ? OE2 ? A GLU 6 OE2 
# 
loop_
_software.name 
_software.classification 
_software.version 
_software.citation_id 
_software.pdbx_ordinal 
X-PLOR 'model building' . ? 1 
X-PLOR refinement       . ? 2 
X-PLOR phasing          . ? 3 
# 
_cell.entry_id           1LCJ 
_cell.length_a           61.190 
_cell.length_b           57.310 
_cell.length_c           31.180 
_cell.angle_alpha        90.00 
_cell.angle_beta         90.00 
_cell.angle_gamma        90.00 
_cell.Z_PDB              4 
_cell.pdbx_unique_axis   ? 
_cell.length_a_esd       ? 
_cell.length_b_esd       ? 
_cell.length_c_esd       ? 
_cell.angle_alpha_esd    ? 
_cell.angle_beta_esd     ? 
_cell.angle_gamma_esd    ? 
# 
_symmetry.entry_id                         1LCJ 
_symmetry.space_group_name_H-M             'P 21 21 2' 
_symmetry.pdbx_full_space_group_name_H-M   ? 
_symmetry.cell_setting                     ? 
_symmetry.Int_Tables_number                18 
_symmetry.space_group_name_Hall            ? 
# 
_exptl.entry_id          1LCJ 
_exptl.method            'X-RAY DIFFRACTION' 
_exptl.crystals_number   ? 
# 
_exptl_crystal.id                    1 
_exptl_crystal.density_meas          ? 
_exptl_crystal.density_Matthews      1.98 
_exptl_crystal.density_percent_sol   37.95 
_exptl_crystal.description           ? 
_exptl_crystal.F_000                 ? 
_exptl_crystal.preparation           ? 
# 
_diffrn.id                     1 
_diffrn.ambient_temp           ? 
_diffrn.ambient_temp_details   ? 
_diffrn.crystal_id             1 
# 
_diffrn_radiation.diffrn_id                        1 
_diffrn_radiation.wavelength_id                    1 
_diffrn_radiation.pdbx_monochromatic_or_laue_m_l   ? 
_diffrn_radiation.monochromator                    ? 
_diffrn_radiation.pdbx_diffrn_protocol             ? 
_diffrn_radiation.pdbx_scattering_type             x-ray 
# 
_diffrn_radiation_wavelength.id           1 
_diffrn_radiation_wavelength.wavelength   . 
_diffrn_radiation_wavelength.wt           1.0 
# 
_refine.entry_id                                 1LCJ 
_refine.ls_number_reflns_obs                     ? 
_refine.ls_number_reflns_all                     ? 
_refine.pdbx_ls_sigma_I                          ? 
_refine.pdbx_ls_sigma_F                          ? 
_refine.pdbx_data_cutoff_high_absF               ? 
_refine.pdbx_data_cutoff_low_absF                ? 
_refine.pdbx_data_cutoff_high_rms_absF           ? 
_refine.ls_d_res_low                             ? 
_refine.ls_d_res_high                            1.8 
_refine.ls_percent_reflns_obs                    ? 
_refine.ls_R_factor_obs                          0.2080000 
_refine.ls_R_factor_all                          ? 
_refine.ls_R_factor_R_work                       0.2080000 
_refine.ls_R_factor_R_free                       ? 
_refine.ls_R_factor_R_free_error                 ? 
_refine.ls_R_factor_R_free_error_details         ? 
_refine.ls_percent_reflns_R_free                 ? 
_refine.ls_number_reflns_R_free                  ? 
_refine.ls_number_parameters                     ? 
_refine.ls_number_restraints                     ? 
_refine.occupancy_min                            ? 
_refine.occupancy_max                            ? 
_refine.B_iso_mean                               ? 
_refine.aniso_B[1][1]                            ? 
_refine.aniso_B[2][2]                            ? 
_refine.aniso_B[3][3]                            ? 
_refine.aniso_B[1][2]                            ? 
_refine.aniso_B[1][3]                            ? 
_refine.aniso_B[2][3]                            ? 
_refine.solvent_model_details                    ? 
_refine.solvent_model_param_ksol                 ? 
_refine.solvent_model_param_bsol                 ? 
_refine.pdbx_ls_cross_valid_method               ? 
_refine.details                                  ? 
_refine.pdbx_starting_model                      ? 
_refine.pdbx_method_to_determine_struct          ? 
_refine.pdbx_isotropic_thermal_model             ? 
_refine.pdbx_stereochemistry_target_values       ? 
_refine.pdbx_stereochem_target_val_spec_case     ? 
_refine.pdbx_R_Free_selection_details            ? 
_refine.pdbx_overall_ESU_R                       ? 
_refine.pdbx_overall_ESU_R_Free                  ? 
_refine.overall_SU_ML                            ? 
_refine.overall_SU_B                             ? 
_refine.pdbx_refine_id                           'X-RAY DIFFRACTION' 
_refine.ls_redundancy_reflns_obs                 ? 
_refine.pdbx_overall_phase_error                 ? 
_refine.B_iso_min                                ? 
_refine.B_iso_max                                ? 
_refine.correlation_coeff_Fo_to_Fc               ? 
_refine.correlation_coeff_Fo_to_Fc_free          ? 
_refine.pdbx_solvent_vdw_probe_radii             ? 
_refine.pdbx_solvent_ion_probe_radii             ? 
_refine.pdbx_solvent_shrinkage_radii             ? 
_refine.overall_SU_R_Cruickshank_DPI             ? 
_refine.overall_SU_R_free                        ? 
_refine.ls_wR_factor_R_free                      ? 
_refine.ls_wR_factor_R_work                      ? 
_refine.overall_FOM_free_R_set                   ? 
_refine.overall_FOM_work_R_set                   ? 
_refine.pdbx_diffrn_id                           1 
_refine.pdbx_TLS_residual_ADP_flag               ? 
_refine.pdbx_overall_SU_R_free_Cruickshank_DPI   ? 
_refine.pdbx_overall_SU_R_Blow_DPI               ? 
_refine.pdbx_overall_SU_R_free_Blow_DPI          ? 
# 
_refine_hist.pdbx_refine_id                   'X-RAY DIFFRACTION' 
_refine_hist.cycle_id                         LAST 
_refine_hist.pdbx_number_atoms_protein        937 
_refine_hist.pdbx_number_atoms_nucleic_acid   0 
_refine_hist.pdbx_number_atoms_ligand         0 
_refine_hist.number_atoms_solvent             65 
_refine_hist.number_atoms_total               1002 
_refine_hist.d_res_high                       1.8 
_refine_hist.d_res_low                        . 
# 
loop_
_refine_ls_restr.type 
_refine_ls_restr.dev_ideal 
_refine_ls_restr.dev_ideal_target 
_refine_ls_restr.weight 
_refine_ls_restr.number 
_refine_ls_restr.pdbx_refine_id 
_refine_ls_restr.pdbx_restraint_function 
x_bond_d                0.013 ? ? ? 'X-RAY DIFFRACTION' ? 
x_bond_d_na             ?     ? ? ? 'X-RAY DIFFRACTION' ? 
x_bond_d_prot           ?     ? ? ? 'X-RAY DIFFRACTION' ? 
x_angle_d               ?     ? ? ? 'X-RAY DIFFRACTION' ? 
x_angle_d_na            ?     ? ? ? 'X-RAY DIFFRACTION' ? 
x_angle_d_prot          ?     ? ? ? 'X-RAY DIFFRACTION' ? 
x_angle_deg             1.485 ? ? ? 'X-RAY DIFFRACTION' ? 
x_angle_deg_na          ?     ? ? ? 'X-RAY DIFFRACTION' ? 
x_angle_deg_prot        ?     ? ? ? 'X-RAY DIFFRACTION' ? 
x_dihedral_angle_d      ?     ? ? ? 'X-RAY DIFFRACTION' ? 
x_dihedral_angle_d_na   ?     ? ? ? 'X-RAY DIFFRACTION' ? 
x_dihedral_angle_d_prot ?     ? ? ? 'X-RAY DIFFRACTION' ? 
x_improper_angle_d      ?     ? ? ? 'X-RAY DIFFRACTION' ? 
x_improper_angle_d_na   ?     ? ? ? 'X-RAY DIFFRACTION' ? 
x_improper_angle_d_prot ?     ? ? ? 'X-RAY DIFFRACTION' ? 
x_mcbond_it             ?     ? ? ? 'X-RAY DIFFRACTION' ? 
x_mcangle_it            ?     ? ? ? 'X-RAY DIFFRACTION' ? 
x_scbond_it             ?     ? ? ? 'X-RAY DIFFRACTION' ? 
x_scangle_it            ?     ? ? ? 'X-RAY DIFFRACTION' ? 
# 
_struct.entry_id                  1LCJ 
_struct.title                     
'SH2 (SRC HOMOLOGY-2) DOMAIN OF HUMAN P56-LCK TYROSINE KINASE COMPLEXED WITH THE 11 RESIDUE PHOSPHOTYROSYL PEPTIDE EPQPYEEIPIYL' 
_struct.pdbx_model_details        ? 
_struct.pdbx_CASP_flag            ? 
_struct.pdbx_model_type_details   ? 
# 
_struct_keywords.entry_id        1LCJ 
_struct_keywords.pdbx_keywords   'COMPLEX (KINASE/PEPTIDE)' 
_struct_keywords.text            'COMPLEX (KINASE-PEPTIDE), COMPLEX (KINASE-PEPTIDE) complex' 
# 
loop_
_struct_asym.id 
_struct_asym.pdbx_blank_PDB_chainid_flag 
_struct_asym.pdbx_modified 
_struct_asym.entity_id 
_struct_asym.details 
A N N 1 ? 
B N N 2 ? 
C N N 3 ? 
D N N 3 ? 
# 
loop_
_struct_ref.id 
_struct_ref.db_name 
_struct_ref.db_code 
_struct_ref.pdbx_db_accession 
_struct_ref.entity_id 
_struct_ref.pdbx_align_begin 
_struct_ref.pdbx_seq_one_letter_code 
_struct_ref.pdbx_db_isoform 
1 UNP LCK_HUMAN  P06239 1 118 ? ? 
2 UNP TAMI_POVHA P03079 2 321 ? ? 
# 
loop_
_struct_ref_seq.align_id 
_struct_ref_seq.ref_id 
_struct_ref_seq.pdbx_PDB_id_code 
_struct_ref_seq.pdbx_strand_id 
_struct_ref_seq.seq_align_beg 
_struct_ref_seq.pdbx_seq_align_beg_ins_code 
_struct_ref_seq.seq_align_end 
_struct_ref_seq.pdbx_seq_align_end_ins_code 
_struct_ref_seq.pdbx_db_accession 
_struct_ref_seq.db_align_beg 
_struct_ref_seq.pdbx_db_align_beg_ins_code 
_struct_ref_seq.db_align_end 
_struct_ref_seq.pdbx_db_align_end_ins_code 
_struct_ref_seq.pdbx_auth_seq_align_beg 
_struct_ref_seq.pdbx_auth_seq_align_end 
1 1 1LCJ A 2 ? 109 ? P06239 118 ? 225 ? 119 226 
2 2 1LCJ B 1 ? 11  ? P03079 321 ? 331 ? 201 211 
# 
_pdbx_struct_assembly.id                   1 
_pdbx_struct_assembly.details              author_and_software_defined_assembly 
_pdbx_struct_assembly.method_details       PISA 
_pdbx_struct_assembly.oligomeric_details   dimeric 
_pdbx_struct_assembly.oligomeric_count     2 
# 
loop_
_pdbx_struct_assembly_prop.biol_id 
_pdbx_struct_assembly_prop.type 
_pdbx_struct_assembly_prop.value 
_pdbx_struct_assembly_prop.details 
1 'ABSA (A^2)' 1190 ? 
1 MORE         -7   ? 
1 'SSA (A^2)'  6890 ? 
# 
_pdbx_struct_assembly_gen.assembly_id       1 
_pdbx_struct_assembly_gen.oper_expression   1 
_pdbx_struct_assembly_gen.asym_id_list      A,B,C,D 
# 
_pdbx_struct_oper_list.id                   1 
_pdbx_struct_oper_list.type                 'identity operation' 
_pdbx_struct_oper_list.name                 1_555 
_pdbx_struct_oper_list.symmetry_operation   x,y,z 
_pdbx_struct_oper_list.matrix[1][1]         1.0000000000 
_pdbx_struct_oper_list.matrix[1][2]         0.0000000000 
_pdbx_struct_oper_list.matrix[1][3]         0.0000000000 
_pdbx_struct_oper_list.vector[1]            0.0000000000 
_pdbx_struct_oper_list.matrix[2][1]         0.0000000000 
_pdbx_struct_oper_list.matrix[2][2]         1.0000000000 
_pdbx_struct_oper_list.matrix[2][3]         0.0000000000 
_pdbx_struct_oper_list.vector[2]            0.0000000000 
_pdbx_struct_oper_list.matrix[3][1]         0.0000000000 
_pdbx_struct_oper_list.matrix[3][2]         0.0000000000 
_pdbx_struct_oper_list.matrix[3][3]         1.0000000000 
_pdbx_struct_oper_list.vector[3]            0.0000000000 
# 
_struct_biol.id        1 
_struct_biol.details   ? 
# 
loop_
_struct_conf.conf_type_id 
_struct_conf.id 
_struct_conf.pdbx_PDB_helix_id 
_struct_conf.beg_label_comp_id 
_struct_conf.beg_label_asym_id 
_struct_conf.beg_label_seq_id 
_struct_conf.pdbx_beg_PDB_ins_code 
_struct_conf.end_label_comp_id 
_struct_conf.end_label_asym_id 
_struct_conf.end_label_seq_id 
_struct_conf.pdbx_end_PDB_ins_code 
_struct_conf.beg_auth_comp_id 
_struct_conf.beg_auth_asym_id 
_struct_conf.beg_auth_seq_id 
_struct_conf.end_auth_comp_id 
_struct_conf.end_auth_asym_id 
_struct_conf.end_auth_seq_id 
_struct_conf.pdbx_PDB_helix_class 
_struct_conf.details 
_struct_conf.pdbx_PDB_helix_length 
HELX_P HELX_P1 1 ARG A 17 ? LEU A 24 ? ARG A 134 LEU A 141 1 ? 8  
HELX_P HELX_P2 2 LEU A 85 ? ASN A 94 ? LEU A 202 ASN A 211 1 ? 10 
# 
_struct_conf_type.id          HELX_P 
_struct_conf_type.criteria    ? 
_struct_conf_type.reference   ? 
# 
loop_
_struct_conn.id 
_struct_conn.conn_type_id 
_struct_conn.pdbx_leaving_atom_flag 
_struct_conn.pdbx_PDB_id 
_struct_conn.ptnr1_label_asym_id 
_struct_conn.ptnr1_label_comp_id 
_struct_conn.ptnr1_label_seq_id 
_struct_conn.ptnr1_label_atom_id 
_struct_conn.pdbx_ptnr1_label_alt_id 
_struct_conn.pdbx_ptnr1_PDB_ins_code 
_struct_conn.pdbx_ptnr1_standard_comp_id 
_struct_conn.ptnr1_symmetry 
_struct_conn.ptnr2_label_asym_id 
_struct_conn.ptnr2_label_comp_id 
_struct_conn.ptnr2_label_seq_id 
_struct_conn.ptnr2_label_atom_id 
_struct_conn.pdbx_ptnr2_label_alt_id 
_struct_conn.pdbx_ptnr2_PDB_ins_code 
_struct_conn.ptnr1_auth_asym_id 
_struct_conn.ptnr1_auth_comp_id 
_struct_conn.ptnr1_auth_seq_id 
_struct_conn.ptnr2_auth_asym_id 
_struct_conn.ptnr2_auth_comp_id 
_struct_conn.ptnr2_auth_seq_id 
_struct_conn.ptnr2_symmetry 
_struct_conn.pdbx_ptnr3_label_atom_id 
_struct_conn.pdbx_ptnr3_label_seq_id 
_struct_conn.pdbx_ptnr3_label_comp_id 
_struct_conn.pdbx_ptnr3_label_asym_id 
_struct_conn.pdbx_ptnr3_label_alt_id 
_struct_conn.pdbx_ptnr3_PDB_ins_code 
_struct_conn.details 
_struct_conn.pdbx_dist_value 
_struct_conn.pdbx_value_order 
_struct_conn.pdbx_role 
covale1 covale both ? B GLN 3 C ? ? ? 1_555 B PTR 4 N ? ? B GLN 203 B PTR 204 1_555 ? ? ? ? ? ? ? 1.334 ? ? 
covale2 covale both ? B PTR 4 C ? ? ? 1_555 B GLU 5 N ? ? B PTR 204 B GLU 205 1_555 ? ? ? ? ? ? ? 1.328 ? ? 
# 
_struct_conn_type.id          covale 
_struct_conn_type.criteria    ? 
_struct_conn_type.reference   ? 
# 
_pdbx_modification_feature.ordinal                            1 
_pdbx_modification_feature.label_comp_id                      PTR 
_pdbx_modification_feature.label_asym_id                      B 
_pdbx_modification_feature.label_seq_id                       4 
_pdbx_modification_feature.label_alt_id                       ? 
_pdbx_modification_feature.modified_residue_label_comp_id     . 
_pdbx_modification_feature.modified_residue_label_asym_id     . 
_pdbx_modification_feature.modified_residue_label_seq_id      . 
_pdbx_modification_feature.modified_residue_label_alt_id      . 
_pdbx_modification_feature.auth_comp_id                       PTR 
_pdbx_modification_feature.auth_asym_id                       B 
_pdbx_modification_feature.auth_seq_id                        204 
_pdbx_modification_feature.PDB_ins_code                       ? 
_pdbx_modification_feature.symmetry                           1_555 
_pdbx_modification_feature.modified_residue_auth_comp_id      . 
_pdbx_modification_feature.modified_residue_auth_asym_id      . 
_pdbx_modification_feature.modified_residue_auth_seq_id       . 
_pdbx_modification_feature.modified_residue_PDB_ins_code      . 
_pdbx_modification_feature.modified_residue_symmetry          . 
_pdbx_modification_feature.comp_id_linking_atom               . 
_pdbx_modification_feature.modified_residue_id_linking_atom   . 
_pdbx_modification_feature.modified_residue_id                TYR 
_pdbx_modification_feature.ref_pcm_id                         1 
_pdbx_modification_feature.ref_comp_id                        PTR 
_pdbx_modification_feature.type                               Phosphorylation 
_pdbx_modification_feature.category                           'Named protein modification' 
# 
loop_
_struct_sheet.id 
_struct_sheet.type 
_struct_sheet.number_strands 
_struct_sheet.details 
A ? 3 ? 
B ? 2 ? 
# 
loop_
_struct_sheet_order.sheet_id 
_struct_sheet_order.range_id_1 
_struct_sheet_order.range_id_2 
_struct_sheet_order.offset 
_struct_sheet_order.sense 
A 1 2 ? anti-parallel 
A 2 3 ? anti-parallel 
B 1 2 ? anti-parallel 
# 
loop_
_struct_sheet_range.sheet_id 
_struct_sheet_range.id 
_struct_sheet_range.beg_label_comp_id 
_struct_sheet_range.beg_label_asym_id 
_struct_sheet_range.beg_label_seq_id 
_struct_sheet_range.pdbx_beg_PDB_ins_code 
_struct_sheet_range.end_label_comp_id 
_struct_sheet_range.end_label_asym_id 
_struct_sheet_range.end_label_seq_id 
_struct_sheet_range.pdbx_end_PDB_ins_code 
_struct_sheet_range.beg_auth_comp_id 
_struct_sheet_range.beg_auth_asym_id 
_struct_sheet_range.beg_auth_seq_id 
_struct_sheet_range.end_auth_comp_id 
_struct_sheet_range.end_auth_asym_id 
_struct_sheet_range.end_auth_seq_id 
A 1 PHE A 34 ? GLU A 38 ? PHE A 151 GLU A 155 
A 2 PHE A 46 ? ASP A 54 ? PHE A 163 ASP A 171 
A 3 GLY A 58 ? ILE A 66 ? GLY A 175 ILE A 183 
B 1 ARG A 67 ? LEU A 69 ? ARG A 184 LEU A 186 
B 2 GLY A 73 ? TYR A 75 ? GLY A 190 TYR A 192 
# 
loop_
_pdbx_struct_sheet_hbond.sheet_id 
_pdbx_struct_sheet_hbond.range_id_1 
_pdbx_struct_sheet_hbond.range_id_2 
_pdbx_struct_sheet_hbond.range_1_label_atom_id 
_pdbx_struct_sheet_hbond.range_1_label_comp_id 
_pdbx_struct_sheet_hbond.range_1_label_asym_id 
_pdbx_struct_sheet_hbond.range_1_label_seq_id 
_pdbx_struct_sheet_hbond.range_1_PDB_ins_code 
_pdbx_struct_sheet_hbond.range_1_auth_atom_id 
_pdbx_struct_sheet_hbond.range_1_auth_comp_id 
_pdbx_struct_sheet_hbond.range_1_auth_asym_id 
_pdbx_struct_sheet_hbond.range_1_auth_seq_id 
_pdbx_struct_sheet_hbond.range_2_label_atom_id 
_pdbx_struct_sheet_hbond.range_2_label_comp_id 
_pdbx_struct_sheet_hbond.range_2_label_asym_id 
_pdbx_struct_sheet_hbond.range_2_label_seq_id 
_pdbx_struct_sheet_hbond.range_2_PDB_ins_code 
_pdbx_struct_sheet_hbond.range_2_auth_atom_id 
_pdbx_struct_sheet_hbond.range_2_auth_comp_id 
_pdbx_struct_sheet_hbond.range_2_auth_asym_id 
_pdbx_struct_sheet_hbond.range_2_auth_seq_id 
A 1 2 O LEU A 35 ? O LEU A 152 N SER A 49 ? N SER A 166 
A 2 3 O PHE A 46 ? O PHE A 163 N ILE A 66 ? N ILE A 183 
B 1 2 O ARG A 67 ? O ARG A 184 N TYR A 75 ? N TYR A 192 
# 
_pdbx_entry_details.entry_id                   1LCJ 
_pdbx_entry_details.compound_details           ? 
_pdbx_entry_details.source_details             ? 
_pdbx_entry_details.nonpolymer_details         ? 
_pdbx_entry_details.sequence_details           ? 
_pdbx_entry_details.has_ligand_of_interest     ? 
_pdbx_entry_details.has_protein_modification   Y 
# 
loop_
_pdbx_validate_torsion.id 
_pdbx_validate_torsion.PDB_model_num 
_pdbx_validate_torsion.auth_comp_id 
_pdbx_validate_torsion.auth_asym_id 
_pdbx_validate_torsion.auth_seq_id 
_pdbx_validate_torsion.PDB_ins_code 
_pdbx_validate_torsion.label_alt_id 
_pdbx_validate_torsion.phi 
_pdbx_validate_torsion.psi 
1 1 PRO A 124 ? ? -54.44  103.55  
2 1 THR A 147 ? ? -142.41 -158.65 
3 1 ASN A 188 ? ? 61.40   -106.83 
4 1 SER A 221 ? ? -106.87 -78.92  
5 1 CYS A 224 ? ? -38.08  118.96  
# 
_pdbx_validate_peptide_omega.id               1 
_pdbx_validate_peptide_omega.PDB_model_num    1 
_pdbx_validate_peptide_omega.auth_comp_id_1   GLU 
_pdbx_validate_peptide_omega.auth_asym_id_1   A 
_pdbx_validate_peptide_omega.auth_seq_id_1    123 
_pdbx_validate_peptide_omega.PDB_ins_code_1   ? 
_pdbx_validate_peptide_omega.label_alt_id_1   ? 
_pdbx_validate_peptide_omega.auth_comp_id_2   PRO 
_pdbx_validate_peptide_omega.auth_asym_id_2   A 
_pdbx_validate_peptide_omega.auth_seq_id_2    124 
_pdbx_validate_peptide_omega.PDB_ins_code_2   ? 
_pdbx_validate_peptide_omega.label_alt_id_2   ? 
_pdbx_validate_peptide_omega.omega            114.65 
# 
loop_
_pdbx_validate_planes.id 
_pdbx_validate_planes.PDB_model_num 
_pdbx_validate_planes.auth_comp_id 
_pdbx_validate_planes.auth_asym_id 
_pdbx_validate_planes.auth_seq_id 
_pdbx_validate_planes.PDB_ins_code 
_pdbx_validate_planes.label_alt_id 
_pdbx_validate_planes.rmsd 
_pdbx_validate_planes.type 
1 1 ARG A 139 ? ? 0.120 'SIDE CHAIN' 
2 1 ARG A 154 ? ? 0.177 'SIDE CHAIN' 
3 1 ARG A 168 ? ? 0.225 'SIDE CHAIN' 
4 1 ARG A 184 ? ? 0.193 'SIDE CHAIN' 
5 1 ARG A 196 ? ? 0.258 'SIDE CHAIN' 
6 1 ARG A 207 ? ? 0.111 'SIDE CHAIN' 
7 1 ARG A 219 ? ? 0.250 'SIDE CHAIN' 
8 1 ARG A 222 ? ? 0.108 'SIDE CHAIN' 
# 
_pdbx_struct_mod_residue.id               1 
_pdbx_struct_mod_residue.label_asym_id    B 
_pdbx_struct_mod_residue.label_comp_id    PTR 
_pdbx_struct_mod_residue.label_seq_id     4 
_pdbx_struct_mod_residue.auth_asym_id     B 
_pdbx_struct_mod_residue.auth_comp_id     PTR 
_pdbx_struct_mod_residue.auth_seq_id      204 
_pdbx_struct_mod_residue.PDB_ins_code     ? 
_pdbx_struct_mod_residue.parent_comp_id   TYR 
_pdbx_struct_mod_residue.details          O-PHOSPHOTYROSINE 
# 
loop_
_pdbx_unobs_or_zero_occ_residues.id 
_pdbx_unobs_or_zero_occ_residues.PDB_model_num 
_pdbx_unobs_or_zero_occ_residues.polymer_flag 
_pdbx_unobs_or_zero_occ_residues.occupancy_flag 
_pdbx_unobs_or_zero_occ_residues.auth_asym_id 
_pdbx_unobs_or_zero_occ_residues.auth_comp_id 
_pdbx_unobs_or_zero_occ_residues.auth_seq_id 
_pdbx_unobs_or_zero_occ_residues.PDB_ins_code 
_pdbx_unobs_or_zero_occ_residues.label_asym_id 
_pdbx_unobs_or_zero_occ_residues.label_comp_id 
_pdbx_unobs_or_zero_occ_residues.label_seq_id 
1 1 Y 1 A MET 118 ? A MET 1 
2 1 Y 1 A ALA 119 ? A ALA 2 
3 1 Y 1 A ASN 120 ? A ASN 3 
4 1 Y 1 A SER 121 ? A SER 4 
5 1 Y 1 A LEU 122 ? A LEU 5 
# 
loop_
_chem_comp_atom.comp_id 
_chem_comp_atom.atom_id 
_chem_comp_atom.type_symbol 
_chem_comp_atom.pdbx_aromatic_flag 
_chem_comp_atom.pdbx_stereo_config 
_chem_comp_atom.pdbx_ordinal 
ALA N    N N N 1   
ALA CA   C N S 2   
ALA C    C N N 3   
ALA O    O N N 4   
ALA CB   C N N 5   
ALA OXT  O N N 6   
ALA H    H N N 7   
ALA H2   H N N 8   
ALA HA   H N N 9   
ALA HB1  H N N 10  
ALA HB2  H N N 11  
ALA HB3  H N N 12  
ALA HXT  H N N 13  
ARG N    N N N 14  
ARG CA   C N S 15  
ARG C    C N N 16  
ARG O    O N N 17  
ARG CB   C N N 18  
ARG CG   C N N 19  
ARG CD   C N N 20  
ARG NE   N N N 21  
ARG CZ   C N N 22  
ARG NH1  N N N 23  
ARG NH2  N N N 24  
ARG OXT  O N N 25  
ARG H    H N N 26  
ARG H2   H N N 27  
ARG HA   H N N 28  
ARG HB2  H N N 29  
ARG HB3  H N N 30  
ARG HG2  H N N 31  
ARG HG3  H N N 32  
ARG HD2  H N N 33  
ARG HD3  H N N 34  
ARG HE   H N N 35  
ARG HH11 H N N 36  
ARG HH12 H N N 37  
ARG HH21 H N N 38  
ARG HH22 H N N 39  
ARG HXT  H N N 40  
ASN N    N N N 41  
ASN CA   C N S 42  
ASN C    C N N 43  
ASN O    O N N 44  
ASN CB   C N N 45  
ASN CG   C N N 46  
ASN OD1  O N N 47  
ASN ND2  N N N 48  
ASN OXT  O N N 49  
ASN H    H N N 50  
ASN H2   H N N 51  
ASN HA   H N N 52  
ASN HB2  H N N 53  
ASN HB3  H N N 54  
ASN HD21 H N N 55  
ASN HD22 H N N 56  
ASN HXT  H N N 57  
ASP N    N N N 58  
ASP CA   C N S 59  
ASP C    C N N 60  
ASP O    O N N 61  
ASP CB   C N N 62  
ASP CG   C N N 63  
ASP OD1  O N N 64  
ASP OD2  O N N 65  
ASP OXT  O N N 66  
ASP H    H N N 67  
ASP H2   H N N 68  
ASP HA   H N N 69  
ASP HB2  H N N 70  
ASP HB3  H N N 71  
ASP HD2  H N N 72  
ASP HXT  H N N 73  
CYS N    N N N 74  
CYS CA   C N R 75  
CYS C    C N N 76  
CYS O    O N N 77  
CYS CB   C N N 78  
CYS SG   S N N 79  
CYS OXT  O N N 80  
CYS H    H N N 81  
CYS H2   H N N 82  
CYS HA   H N N 83  
CYS HB2  H N N 84  
CYS HB3  H N N 85  
CYS HG   H N N 86  
CYS HXT  H N N 87  
GLN N    N N N 88  
GLN CA   C N S 89  
GLN C    C N N 90  
GLN O    O N N 91  
GLN CB   C N N 92  
GLN CG   C N N 93  
GLN CD   C N N 94  
GLN OE1  O N N 95  
GLN NE2  N N N 96  
GLN OXT  O N N 97  
GLN H    H N N 98  
GLN H2   H N N 99  
GLN HA   H N N 100 
GLN HB2  H N N 101 
GLN HB3  H N N 102 
GLN HG2  H N N 103 
GLN HG3  H N N 104 
GLN HE21 H N N 105 
GLN HE22 H N N 106 
GLN HXT  H N N 107 
GLU N    N N N 108 
GLU CA   C N S 109 
GLU C    C N N 110 
GLU O    O N N 111 
GLU CB   C N N 112 
GLU CG   C N N 113 
GLU CD   C N N 114 
GLU OE1  O N N 115 
GLU OE2  O N N 116 
GLU OXT  O N N 117 
GLU H    H N N 118 
GLU H2   H N N 119 
GLU HA   H N N 120 
GLU HB2  H N N 121 
GLU HB3  H N N 122 
GLU HG2  H N N 123 
GLU HG3  H N N 124 
GLU HE2  H N N 125 
GLU HXT  H N N 126 
GLY N    N N N 127 
GLY CA   C N N 128 
GLY C    C N N 129 
GLY O    O N N 130 
GLY OXT  O N N 131 
GLY H    H N N 132 
GLY H2   H N N 133 
GLY HA2  H N N 134 
GLY HA3  H N N 135 
GLY HXT  H N N 136 
HIS N    N N N 137 
HIS CA   C N S 138 
HIS C    C N N 139 
HIS O    O N N 140 
HIS CB   C N N 141 
HIS CG   C Y N 142 
HIS ND1  N Y N 143 
HIS CD2  C Y N 144 
HIS CE1  C Y N 145 
HIS NE2  N Y N 146 
HIS OXT  O N N 147 
HIS H    H N N 148 
HIS H2   H N N 149 
HIS HA   H N N 150 
HIS HB2  H N N 151 
HIS HB3  H N N 152 
HIS HD1  H N N 153 
HIS HD2  H N N 154 
HIS HE1  H N N 155 
HIS HE2  H N N 156 
HIS HXT  H N N 157 
HOH O    O N N 158 
HOH H1   H N N 159 
HOH H2   H N N 160 
ILE N    N N N 161 
ILE CA   C N S 162 
ILE C    C N N 163 
ILE O    O N N 164 
ILE CB   C N S 165 
ILE CG1  C N N 166 
ILE CG2  C N N 167 
ILE CD1  C N N 168 
ILE OXT  O N N 169 
ILE H    H N N 170 
ILE H2   H N N 171 
ILE HA   H N N 172 
ILE HB   H N N 173 
ILE HG12 H N N 174 
ILE HG13 H N N 175 
ILE HG21 H N N 176 
ILE HG22 H N N 177 
ILE HG23 H N N 178 
ILE HD11 H N N 179 
ILE HD12 H N N 180 
ILE HD13 H N N 181 
ILE HXT  H N N 182 
LEU N    N N N 183 
LEU CA   C N S 184 
LEU C    C N N 185 
LEU O    O N N 186 
LEU CB   C N N 187 
LEU CG   C N N 188 
LEU CD1  C N N 189 
LEU CD2  C N N 190 
LEU OXT  O N N 191 
LEU H    H N N 192 
LEU H2   H N N 193 
LEU HA   H N N 194 
LEU HB2  H N N 195 
LEU HB3  H N N 196 
LEU HG   H N N 197 
LEU HD11 H N N 198 
LEU HD12 H N N 199 
LEU HD13 H N N 200 
LEU HD21 H N N 201 
LEU HD22 H N N 202 
LEU HD23 H N N 203 
LEU HXT  H N N 204 
LYS N    N N N 205 
LYS CA   C N S 206 
LYS C    C N N 207 
LYS O    O N N 208 
LYS CB   C N N 209 
LYS CG   C N N 210 
LYS CD   C N N 211 
LYS CE   C N N 212 
LYS NZ   N N N 213 
LYS OXT  O N N 214 
LYS H    H N N 215 
LYS H2   H N N 216 
LYS HA   H N N 217 
LYS HB2  H N N 218 
LYS HB3  H N N 219 
LYS HG2  H N N 220 
LYS HG3  H N N 221 
LYS HD2  H N N 222 
LYS HD3  H N N 223 
LYS HE2  H N N 224 
LYS HE3  H N N 225 
LYS HZ1  H N N 226 
LYS HZ2  H N N 227 
LYS HZ3  H N N 228 
LYS HXT  H N N 229 
MET N    N N N 230 
MET CA   C N S 231 
MET C    C N N 232 
MET O    O N N 233 
MET CB   C N N 234 
MET CG   C N N 235 
MET SD   S N N 236 
MET CE   C N N 237 
MET OXT  O N N 238 
MET H    H N N 239 
MET H2   H N N 240 
MET HA   H N N 241 
MET HB2  H N N 242 
MET HB3  H N N 243 
MET HG2  H N N 244 
MET HG3  H N N 245 
MET HE1  H N N 246 
MET HE2  H N N 247 
MET HE3  H N N 248 
MET HXT  H N N 249 
PHE N    N N N 250 
PHE CA   C N S 251 
PHE C    C N N 252 
PHE O    O N N 253 
PHE CB   C N N 254 
PHE CG   C Y N 255 
PHE CD1  C Y N 256 
PHE CD2  C Y N 257 
PHE CE1  C Y N 258 
PHE CE2  C Y N 259 
PHE CZ   C Y N 260 
PHE OXT  O N N 261 
PHE H    H N N 262 
PHE H2   H N N 263 
PHE HA   H N N 264 
PHE HB2  H N N 265 
PHE HB3  H N N 266 
PHE HD1  H N N 267 
PHE HD2  H N N 268 
PHE HE1  H N N 269 
PHE HE2  H N N 270 
PHE HZ   H N N 271 
PHE HXT  H N N 272 
PRO N    N N N 273 
PRO CA   C N S 274 
PRO C    C N N 275 
PRO O    O N N 276 
PRO CB   C N N 277 
PRO CG   C N N 278 
PRO CD   C N N 279 
PRO OXT  O N N 280 
PRO H    H N N 281 
PRO HA   H N N 282 
PRO HB2  H N N 283 
PRO HB3  H N N 284 
PRO HG2  H N N 285 
PRO HG3  H N N 286 
PRO HD2  H N N 287 
PRO HD3  H N N 288 
PRO HXT  H N N 289 
PTR N    N N N 290 
PTR CA   C N S 291 
PTR C    C N N 292 
PTR O    O N N 293 
PTR OXT  O N N 294 
PTR CB   C N N 295 
PTR CG   C Y N 296 
PTR CD1  C Y N 297 
PTR CD2  C Y N 298 
PTR CE1  C Y N 299 
PTR CE2  C Y N 300 
PTR CZ   C Y N 301 
PTR OH   O N N 302 
PTR P    P N N 303 
PTR O1P  O N N 304 
PTR O2P  O N N 305 
PTR O3P  O N N 306 
PTR H    H N N 307 
PTR H2   H N N 308 
PTR HA   H N N 309 
PTR HXT  H N N 310 
PTR HB2  H N N 311 
PTR HB3  H N N 312 
PTR HD1  H N N 313 
PTR HD2  H N N 314 
PTR HE1  H N N 315 
PTR HE2  H N N 316 
PTR HO2P H N N 317 
PTR HO3P H N N 318 
SER N    N N N 319 
SER CA   C N S 320 
SER C    C N N 321 
SER O    O N N 322 
SER CB   C N N 323 
SER OG   O N N 324 
SER OXT  O N N 325 
SER H    H N N 326 
SER H2   H N N 327 
SER HA   H N N 328 
SER HB2  H N N 329 
SER HB3  H N N 330 
SER HG   H N N 331 
SER HXT  H N N 332 
THR N    N N N 333 
THR CA   C N S 334 
THR C    C N N 335 
THR O    O N N 336 
THR CB   C N R 337 
THR OG1  O N N 338 
THR CG2  C N N 339 
THR OXT  O N N 340 
THR H    H N N 341 
THR H2   H N N 342 
THR HA   H N N 343 
THR HB   H N N 344 
THR HG1  H N N 345 
THR HG21 H N N 346 
THR HG22 H N N 347 
THR HG23 H N N 348 
THR HXT  H N N 349 
TRP N    N N N 350 
TRP CA   C N S 351 
TRP C    C N N 352 
TRP O    O N N 353 
TRP CB   C N N 354 
TRP CG   C Y N 355 
TRP CD1  C Y N 356 
TRP CD2  C Y N 357 
TRP NE1  N Y N 358 
TRP CE2  C Y N 359 
TRP CE3  C Y N 360 
TRP CZ2  C Y N 361 
TRP CZ3  C Y N 362 
TRP CH2  C Y N 363 
TRP OXT  O N N 364 
TRP H    H N N 365 
TRP H2   H N N 366 
TRP HA   H N N 367 
TRP HB2  H N N 368 
TRP HB3  H N N 369 
TRP HD1  H N N 370 
TRP HE1  H N N 371 
TRP HE3  H N N 372 
TRP HZ2  H N N 373 
TRP HZ3  H N N 374 
TRP HH2  H N N 375 
TRP HXT  H N N 376 
TYR N    N N N 377 
TYR CA   C N S 378 
TYR C    C N N 379 
TYR O    O N N 380 
TYR CB   C N N 381 
TYR CG   C Y N 382 
TYR CD1  C Y N 383 
TYR CD2  C Y N 384 
TYR CE1  C Y N 385 
TYR CE2  C Y N 386 
TYR CZ   C Y N 387 
TYR OH   O N N 388 
TYR OXT  O N N 389 
TYR H    H N N 390 
TYR H2   H N N 391 
TYR HA   H N N 392 
TYR HB2  H N N 393 
TYR HB3  H N N 394 
TYR HD1  H N N 395 
TYR HD2  H N N 396 
TYR HE1  H N N 397 
TYR HE2  H N N 398 
TYR HH   H N N 399 
TYR HXT  H N N 400 
VAL N    N N N 401 
VAL CA   C N S 402 
VAL C    C N N 403 
VAL O    O N N 404 
VAL CB   C N N 405 
VAL CG1  C N N 406 
VAL CG2  C N N 407 
VAL OXT  O N N 408 
VAL H    H N N 409 
VAL H2   H N N 410 
VAL HA   H N N 411 
VAL HB   H N N 412 
VAL HG11 H N N 413 
VAL HG12 H N N 414 
VAL HG13 H N N 415 
VAL HG21 H N N 416 
VAL HG22 H N N 417 
VAL HG23 H N N 418 
VAL HXT  H N N 419 
# 
loop_
_chem_comp_bond.comp_id 
_chem_comp_bond.atom_id_1 
_chem_comp_bond.atom_id_2 
_chem_comp_bond.value_order 
_chem_comp_bond.pdbx_aromatic_flag 
_chem_comp_bond.pdbx_stereo_config 
_chem_comp_bond.pdbx_ordinal 
ALA N   CA   sing N N 1   
ALA N   H    sing N N 2   
ALA N   H2   sing N N 3   
ALA CA  C    sing N N 4   
ALA CA  CB   sing N N 5   
ALA CA  HA   sing N N 6   
ALA C   O    doub N N 7   
ALA C   OXT  sing N N 8   
ALA CB  HB1  sing N N 9   
ALA CB  HB2  sing N N 10  
ALA CB  HB3  sing N N 11  
ALA OXT HXT  sing N N 12  
ARG N   CA   sing N N 13  
ARG N   H    sing N N 14  
ARG N   H2   sing N N 15  
ARG CA  C    sing N N 16  
ARG CA  CB   sing N N 17  
ARG CA  HA   sing N N 18  
ARG C   O    doub N N 19  
ARG C   OXT  sing N N 20  
ARG CB  CG   sing N N 21  
ARG CB  HB2  sing N N 22  
ARG CB  HB3  sing N N 23  
ARG CG  CD   sing N N 24  
ARG CG  HG2  sing N N 25  
ARG CG  HG3  sing N N 26  
ARG CD  NE   sing N N 27  
ARG CD  HD2  sing N N 28  
ARG CD  HD3  sing N N 29  
ARG NE  CZ   sing N N 30  
ARG NE  HE   sing N N 31  
ARG CZ  NH1  sing N N 32  
ARG CZ  NH2  doub N N 33  
ARG NH1 HH11 sing N N 34  
ARG NH1 HH12 sing N N 35  
ARG NH2 HH21 sing N N 36  
ARG NH2 HH22 sing N N 37  
ARG OXT HXT  sing N N 38  
ASN N   CA   sing N N 39  
ASN N   H    sing N N 40  
ASN N   H2   sing N N 41  
ASN CA  C    sing N N 42  
ASN CA  CB   sing N N 43  
ASN CA  HA   sing N N 44  
ASN C   O    doub N N 45  
ASN C   OXT  sing N N 46  
ASN CB  CG   sing N N 47  
ASN CB  HB2  sing N N 48  
ASN CB  HB3  sing N N 49  
ASN CG  OD1  doub N N 50  
ASN CG  ND2  sing N N 51  
ASN ND2 HD21 sing N N 52  
ASN ND2 HD22 sing N N 53  
ASN OXT HXT  sing N N 54  
ASP N   CA   sing N N 55  
ASP N   H    sing N N 56  
ASP N   H2   sing N N 57  
ASP CA  C    sing N N 58  
ASP CA  CB   sing N N 59  
ASP CA  HA   sing N N 60  
ASP C   O    doub N N 61  
ASP C   OXT  sing N N 62  
ASP CB  CG   sing N N 63  
ASP CB  HB2  sing N N 64  
ASP CB  HB3  sing N N 65  
ASP CG  OD1  doub N N 66  
ASP CG  OD2  sing N N 67  
ASP OD2 HD2  sing N N 68  
ASP OXT HXT  sing N N 69  
CYS N   CA   sing N N 70  
CYS N   H    sing N N 71  
CYS N   H2   sing N N 72  
CYS CA  C    sing N N 73  
CYS CA  CB   sing N N 74  
CYS CA  HA   sing N N 75  
CYS C   O    doub N N 76  
CYS C   OXT  sing N N 77  
CYS CB  SG   sing N N 78  
CYS CB  HB2  sing N N 79  
CYS CB  HB3  sing N N 80  
CYS SG  HG   sing N N 81  
CYS OXT HXT  sing N N 82  
GLN N   CA   sing N N 83  
GLN N   H    sing N N 84  
GLN N   H2   sing N N 85  
GLN CA  C    sing N N 86  
GLN CA  CB   sing N N 87  
GLN CA  HA   sing N N 88  
GLN C   O    doub N N 89  
GLN C   OXT  sing N N 90  
GLN CB  CG   sing N N 91  
GLN CB  HB2  sing N N 92  
GLN CB  HB3  sing N N 93  
GLN CG  CD   sing N N 94  
GLN CG  HG2  sing N N 95  
GLN CG  HG3  sing N N 96  
GLN CD  OE1  doub N N 97  
GLN CD  NE2  sing N N 98  
GLN NE2 HE21 sing N N 99  
GLN NE2 HE22 sing N N 100 
GLN OXT HXT  sing N N 101 
GLU N   CA   sing N N 102 
GLU N   H    sing N N 103 
GLU N   H2   sing N N 104 
GLU CA  C    sing N N 105 
GLU CA  CB   sing N N 106 
GLU CA  HA   sing N N 107 
GLU C   O    doub N N 108 
GLU C   OXT  sing N N 109 
GLU CB  CG   sing N N 110 
GLU CB  HB2  sing N N 111 
GLU CB  HB3  sing N N 112 
GLU CG  CD   sing N N 113 
GLU CG  HG2  sing N N 114 
GLU CG  HG3  sing N N 115 
GLU CD  OE1  doub N N 116 
GLU CD  OE2  sing N N 117 
GLU OE2 HE2  sing N N 118 
GLU OXT HXT  sing N N 119 
GLY N   CA   sing N N 120 
GLY N   H    sing N N 121 
GLY N   H2   sing N N 122 
GLY CA  C    sing N N 123 
GLY CA  HA2  sing N N 124 
GLY CA  HA3  sing N N 125 
GLY C   O    doub N N 126 
GLY C   OXT  sing N N 127 
GLY OXT HXT  sing N N 128 
HIS N   CA   sing N N 129 
HIS N   H    sing N N 130 
HIS N   H2   sing N N 131 
HIS CA  C    sing N N 132 
HIS CA  CB   sing N N 133 
HIS CA  HA   sing N N 134 
HIS C   O    doub N N 135 
HIS C   OXT  sing N N 136 
HIS CB  CG   sing N N 137 
HIS CB  HB2  sing N N 138 
HIS CB  HB3  sing N N 139 
HIS CG  ND1  sing Y N 140 
HIS CG  CD2  doub Y N 141 
HIS ND1 CE1  doub Y N 142 
HIS ND1 HD1  sing N N 143 
HIS CD2 NE2  sing Y N 144 
HIS CD2 HD2  sing N N 145 
HIS CE1 NE2  sing Y N 146 
HIS CE1 HE1  sing N N 147 
HIS NE2 HE2  sing N N 148 
HIS OXT HXT  sing N N 149 
HOH O   H1   sing N N 150 
HOH O   H2   sing N N 151 
ILE N   CA   sing N N 152 
ILE N   H    sing N N 153 
ILE N   H2   sing N N 154 
ILE CA  C    sing N N 155 
ILE CA  CB   sing N N 156 
ILE CA  HA   sing N N 157 
ILE C   O    doub N N 158 
ILE C   OXT  sing N N 159 
ILE CB  CG1  sing N N 160 
ILE CB  CG2  sing N N 161 
ILE CB  HB   sing N N 162 
ILE CG1 CD1  sing N N 163 
ILE CG1 HG12 sing N N 164 
ILE CG1 HG13 sing N N 165 
ILE CG2 HG21 sing N N 166 
ILE CG2 HG22 sing N N 167 
ILE CG2 HG23 sing N N 168 
ILE CD1 HD11 sing N N 169 
ILE CD1 HD12 sing N N 170 
ILE CD1 HD13 sing N N 171 
ILE OXT HXT  sing N N 172 
LEU N   CA   sing N N 173 
LEU N   H    sing N N 174 
LEU N   H2   sing N N 175 
LEU CA  C    sing N N 176 
LEU CA  CB   sing N N 177 
LEU CA  HA   sing N N 178 
LEU C   O    doub N N 179 
LEU C   OXT  sing N N 180 
LEU CB  CG   sing N N 181 
LEU CB  HB2  sing N N 182 
LEU CB  HB3  sing N N 183 
LEU CG  CD1  sing N N 184 
LEU CG  CD2  sing N N 185 
LEU CG  HG   sing N N 186 
LEU CD1 HD11 sing N N 187 
LEU CD1 HD12 sing N N 188 
LEU CD1 HD13 sing N N 189 
LEU CD2 HD21 sing N N 190 
LEU CD2 HD22 sing N N 191 
LEU CD2 HD23 sing N N 192 
LEU OXT HXT  sing N N 193 
LYS N   CA   sing N N 194 
LYS N   H    sing N N 195 
LYS N   H2   sing N N 196 
LYS CA  C    sing N N 197 
LYS CA  CB   sing N N 198 
LYS CA  HA   sing N N 199 
LYS C   O    doub N N 200 
LYS C   OXT  sing N N 201 
LYS CB  CG   sing N N 202 
LYS CB  HB2  sing N N 203 
LYS CB  HB3  sing N N 204 
LYS CG  CD   sing N N 205 
LYS CG  HG2  sing N N 206 
LYS CG  HG3  sing N N 207 
LYS CD  CE   sing N N 208 
LYS CD  HD2  sing N N 209 
LYS CD  HD3  sing N N 210 
LYS CE  NZ   sing N N 211 
LYS CE  HE2  sing N N 212 
LYS CE  HE3  sing N N 213 
LYS NZ  HZ1  sing N N 214 
LYS NZ  HZ2  sing N N 215 
LYS NZ  HZ3  sing N N 216 
LYS OXT HXT  sing N N 217 
MET N   CA   sing N N 218 
MET N   H    sing N N 219 
MET N   H2   sing N N 220 
MET CA  C    sing N N 221 
MET CA  CB   sing N N 222 
MET CA  HA   sing N N 223 
MET C   O    doub N N 224 
MET C   OXT  sing N N 225 
MET CB  CG   sing N N 226 
MET CB  HB2  sing N N 227 
MET CB  HB3  sing N N 228 
MET CG  SD   sing N N 229 
MET CG  HG2  sing N N 230 
MET CG  HG3  sing N N 231 
MET SD  CE   sing N N 232 
MET CE  HE1  sing N N 233 
MET CE  HE2  sing N N 234 
MET CE  HE3  sing N N 235 
MET OXT HXT  sing N N 236 
PHE N   CA   sing N N 237 
PHE N   H    sing N N 238 
PHE N   H2   sing N N 239 
PHE CA  C    sing N N 240 
PHE CA  CB   sing N N 241 
PHE CA  HA   sing N N 242 
PHE C   O    doub N N 243 
PHE C   OXT  sing N N 244 
PHE CB  CG   sing N N 245 
PHE CB  HB2  sing N N 246 
PHE CB  HB3  sing N N 247 
PHE CG  CD1  doub Y N 248 
PHE CG  CD2  sing Y N 249 
PHE CD1 CE1  sing Y N 250 
PHE CD1 HD1  sing N N 251 
PHE CD2 CE2  doub Y N 252 
PHE CD2 HD2  sing N N 253 
PHE CE1 CZ   doub Y N 254 
PHE CE1 HE1  sing N N 255 
PHE CE2 CZ   sing Y N 256 
PHE CE2 HE2  sing N N 257 
PHE CZ  HZ   sing N N 258 
PHE OXT HXT  sing N N 259 
PRO N   CA   sing N N 260 
PRO N   CD   sing N N 261 
PRO N   H    sing N N 262 
PRO CA  C    sing N N 263 
PRO CA  CB   sing N N 264 
PRO CA  HA   sing N N 265 
PRO C   O    doub N N 266 
PRO C   OXT  sing N N 267 
PRO CB  CG   sing N N 268 
PRO CB  HB2  sing N N 269 
PRO CB  HB3  sing N N 270 
PRO CG  CD   sing N N 271 
PRO CG  HG2  sing N N 272 
PRO CG  HG3  sing N N 273 
PRO CD  HD2  sing N N 274 
PRO CD  HD3  sing N N 275 
PRO OXT HXT  sing N N 276 
PTR N   CA   sing N N 277 
PTR N   H    sing N N 278 
PTR N   H2   sing N N 279 
PTR CA  C    sing N N 280 
PTR CA  CB   sing N N 281 
PTR CA  HA   sing N N 282 
PTR C   O    doub N N 283 
PTR C   OXT  sing N N 284 
PTR OXT HXT  sing N N 285 
PTR CB  CG   sing N N 286 
PTR CB  HB2  sing N N 287 
PTR CB  HB3  sing N N 288 
PTR CG  CD1  doub Y N 289 
PTR CG  CD2  sing Y N 290 
PTR CD1 CE1  sing Y N 291 
PTR CD1 HD1  sing N N 292 
PTR CD2 CE2  doub Y N 293 
PTR CD2 HD2  sing N N 294 
PTR CE1 CZ   doub Y N 295 
PTR CE1 HE1  sing N N 296 
PTR CE2 CZ   sing Y N 297 
PTR CE2 HE2  sing N N 298 
PTR CZ  OH   sing N N 299 
PTR OH  P    sing N N 300 
PTR P   O1P  doub N N 301 
PTR P   O2P  sing N N 302 
PTR P   O3P  sing N N 303 
PTR O2P HO2P sing N N 304 
PTR O3P HO3P sing N N 305 
SER N   CA   sing N N 306 
SER N   H    sing N N 307 
SER N   H2   sing N N 308 
SER CA  C    sing N N 309 
SER CA  CB   sing N N 310 
SER CA  HA   sing N N 311 
SER C   O    doub N N 312 
SER C   OXT  sing N N 313 
SER CB  OG   sing N N 314 
SER CB  HB2  sing N N 315 
SER CB  HB3  sing N N 316 
SER OG  HG   sing N N 317 
SER OXT HXT  sing N N 318 
THR N   CA   sing N N 319 
THR N   H    sing N N 320 
THR N   H2   sing N N 321 
THR CA  C    sing N N 322 
THR CA  CB   sing N N 323 
THR CA  HA   sing N N 324 
THR C   O    doub N N 325 
THR C   OXT  sing N N 326 
THR CB  OG1  sing N N 327 
THR CB  CG2  sing N N 328 
THR CB  HB   sing N N 329 
THR OG1 HG1  sing N N 330 
THR CG2 HG21 sing N N 331 
THR CG2 HG22 sing N N 332 
THR CG2 HG23 sing N N 333 
THR OXT HXT  sing N N 334 
TRP N   CA   sing N N 335 
TRP N   H    sing N N 336 
TRP N   H2   sing N N 337 
TRP CA  C    sing N N 338 
TRP CA  CB   sing N N 339 
TRP CA  HA   sing N N 340 
TRP C   O    doub N N 341 
TRP C   OXT  sing N N 342 
TRP CB  CG   sing N N 343 
TRP CB  HB2  sing N N 344 
TRP CB  HB3  sing N N 345 
TRP CG  CD1  doub Y N 346 
TRP CG  CD2  sing Y N 347 
TRP CD1 NE1  sing Y N 348 
TRP CD1 HD1  sing N N 349 
TRP CD2 CE2  doub Y N 350 
TRP CD2 CE3  sing Y N 351 
TRP NE1 CE2  sing Y N 352 
TRP NE1 HE1  sing N N 353 
TRP CE2 CZ2  sing Y N 354 
TRP CE3 CZ3  doub Y N 355 
TRP CE3 HE3  sing N N 356 
TRP CZ2 CH2  doub Y N 357 
TRP CZ2 HZ2  sing N N 358 
TRP CZ3 CH2  sing Y N 359 
TRP CZ3 HZ3  sing N N 360 
TRP CH2 HH2  sing N N 361 
TRP OXT HXT  sing N N 362 
TYR N   CA   sing N N 363 
TYR N   H    sing N N 364 
TYR N   H2   sing N N 365 
TYR CA  C    sing N N 366 
TYR CA  CB   sing N N 367 
TYR CA  HA   sing N N 368 
TYR C   O    doub N N 369 
TYR C   OXT  sing N N 370 
TYR CB  CG   sing N N 371 
TYR CB  HB2  sing N N 372 
TYR CB  HB3  sing N N 373 
TYR CG  CD1  doub Y N 374 
TYR CG  CD2  sing Y N 375 
TYR CD1 CE1  sing Y N 376 
TYR CD1 HD1  sing N N 377 
TYR CD2 CE2  doub Y N 378 
TYR CD2 HD2  sing N N 379 
TYR CE1 CZ   doub Y N 380 
TYR CE1 HE1  sing N N 381 
TYR CE2 CZ   sing Y N 382 
TYR CE2 HE2  sing N N 383 
TYR CZ  OH   sing N N 384 
TYR OH  HH   sing N N 385 
TYR OXT HXT  sing N N 386 
VAL N   CA   sing N N 387 
VAL N   H    sing N N 388 
VAL N   H2   sing N N 389 
VAL CA  C    sing N N 390 
VAL CA  CB   sing N N 391 
VAL CA  HA   sing N N 392 
VAL C   O    doub N N 393 
VAL C   OXT  sing N N 394 
VAL CB  CG1  sing N N 395 
VAL CB  CG2  sing N N 396 
VAL CB  HB   sing N N 397 
VAL CG1 HG11 sing N N 398 
VAL CG1 HG12 sing N N 399 
VAL CG1 HG13 sing N N 400 
VAL CG2 HG21 sing N N 401 
VAL CG2 HG22 sing N N 402 
VAL CG2 HG23 sing N N 403 
VAL OXT HXT  sing N N 404 
# 
_atom_sites.entry_id                    1LCJ 
_atom_sites.fract_transf_matrix[1][1]   0.01581924 
_atom_sites.fract_transf_matrix[1][2]   0.00402730 
_atom_sites.fract_transf_matrix[1][3]   0.00079127 
_atom_sites.fract_transf_matrix[2][1]   -0.00366333 
_atom_sites.fract_transf_matrix[2][2]   0.01200872 
_atom_sites.fract_transf_matrix[2][3]   0.01211768 
_atom_sites.fract_transf_matrix[3][1]   0.00441988 
_atom_sites.fract_transf_matrix[3][2]   -0.02188501 
_atom_sites.fract_transf_matrix[3][3]   0.02302442 
_atom_sites.fract_transf_vector[1]      0.714698 
_atom_sites.fract_transf_vector[2]      0.748417 
_atom_sites.fract_transf_vector[3]      0.035085 
# 
_atom_sites_footnote.id     1 
_atom_sites_footnote.text   
'GLU A   123  - PRO A   124               OMEGA = 114.65 PEPTIDE BOND DEVIATES SIGNIFICANTLY FROM TRANS CONFORMATION' 
# 
loop_
_atom_type.symbol 
C 
N 
O 
P 
S 
# 
loop_
_atom_site.group_PDB 
_atom_site.id 
_atom_site.type_symbol 
_atom_site.label_atom_id 
_atom_site.label_alt_id 
_atom_site.label_comp_id 
_atom_site.label_asym_id 
_atom_site.label_entity_id 
_atom_site.label_seq_id 
_atom_site.pdbx_PDB_ins_code 
_atom_site.Cartn_x 
_atom_site.Cartn_y 
_atom_site.Cartn_z 
_atom_site.occupancy 
_atom_site.B_iso_or_equiv 
_atom_site.pdbx_formal_charge 
_atom_site.auth_seq_id 
_atom_site.auth_comp_id 
_atom_site.auth_asym_id 
_atom_site.auth_atom_id 
_atom_site.pdbx_PDB_model_num 
ATOM   1    N N   . GLU A 1 6   ? 12.176  1.054   13.133  1.00 42.73 ? 123 GLU A N   1 
ATOM   2    C CA  . GLU A 1 6   ? 12.706  2.386   13.560  1.00 42.49 ? 123 GLU A CA  1 
ATOM   3    C C   . GLU A 1 6   ? 11.664  3.510   13.412  1.00 42.80 ? 123 GLU A C   1 
ATOM   4    O O   . GLU A 1 6   ? 10.483  3.303   13.716  1.00 45.24 ? 123 GLU A O   1 
ATOM   5    C CB  . GLU A 1 6   ? 13.971  2.698   12.777  1.00 42.41 ? 123 GLU A CB  1 
ATOM   6    N N   . PRO A 1 7   ? 12.057  4.681   12.892  1.00 41.98 ? 124 PRO A N   1 
ATOM   7    C CA  . PRO A 1 7   ? 11.468  5.054   11.602  1.00 39.99 ? 124 PRO A CA  1 
ATOM   8    C C   . PRO A 1 7   ? 11.638  3.994   10.497  1.00 36.60 ? 124 PRO A C   1 
ATOM   9    O O   . PRO A 1 7   ? 12.763  3.666   10.085  1.00 36.74 ? 124 PRO A O   1 
ATOM   10   C CB  . PRO A 1 7   ? 12.171  6.370   11.280  1.00 41.28 ? 124 PRO A CB  1 
ATOM   11   C CG  . PRO A 1 7   ? 12.291  7.027   12.657  1.00 43.19 ? 124 PRO A CG  1 
ATOM   12   C CD  . PRO A 1 7   ? 12.436  5.867   13.676  1.00 42.53 ? 124 PRO A CD  1 
ATOM   13   N N   . GLU A 1 8   ? 10.540  3.290   10.246  1.00 31.62 ? 125 GLU A N   1 
ATOM   14   C CA  . GLU A 1 8   ? 10.454  2.266   9.201   1.00 27.28 ? 125 GLU A CA  1 
ATOM   15   C C   . GLU A 1 8   ? 10.490  2.957   7.854   1.00 23.68 ? 125 GLU A C   1 
ATOM   16   O O   . GLU A 1 8   ? 9.746   3.915   7.628   1.00 24.04 ? 125 GLU A O   1 
ATOM   17   C CB  . GLU A 1 8   ? 9.132   1.513   9.304   1.00 27.16 ? 125 GLU A CB  1 
ATOM   18   C CG  . GLU A 1 8   ? 9.057   0.592   10.490  1.00 30.32 ? 125 GLU A CG  1 
ATOM   19   C CD  . GLU A 1 8   ? 9.447   -0.816  10.147  1.00 31.24 ? 125 GLU A CD  1 
ATOM   20   O OE1 . GLU A 1 8   ? 10.267  -1.027  9.222   1.00 31.35 ? 125 GLU A OE1 1 
ATOM   21   O OE2 . GLU A 1 8   ? 8.936   -1.716  10.839  1.00 31.88 ? 125 GLU A OE2 1 
ATOM   22   N N   . PRO A 1 9   ? 11.297  2.435   6.916   1.00 20.78 ? 126 PRO A N   1 
ATOM   23   C CA  . PRO A 1 9   ? 11.657  3.120   5.666   1.00 18.51 ? 126 PRO A CA  1 
ATOM   24   C C   . PRO A 1 9   ? 10.508  3.293   4.689   1.00 17.15 ? 126 PRO A C   1 
ATOM   25   O O   . PRO A 1 9   ? 10.513  4.193   3.850   1.00 17.49 ? 126 PRO A O   1 
ATOM   26   C CB  . PRO A 1 9   ? 12.748  2.242   5.081   1.00 18.48 ? 126 PRO A CB  1 
ATOM   27   C CG  . PRO A 1 9   ? 12.460  0.925   5.623   1.00 20.80 ? 126 PRO A CG  1 
ATOM   28   C CD  . PRO A 1 9   ? 11.991  1.149   7.026   1.00 19.31 ? 126 PRO A CD  1 
ATOM   29   N N   . TRP A 1 10  ? 9.455   2.521   4.893   1.00 15.83 ? 127 TRP A N   1 
ATOM   30   C CA  . TRP A 1 10  ? 8.269   2.646   4.066   1.00 14.43 ? 127 TRP A CA  1 
ATOM   31   C C   . TRP A 1 10  ? 7.178   3.548   4.654   1.00 15.61 ? 127 TRP A C   1 
ATOM   32   O O   . TRP A 1 10  ? 6.102   3.694   4.058   1.00 14.98 ? 127 TRP A O   1 
ATOM   33   C CB  . TRP A 1 10  ? 7.688   1.256   3.796   1.00 15.67 ? 127 TRP A CB  1 
ATOM   34   C CG  . TRP A 1 10  ? 7.786   0.313   4.949   1.00 14.35 ? 127 TRP A CG  1 
ATOM   35   C CD1 . TRP A 1 10  ? 8.687   -0.699  5.105   1.00 15.58 ? 127 TRP A CD1 1 
ATOM   36   C CD2 . TRP A 1 10  ? 6.911   0.248   6.075   1.00 14.24 ? 127 TRP A CD2 1 
ATOM   37   N NE1 . TRP A 1 10  ? 8.421   -1.386  6.243   1.00 15.25 ? 127 TRP A NE1 1 
ATOM   38   C CE2 . TRP A 1 10  ? 7.348   -0.839  6.867   1.00 13.83 ? 127 TRP A CE2 1 
ATOM   39   C CE3 . TRP A 1 10  ? 5.796   0.989   6.485   1.00 13.31 ? 127 TRP A CE3 1 
ATOM   40   C CZ2 . TRP A 1 10  ? 6.709   -1.187  8.055   1.00 14.22 ? 127 TRP A CZ2 1 
ATOM   41   C CZ3 . TRP A 1 10  ? 5.164   0.631   7.660   1.00 14.52 ? 127 TRP A CZ3 1 
ATOM   42   C CH2 . TRP A 1 10  ? 5.624   -0.446  8.442   1.00 15.95 ? 127 TRP A CH2 1 
ATOM   43   N N   . PHE A 1 11  ? 7.408   4.074   5.853   1.00 14.09 ? 128 PHE A N   1 
ATOM   44   C CA  . PHE A 1 11  ? 6.371   4.816   6.552   1.00 15.06 ? 128 PHE A CA  1 
ATOM   45   C C   . PHE A 1 11  ? 6.560   6.306   6.311   1.00 14.84 ? 128 PHE A C   1 
ATOM   46   O O   . PHE A 1 11  ? 7.611   6.871   6.634   1.00 14.54 ? 128 PHE A O   1 
ATOM   47   C CB  . PHE A 1 11  ? 6.391   4.488   8.055   1.00 17.52 ? 128 PHE A CB  1 
ATOM   48   C CG  . PHE A 1 11  ? 5.217   5.060   8.824   1.00 18.60 ? 128 PHE A CG  1 
ATOM   49   C CD1 . PHE A 1 11  ? 3.923   4.691   8.514   1.00 20.59 ? 128 PHE A CD1 1 
ATOM   50   C CD2 . PHE A 1 11  ? 5.417   5.962   9.853   1.00 20.90 ? 128 PHE A CD2 1 
ATOM   51   C CE1 . PHE A 1 11  ? 2.844   5.217   9.217   1.00 20.96 ? 128 PHE A CE1 1 
ATOM   52   C CE2 . PHE A 1 11  ? 4.343   6.492   10.561  1.00 21.28 ? 128 PHE A CE2 1 
ATOM   53   C CZ  . PHE A 1 11  ? 3.053   6.115   10.237  1.00 20.86 ? 128 PHE A CZ  1 
ATOM   54   N N   . PHE A 1 12  ? 5.636   6.867   5.537   1.00 13.92 ? 129 PHE A N   1 
ATOM   55   C CA  . PHE A 1 12  ? 5.620   8.293   5.206   1.00 13.58 ? 129 PHE A CA  1 
ATOM   56   C C   . PHE A 1 12  ? 4.265   8.842   5.631   1.00 13.96 ? 129 PHE A C   1 
ATOM   57   O O   . PHE A 1 12  ? 3.427   9.172   4.787   1.00 11.83 ? 129 PHE A O   1 
ATOM   58   C CB  . PHE A 1 12  ? 5.761   8.514   3.691   1.00 14.90 ? 129 PHE A CB  1 
ATOM   59   C CG  . PHE A 1 12  ? 7.056   8.035   3.114   1.00 15.79 ? 129 PHE A CG  1 
ATOM   60   C CD1 . PHE A 1 12  ? 7.351   6.687   3.068   1.00 17.87 ? 129 PHE A CD1 1 
ATOM   61   C CD2 . PHE A 1 12  ? 7.961   8.931   2.582   1.00 18.73 ? 129 PHE A CD2 1 
ATOM   62   C CE1 . PHE A 1 12  ? 8.534   6.230   2.508   1.00 18.00 ? 129 PHE A CE1 1 
ATOM   63   C CE2 . PHE A 1 12  ? 9.139   8.481   2.012   1.00 19.98 ? 129 PHE A CE2 1 
ATOM   64   C CZ  . PHE A 1 12  ? 9.425   7.126   1.984   1.00 16.75 ? 129 PHE A CZ  1 
ATOM   65   N N   . LYS A 1 13  ? 4.074   9.002   6.931   1.00 12.87 ? 130 LYS A N   1 
ATOM   66   C CA  . LYS A 1 13  ? 2.739   9.234   7.463   1.00 15.69 ? 130 LYS A CA  1 
ATOM   67   C C   . LYS A 1 13  ? 1.966   10.502  7.048   1.00 13.14 ? 130 LYS A C   1 
ATOM   68   O O   . LYS A 1 13  ? 0.749   10.458  6.979   1.00 13.56 ? 130 LYS A O   1 
ATOM   69   C CB  . LYS A 1 13  ? 2.770   9.094   8.984   1.00 19.50 ? 130 LYS A CB  1 
ATOM   70   C CG  . LYS A 1 13  ? 2.922   10.368  9.727   1.00 18.72 ? 130 LYS A CG  1 
ATOM   71   C CD  . LYS A 1 13  ? 2.271   10.257  11.079  1.00 20.32 ? 130 LYS A CD  1 
ATOM   72   C CE  . LYS A 1 13  ? 2.709   11.394  11.968  1.00 19.62 ? 130 LYS A CE  1 
ATOM   73   N NZ  . LYS A 1 13  ? 3.381   10.943  13.238  1.00 18.53 ? 130 LYS A NZ  1 
ATOM   74   N N   . ASN A 1 14  ? 2.654   11.581  6.670   1.00 13.28 ? 131 ASN A N   1 
ATOM   75   C CA  . ASN A 1 14  ? 1.961   12.837  6.302   1.00 14.38 ? 131 ASN A CA  1 
ATOM   76   C C   . ASN A 1 14  ? 1.873   13.142  4.805   1.00 14.02 ? 131 ASN A C   1 
ATOM   77   O O   . ASN A 1 14  ? 1.396   14.202  4.398   1.00 14.46 ? 131 ASN A O   1 
ATOM   78   C CB  . ASN A 1 14  ? 2.609   14.035  7.016   1.00 14.62 ? 131 ASN A CB  1 
ATOM   79   C CG  . ASN A 1 14  ? 2.421   13.978  8.511   1.00 14.66 ? 131 ASN A CG  1 
ATOM   80   O OD1 . ASN A 1 14  ? 1.381   13.559  9.006   1.00 15.27 ? 131 ASN A OD1 1 
ATOM   81   N ND2 . ASN A 1 14  ? 3.427   14.403  9.241   1.00 13.88 ? 131 ASN A ND2 1 
ATOM   82   N N   . LEU A 1 15  ? 2.335   12.198  3.995   1.00 13.52 ? 132 LEU A N   1 
ATOM   83   C CA  . LEU A 1 15  ? 2.325   12.327  2.551   1.00 12.18 ? 132 LEU A CA  1 
ATOM   84   C C   . LEU A 1 15  ? 0.907   12.231  1.990   1.00 13.40 ? 132 LEU A C   1 
ATOM   85   O O   . LEU A 1 15  ? 0.172   11.274  2.277   1.00 13.85 ? 132 LEU A O   1 
ATOM   86   C CB  . LEU A 1 15  ? 3.191   11.223  1.970   1.00 11.42 ? 132 LEU A CB  1 
ATOM   87   C CG  . LEU A 1 15  ? 3.948   11.474  0.678   1.00 12.10 ? 132 LEU A CG  1 
ATOM   88   C CD1 . LEU A 1 15  ? 4.917   12.623  0.829   1.00 13.40 ? 132 LEU A CD1 1 
ATOM   89   C CD2 . LEU A 1 15  ? 4.679   10.213  0.318   1.00 11.91 ? 132 LEU A CD2 1 
ATOM   90   N N   . SER A 1 16  ? 0.533   13.187  1.147   1.00 12.58 ? 133 SER A N   1 
ATOM   91   C CA  . SER A 1 16  ? -0.786  13.148  0.498   1.00 12.81 ? 133 SER A CA  1 
ATOM   92   C C   . SER A 1 16  ? -0.839  12.093  -0.620  1.00 13.18 ? 133 SER A C   1 
ATOM   93   O O   . SER A 1 16  ? 0.193   11.576  -1.045  1.00 13.08 ? 133 SER A O   1 
ATOM   94   C CB  . SER A 1 16  ? -1.156  14.524  -0.064  1.00 11.78 ? 133 SER A CB  1 
ATOM   95   O OG  . SER A 1 16  ? -0.307  14.903  -1.122  1.00 13.70 ? 133 SER A OG  1 
ATOM   96   N N   . ARG A 1 17  ? -2.036  11.801  -1.118  1.00 14.25 ? 134 ARG A N   1 
ATOM   97   C CA  . ARG A 1 17  ? -2.172  10.878  -2.239  1.00 13.71 ? 134 ARG A CA  1 
ATOM   98   C C   . ARG A 1 17  ? -1.367  11.388  -3.430  1.00 12.94 ? 134 ARG A C   1 
ATOM   99   O O   . ARG A 1 17  ? -0.644  10.629  -4.073  1.00 11.24 ? 134 ARG A O   1 
ATOM   100  C CB  . ARG A 1 17  ? -3.655  10.699  -2.624  1.00 14.12 ? 134 ARG A CB  1 
ATOM   101  C CG  . ARG A 1 17  ? -3.866  9.939   -3.920  1.00 13.29 ? 134 ARG A CG  1 
ATOM   102  C CD  . ARG A 1 17  ? -5.324  9.892   -4.292  1.00 13.49 ? 134 ARG A CD  1 
ATOM   103  N NE  . ARG A 1 17  ? -6.042  8.822   -3.607  1.00 15.41 ? 134 ARG A NE  1 
ATOM   104  C CZ  . ARG A 1 17  ? -6.377  7.656   -4.173  1.00 15.47 ? 134 ARG A CZ  1 
ATOM   105  N NH1 . ARG A 1 17  ? -6.417  7.538   -5.502  1.00 15.00 ? 134 ARG A NH1 1 
ATOM   106  N NH2 . ARG A 1 17  ? -7.005  6.741   -3.445  1.00 13.77 ? 134 ARG A NH2 1 
ATOM   107  N N   . LYS A 1 18  ? -1.489  12.673  -3.747  1.00 12.98 ? 135 LYS A N   1 
ATOM   108  C CA  . LYS A 1 18  ? -0.876  13.148  -4.982  1.00 14.13 ? 135 LYS A CA  1 
ATOM   109  C C   . LYS A 1 18  ? 0.652   13.191  -4.917  1.00 14.48 ? 135 LYS A C   1 
ATOM   110  O O   . LYS A 1 18  ? 1.326   12.785  -5.860  1.00 15.56 ? 135 LYS A O   1 
ATOM   111  C CB  . LYS A 1 18  ? -1.448  14.501  -5.388  1.00 15.56 ? 135 LYS A CB  1 
ATOM   112  C CG  . LYS A 1 18  ? -0.925  15.670  -4.599  1.00 19.90 ? 135 LYS A CG  1 
ATOM   113  C CD  . LYS A 1 18  ? -1.089  16.962  -5.365  1.00 23.90 ? 135 LYS A CD  1 
ATOM   114  C CE  . LYS A 1 18  ? -0.859  18.168  -4.453  1.00 27.22 ? 135 LYS A CE  1 
ATOM   115  N NZ  . LYS A 1 18  ? 0.578   18.419  -4.065  1.00 27.80 ? 135 LYS A NZ  1 
ATOM   116  N N   . ASP A 1 19  ? 1.180   13.438  -3.724  1.00 14.12 ? 136 ASP A N   1 
ATOM   117  C CA  . ASP A 1 19  ? 2.615   13.370  -3.506  1.00 16.15 ? 136 ASP A CA  1 
ATOM   118  C C   . ASP A 1 19  ? 3.156   11.944  -3.394  1.00 16.29 ? 136 ASP A C   1 
ATOM   119  O O   . ASP A 1 19  ? 4.256   11.666  -3.874  1.00 18.75 ? 136 ASP A O   1 
ATOM   120  C CB  . ASP A 1 19  ? 3.016   14.182  -2.272  1.00 16.45 ? 136 ASP A CB  1 
ATOM   121  C CG  . ASP A 1 19  ? 2.912   15.658  -2.515  1.00 20.40 ? 136 ASP A CG  1 
ATOM   122  O OD1 . ASP A 1 19  ? 3.275   16.092  -3.625  1.00 21.86 ? 136 ASP A OD1 1 
ATOM   123  O OD2 . ASP A 1 19  ? 2.340   16.364  -1.667  1.00 23.34 ? 136 ASP A OD2 1 
ATOM   124  N N   . ALA A 1 20  ? 2.391   11.027  -2.806  1.00 14.70 ? 137 ALA A N   1 
ATOM   125  C CA  . ALA A 1 20  ? 2.748   9.599   -2.877  1.00 14.73 ? 137 ALA A CA  1 
ATOM   126  C C   . ALA A 1 20  ? 2.913   9.112   -4.327  1.00 14.73 ? 137 ALA A C   1 
ATOM   127  O O   . ALA A 1 20  ? 3.817   8.337   -4.630  1.00 14.99 ? 137 ALA A O   1 
ATOM   128  C CB  . ALA A 1 20  ? 1.702   8.753   -2.157  1.00 15.50 ? 137 ALA A CB  1 
ATOM   129  N N   . GLU A 1 21  ? 2.080   9.627   -5.231  1.00 14.23 ? 138 GLU A N   1 
ATOM   130  C CA  . GLU A 1 21  ? 2.119   9.232   -6.633  1.00 15.29 ? 138 GLU A CA  1 
ATOM   131  C C   . GLU A 1 21  ? 3.375   9.741   -7.341  1.00 14.54 ? 138 GLU A C   1 
ATOM   132  O O   . GLU A 1 21  ? 4.074   8.978   -8.015  1.00 12.72 ? 138 GLU A O   1 
ATOM   133  C CB  . GLU A 1 21  ? 0.843   9.702   -7.355  1.00 15.26 ? 138 GLU A CB  1 
ATOM   134  C CG  . GLU A 1 21  ? -0.330  8.752   -7.118  1.00 17.32 ? 138 GLU A CG  1 
ATOM   135  C CD  . GLU A 1 21  ? -1.511  8.917   -8.088  1.00 18.06 ? 138 GLU A CD  1 
ATOM   136  O OE1 . GLU A 1 21  ? -1.330  9.433   -9.216  1.00 18.76 ? 138 GLU A OE1 1 
ATOM   137  O OE2 . GLU A 1 21  ? -2.621  8.481   -7.719  1.00 17.12 ? 138 GLU A OE2 1 
ATOM   138  N N   . ARG A 1 22  ? 3.693   11.012  -7.122  1.00 15.12 ? 139 ARG A N   1 
ATOM   139  C CA  . ARG A 1 22  ? 4.893   11.601  -7.707  1.00 16.78 ? 139 ARG A CA  1 
ATOM   140  C C   . ARG A 1 22  ? 6.145   10.958  -7.147  1.00 17.10 ? 139 ARG A C   1 
ATOM   141  O O   . ARG A 1 22  ? 7.100   10.704  -7.878  1.00 16.53 ? 139 ARG A O   1 
ATOM   142  C CB  . ARG A 1 22  ? 4.920   13.105  -7.464  1.00 19.12 ? 139 ARG A CB  1 
ATOM   143  C CG  . ARG A 1 22  ? 3.993   13.848  -8.380  1.00 25.87 ? 139 ARG A CG  1 
ATOM   144  C CD  . ARG A 1 22  ? 2.949   14.595  -7.580  1.00 32.16 ? 139 ARG A CD  1 
ATOM   145  N NE  . ARG A 1 22  ? 1.573   14.502  -8.084  1.00 30.59 ? 139 ARG A NE  1 
ATOM   146  C CZ  . ARG A 1 22  ? 0.897   15.560  -8.529  1.00 34.20 ? 139 ARG A CZ  1 
ATOM   147  N NH1 . ARG A 1 22  ? 1.098   16.740  -7.935  1.00 32.19 ? 139 ARG A NH1 1 
ATOM   148  N NH2 . ARG A 1 22  ? -0.181  15.403  -9.314  1.00 30.21 ? 139 ARG A NH2 1 
ATOM   149  N N   . GLN A 1 23  ? 6.090   10.616  -5.865  1.00 17.05 ? 140 GLN A N   1 
ATOM   150  C CA  . GLN A 1 23  ? 7.216   9.999   -5.165  1.00 19.40 ? 140 GLN A CA  1 
ATOM   151  C C   . GLN A 1 23  ? 7.552   8.608   -5.715  1.00 16.90 ? 140 GLN A C   1 
ATOM   152  O O   . GLN A 1 23  ? 8.705   8.306   -6.030  1.00 16.16 ? 140 GLN A O   1 
ATOM   153  C CB  . GLN A 1 23  ? 6.900   9.912   -3.664  1.00 23.34 ? 140 GLN A CB  1 
ATOM   154  C CG  . GLN A 1 23  ? 8.025   10.306  -2.736  1.00 29.61 ? 140 GLN A CG  1 
ATOM   155  C CD  . GLN A 1 23  ? 8.761   11.579  -3.186  1.00 34.67 ? 140 GLN A CD  1 
ATOM   156  O OE1 . GLN A 1 23  ? 9.936   11.521  -3.567  1.00 36.88 ? 140 GLN A OE1 1 
ATOM   157  N NE2 . GLN A 1 23  ? 8.081   12.730  -3.136  1.00 34.15 ? 140 GLN A NE2 1 
ATOM   158  N N   . LEU A 1 24  ? 6.530   7.788   -5.911  1.00 14.81 ? 141 LEU A N   1 
ATOM   159  C CA  . LEU A 1 24  ? 6.746   6.415   -6.397  1.00 15.07 ? 141 LEU A CA  1 
ATOM   160  C C   . LEU A 1 24  ? 7.121   6.333   -7.890  1.00 13.39 ? 141 LEU A C   1 
ATOM   161  O O   . LEU A 1 24  ? 7.765   5.385   -8.315  1.00 15.67 ? 141 LEU A O   1 
ATOM   162  C CB  . LEU A 1 24  ? 5.504   5.568   -6.122  1.00 12.53 ? 141 LEU A CB  1 
ATOM   163  C CG  . LEU A 1 24  ? 5.290   5.249   -4.657  1.00 10.68 ? 141 LEU A CG  1 
ATOM   164  C CD1 . LEU A 1 24  ? 3.864   4.817   -4.452  1.00 13.40 ? 141 LEU A CD1 1 
ATOM   165  C CD2 . LEU A 1 24  ? 6.243   4.162   -4.231  1.00 10.85 ? 141 LEU A CD2 1 
ATOM   166  N N   . LEU A 1 25  ? 6.745   7.348   -8.666  1.00 13.28 ? 142 LEU A N   1 
ATOM   167  C CA  . LEU A 1 25  ? 7.027   7.364   -10.087 1.00 14.26 ? 142 LEU A CA  1 
ATOM   168  C C   . LEU A 1 25  ? 8.316   8.147   -10.405 1.00 15.88 ? 142 LEU A C   1 
ATOM   169  O O   . LEU A 1 25  ? 8.674   8.316   -11.567 1.00 17.79 ? 142 LEU A O   1 
ATOM   170  C CB  . LEU A 1 25  ? 5.816   7.924   -10.859 1.00 11.89 ? 142 LEU A CB  1 
ATOM   171  C CG  . LEU A 1 25  ? 4.592   6.978   -10.922 1.00 11.93 ? 142 LEU A CG  1 
ATOM   172  C CD1 . LEU A 1 25  ? 3.360   7.668   -11.445 1.00 14.88 ? 142 LEU A CD1 1 
ATOM   173  C CD2 . LEU A 1 25  ? 4.903   5.817   -11.782 1.00 12.41 ? 142 LEU A CD2 1 
ATOM   174  N N   . ALA A 1 26  ? 9.032   8.573   -9.362  1.00 15.42 ? 143 ALA A N   1 
ATOM   175  C CA  . ALA A 1 26  ? 10.404  9.077   -9.489  1.00 14.45 ? 143 ALA A CA  1 
ATOM   176  C C   . ALA A 1 26  ? 11.403  7.988   -9.890  1.00 16.59 ? 143 ALA A C   1 
ATOM   177  O O   . ALA A 1 26  ? 11.270  6.817   -9.509  1.00 13.71 ? 143 ALA A O   1 
ATOM   178  C CB  . ALA A 1 26  ? 10.859  9.700   -8.181  1.00 13.97 ? 143 ALA A CB  1 
ATOM   179  N N   . PRO A 1 27  ? 12.494  8.390   -10.553 1.00 18.46 ? 144 PRO A N   1 
ATOM   180  C CA  . PRO A 1 27  ? 13.627  7.485   -10.748 1.00 18.81 ? 144 PRO A CA  1 
ATOM   181  C C   . PRO A 1 27  ? 14.086  6.753   -9.457  1.00 17.60 ? 144 PRO A C   1 
ATOM   182  O O   . PRO A 1 27  ? 14.058  7.309   -8.362  1.00 17.67 ? 144 PRO A O   1 
ATOM   183  C CB  . PRO A 1 27  ? 14.709  8.415   -11.308 1.00 19.40 ? 144 PRO A CB  1 
ATOM   184  C CG  . PRO A 1 27  ? 13.940  9.455   -12.056 1.00 19.66 ? 144 PRO A CG  1 
ATOM   185  C CD  . PRO A 1 27  ? 12.706  9.690   -11.226 1.00 17.75 ? 144 PRO A CD  1 
ATOM   186  N N   . GLY A 1 28  ? 14.471  5.489   -9.597  1.00 18.49 ? 145 GLY A N   1 
ATOM   187  C CA  . GLY A 1 28  ? 14.992  4.739   -8.467  1.00 17.66 ? 145 GLY A CA  1 
ATOM   188  C C   . GLY A 1 28  ? 13.999  3.724   -7.940  1.00 17.68 ? 145 GLY A C   1 
ATOM   189  O O   . GLY A 1 28  ? 14.367  2.867   -7.137  1.00 17.94 ? 145 GLY A O   1 
ATOM   190  N N   . ASN A 1 29  ? 12.724  3.944   -8.265  1.00 18.34 ? 146 ASN A N   1 
ATOM   191  C CA  . ASN A 1 29  ? 11.604  3.048   -7.907  1.00 18.09 ? 146 ASN A CA  1 
ATOM   192  C C   . ASN A 1 29  ? 11.201  2.165   -9.091  1.00 16.99 ? 146 ASN A C   1 
ATOM   193  O O   . ASN A 1 29  ? 11.360  2.557   -10.233 1.00 17.94 ? 146 ASN A O   1 
ATOM   194  C CB  . ASN A 1 29  ? 10.371  3.863   -7.498  1.00 16.16 ? 146 ASN A CB  1 
ATOM   195  C CG  . ASN A 1 29  ? 10.646  4.795   -6.361  1.00 14.90 ? 146 ASN A CG  1 
ATOM   196  O OD1 . ASN A 1 29  ? 10.891  4.370   -5.237  1.00 19.09 ? 146 ASN A OD1 1 
ATOM   197  N ND2 . ASN A 1 29  ? 10.608  6.072   -6.639  1.00 17.52 ? 146 ASN A ND2 1 
ATOM   198  N N   . THR A 1 30  ? 10.722  0.958   -8.833  1.00 16.60 ? 147 THR A N   1 
ATOM   199  C CA  . THR A 1 30  ? 10.189  0.142   -9.928  1.00 17.20 ? 147 THR A CA  1 
ATOM   200  C C   . THR A 1 30  ? 8.969   -0.633  -9.444  1.00 14.71 ? 147 THR A C   1 
ATOM   201  O O   . THR A 1 30  ? 8.272   -0.183  -8.529  1.00 12.29 ? 147 THR A O   1 
ATOM   202  C CB  . THR A 1 30  ? 11.267  -0.846  -10.577 1.00 19.16 ? 147 THR A CB  1 
ATOM   203  O OG1 . THR A 1 30  ? 11.417  -2.021  -9.774  1.00 23.30 ? 147 THR A OG1 1 
ATOM   204  C CG2 . THR A 1 30  ? 12.632  -0.177  -10.729 1.00 24.33 ? 147 THR A CG2 1 
ATOM   205  N N   . HIS A 1 31  ? 8.635   -1.717  -10.137 1.00 14.39 ? 148 HIS A N   1 
ATOM   206  C CA  . HIS A 1 31  ? 7.477   -2.534  -9.761  1.00 13.61 ? 148 HIS A CA  1 
ATOM   207  C C   . HIS A 1 31  ? 7.570   -3.084  -8.324  1.00 10.60 ? 148 HIS A C   1 
ATOM   208  O O   . HIS A 1 31  ? 8.565   -3.717  -7.945  1.00 11.94 ? 148 HIS A O   1 
ATOM   209  C CB  . HIS A 1 31  ? 7.285   -3.696  -10.753 1.00 12.65 ? 148 HIS A CB  1 
ATOM   210  C CG  . HIS A 1 31  ? 7.389   -3.299  -12.197 1.00 10.63 ? 148 HIS A CG  1 
ATOM   211  N ND1 . HIS A 1 31  ? 7.840   -4.160  -13.161 1.00 11.89 ? 148 HIS A ND1 1 
ATOM   212  C CD2 . HIS A 1 31  ? 7.119   -2.133  -12.823 1.00 12.65 ? 148 HIS A CD2 1 
ATOM   213  C CE1 . HIS A 1 31  ? 7.862   -3.539  -14.334 1.00 11.96 ? 148 HIS A CE1 1 
ATOM   214  N NE2 . HIS A 1 31  ? 7.422   -2.308  -14.146 1.00 14.02 ? 148 HIS A NE2 1 
ATOM   215  N N   . GLY A 1 32  ? 6.523   -2.819  -7.537  1.00 10.25 ? 149 GLY A N   1 
ATOM   216  C CA  . GLY A 1 32  ? 6.465   -3.258  -6.149  1.00 9.42  ? 149 GLY A CA  1 
ATOM   217  C C   . GLY A 1 32  ? 6.921   -2.210  -5.136  1.00 11.12 ? 149 GLY A C   1 
ATOM   218  O O   . GLY A 1 32  ? 6.769   -2.388  -3.931  1.00 10.81 ? 149 GLY A O   1 
ATOM   219  N N   . SER A 1 33  ? 7.551   -1.146  -5.623  1.00 10.30 ? 150 SER A N   1 
ATOM   220  C CA  . SER A 1 33  ? 7.930   -0.043  -4.751  1.00 11.27 ? 150 SER A CA  1 
ATOM   221  C C   . SER A 1 33  ? 6.690   0.500   -4.061  1.00 12.36 ? 150 SER A C   1 
ATOM   222  O O   . SER A 1 33  ? 5.643   0.704   -4.695  1.00 11.81 ? 150 SER A O   1 
ATOM   223  C CB  . SER A 1 33  ? 8.603   1.078   -5.541  1.00 9.86  ? 150 SER A CB  1 
ATOM   224  O OG  . SER A 1 33  ? 9.862   0.661   -6.009  1.00 10.84 ? 150 SER A OG  1 
ATOM   225  N N   . PHE A 1 34  ? 6.779   0.666   -2.746  1.00 12.91 ? 151 PHE A N   1 
ATOM   226  C CA  . PHE A 1 34  ? 5.617   1.070   -1.968  1.00 11.91 ? 151 PHE A CA  1 
ATOM   227  C C   . PHE A 1 34  ? 5.880   2.037   -0.824  1.00 11.25 ? 151 PHE A C   1 
ATOM   228  O O   . PHE A 1 34  ? 7.010   2.240   -0.375  1.00 8.94  ? 151 PHE A O   1 
ATOM   229  C CB  . PHE A 1 34  ? 4.920   -0.157  -1.417  1.00 11.90 ? 151 PHE A CB  1 
ATOM   230  C CG  . PHE A 1 34  ? 5.696   -0.831  -0.338  1.00 11.69 ? 151 PHE A CG  1 
ATOM   231  C CD1 . PHE A 1 34  ? 6.776   -1.633  -0.649  1.00 12.84 ? 151 PHE A CD1 1 
ATOM   232  C CD2 . PHE A 1 34  ? 5.376   -0.615  0.985   1.00 13.13 ? 151 PHE A CD2 1 
ATOM   233  C CE1 . PHE A 1 34  ? 7.534   -2.197  0.350   1.00 14.97 ? 151 PHE A CE1 1 
ATOM   234  C CE2 . PHE A 1 34  ? 6.119   -1.171  1.971   1.00 14.93 ? 151 PHE A CE2 1 
ATOM   235  C CZ  . PHE A 1 34  ? 7.204   -1.964  1.663   1.00 16.01 ? 151 PHE A CZ  1 
ATOM   236  N N   . LEU A 1 35  ? 4.783   2.555   -0.304  1.00 10.79 ? 152 LEU A N   1 
ATOM   237  C CA  . LEU A 1 35  ? 4.779   3.337   0.922   1.00 12.77 ? 152 LEU A CA  1 
ATOM   238  C C   . LEU A 1 35  ? 3.411   3.215   1.645   1.00 10.67 ? 152 LEU A C   1 
ATOM   239  O O   . LEU A 1 35  ? 2.402   2.841   1.042   1.00 9.98  ? 152 LEU A O   1 
ATOM   240  C CB  . LEU A 1 35  ? 5.124   4.806   0.615   1.00 10.27 ? 152 LEU A CB  1 
ATOM   241  C CG  . LEU A 1 35  ? 4.191   5.631   -0.275  1.00 11.12 ? 152 LEU A CG  1 
ATOM   242  C CD1 . LEU A 1 35  ? 3.134   6.321   0.580   1.00 11.53 ? 152 LEU A CD1 1 
ATOM   243  C CD2 . LEU A 1 35  ? 5.010   6.638   -1.079  1.00 12.26 ? 152 LEU A CD2 1 
ATOM   244  N N   . ILE A 1 36  ? 3.465   3.263   2.968   1.00 10.69 ? 153 ILE A N   1 
ATOM   245  C CA  . ILE A 1 36  ? 2.261   3.419   3.776   1.00 12.00 ? 153 ILE A CA  1 
ATOM   246  C C   . ILE A 1 36  ? 2.180   4.857   4.326   1.00 11.79 ? 153 ILE A C   1 
ATOM   247  O O   . ILE A 1 36  ? 3.200   5.455   4.686   1.00 11.70 ? 153 ILE A O   1 
ATOM   248  C CB  . ILE A 1 36  ? 2.214   2.377   4.934   1.00 10.25 ? 153 ILE A CB  1 
ATOM   249  C CG1 . ILE A 1 36  ? 2.023   0.976   4.352   1.00 10.34 ? 153 ILE A CG1 1 
ATOM   250  C CG2 . ILE A 1 36  ? 1.096   2.717   5.908   1.00 7.78  ? 153 ILE A CG2 1 
ATOM   251  C CD1 . ILE A 1 36  ? 2.218   -0.127  5.358   1.00 9.14  ? 153 ILE A CD1 1 
ATOM   252  N N   . ARG A 1 37  ? 1.015   5.465   4.159   1.00 10.07 ? 154 ARG A N   1 
ATOM   253  C CA  . ARG A 1 37  ? 0.747   6.803   4.660   1.00 10.92 ? 154 ARG A CA  1 
ATOM   254  C C   . ARG A 1 37  ? -0.520  6.829   5.501   1.00 12.18 ? 154 ARG A C   1 
ATOM   255  O O   . ARG A 1 37  ? -1.293  5.874   5.496   1.00 12.36 ? 154 ARG A O   1 
ATOM   256  C CB  . ARG A 1 37  ? 0.621   7.780   3.480   1.00 9.14  ? 154 ARG A CB  1 
ATOM   257  C CG  . ARG A 1 37  ? -0.373  7.373   2.390   1.00 8.81  ? 154 ARG A CG  1 
ATOM   258  C CD  . ARG A 1 37  ? -0.128  8.211   1.154   1.00 9.41  ? 154 ARG A CD  1 
ATOM   259  N NE  . ARG A 1 37  ? -1.039  8.028   0.038   1.00 11.33 ? 154 ARG A NE  1 
ATOM   260  C CZ  . ARG A 1 37  ? -2.349  7.909   0.164   1.00 12.15 ? 154 ARG A CZ  1 
ATOM   261  N NH1 . ARG A 1 37  ? -3.000  8.899   0.746   1.00 11.86 ? 154 ARG A NH1 1 
ATOM   262  N NH2 . ARG A 1 37  ? -3.019  7.160   -0.707  1.00 11.73 ? 154 ARG A NH2 1 
ATOM   263  N N   . GLU A 1 38  ? -0.779  7.943   6.172   1.00 12.24 ? 155 GLU A N   1 
ATOM   264  C CA  . GLU A 1 38  ? -2.119  8.133   6.729   1.00 14.72 ? 155 GLU A CA  1 
ATOM   265  C C   . GLU A 1 38  ? -3.152  8.487   5.653   1.00 14.79 ? 155 GLU A C   1 
ATOM   266  O O   . GLU A 1 38  ? -2.829  9.044   4.596   1.00 14.65 ? 155 GLU A O   1 
ATOM   267  C CB  . GLU A 1 38  ? -2.103  9.177   7.859   1.00 14.11 ? 155 GLU A CB  1 
ATOM   268  C CG  . GLU A 1 38  ? -1.262  8.706   9.050   1.00 16.55 ? 155 GLU A CG  1 
ATOM   269  C CD  . GLU A 1 38  ? -1.411  9.550   10.290  1.00 19.74 ? 155 GLU A CD  1 
ATOM   270  O OE1 . GLU A 1 38  ? -1.860  10.712  10.176  1.00 20.50 ? 155 GLU A OE1 1 
ATOM   271  O OE2 . GLU A 1 38  ? -1.045  9.045   11.371  1.00 20.31 ? 155 GLU A OE2 1 
ATOM   272  N N   . SER A 1 39  ? -4.378  8.016   5.866   1.00 17.31 ? 156 SER A N   1 
ATOM   273  C CA  . SER A 1 39  ? -5.432  8.199   4.876   1.00 17.67 ? 156 SER A CA  1 
ATOM   274  C C   . SER A 1 39  ? -5.834  9.656   4.742   1.00 16.54 ? 156 SER A C   1 
ATOM   275  O O   . SER A 1 39  ? -5.767  10.390  5.711   1.00 16.77 ? 156 SER A O   1 
ATOM   276  C CB  . SER A 1 39  ? -6.647  7.345   5.209   1.00 18.24 ? 156 SER A CB  1 
ATOM   277  O OG  . SER A 1 39  ? -7.630  7.523   4.201   1.00 21.75 ? 156 SER A OG  1 
ATOM   278  N N   . GLU A 1 40  ? -6.061  10.104  3.515   1.00 18.55 ? 157 GLU A N   1 
ATOM   279  C CA  . GLU A 1 40  ? -6.512  11.456  3.258   1.00 22.34 ? 157 GLU A CA  1 
ATOM   280  C C   . GLU A 1 40  ? -8.024  11.539  3.396   1.00 26.24 ? 157 GLU A C   1 
ATOM   281  O O   . GLU A 1 40  ? -8.540  12.311  4.210   1.00 29.18 ? 157 GLU A O   1 
ATOM   282  C CB  . GLU A 1 40  ? -6.156  11.876  1.845   1.00 22.38 ? 157 GLU A CB  1 
ATOM   283  C CG  . GLU A 1 40  ? -4.710  12.185  1.570   1.00 26.46 ? 157 GLU A CG  1 
ATOM   284  C CD  . GLU A 1 40  ? -4.592  13.304  0.574   1.00 25.59 ? 157 GLU A CD  1 
ATOM   285  O OE1 . GLU A 1 40  ? -4.759  14.462  0.980   1.00 32.92 ? 157 GLU A OE1 1 
ATOM   286  O OE2 . GLU A 1 40  ? -4.510  13.040  -0.642  1.00 26.11 ? 157 GLU A OE2 1 
ATOM   287  N N   . SER A 1 41  ? -8.742  10.749  2.601   1.00 27.19 ? 158 SER A N   1 
ATOM   288  C CA  . SER A 1 41  ? -10.188 10.849  2.536   1.00 28.88 ? 158 SER A CA  1 
ATOM   289  C C   . SER A 1 41  ? -10.809 10.390  3.845   1.00 30.14 ? 158 SER A C   1 
ATOM   290  O O   . SER A 1 41  ? -11.708 11.041  4.360   1.00 32.18 ? 158 SER A O   1 
ATOM   291  C CB  . SER A 1 41  ? -10.720 10.006  1.371   1.00 28.67 ? 158 SER A CB  1 
ATOM   292  O OG  . SER A 1 41  ? -9.935  8.855   1.155   1.00 26.87 ? 158 SER A OG  1 
ATOM   293  N N   . THR A 1 42  ? -10.242 9.344   4.441   1.00 30.52 ? 159 THR A N   1 
ATOM   294  C CA  . THR A 1 42  ? -10.792 8.741   5.669   1.00 30.31 ? 159 THR A CA  1 
ATOM   295  C C   . THR A 1 42  ? -9.869  8.893   6.859   1.00 28.53 ? 159 THR A C   1 
ATOM   296  O O   . THR A 1 42  ? -8.992  8.050   7.055   1.00 28.11 ? 159 THR A O   1 
ATOM   297  C CB  . THR A 1 42  ? -11.033 7.220   5.494   1.00 31.32 ? 159 THR A CB  1 
ATOM   298  O OG1 . THR A 1 42  ? -12.022 6.995   4.484   1.00 33.85 ? 159 THR A OG1 1 
ATOM   299  C CG2 . THR A 1 42  ? -11.473 6.569   6.803   1.00 33.11 ? 159 THR A CG2 1 
ATOM   300  N N   . ALA A 1 43  ? -10.192 9.825   7.754   1.00 26.71 ? 160 ALA A N   1 
ATOM   301  C CA  . ALA A 1 43  ? -9.381  10.039  8.956   1.00 24.58 ? 160 ALA A CA  1 
ATOM   302  C C   . ALA A 1 43  ? -9.368  8.864   9.977   1.00 23.19 ? 160 ALA A C   1 
ATOM   303  O O   . ALA A 1 43  ? -10.400 8.251   10.266  1.00 23.40 ? 160 ALA A O   1 
ATOM   304  C CB  . ALA A 1 43  ? -9.804  11.341  9.628   1.00 26.83 ? 160 ALA A CB  1 
ATOM   305  N N   . GLY A 1 44  ? -8.173  8.469   10.407  1.00 20.62 ? 161 GLY A N   1 
ATOM   306  C CA  . GLY A 1 44  ? -8.047  7.329   11.307  1.00 20.10 ? 161 GLY A CA  1 
ATOM   307  C C   . GLY A 1 44  ? -7.463  6.058   10.695  1.00 19.40 ? 161 GLY A C   1 
ATOM   308  O O   . GLY A 1 44  ? -6.965  5.184   11.403  1.00 19.70 ? 161 GLY A O   1 
ATOM   309  N N   . SER A 1 45  ? -7.451  5.988   9.367   1.00 18.96 ? 162 SER A N   1 
ATOM   310  C CA  . SER A 1 45  ? -6.939  4.809   8.667   1.00 17.84 ? 162 SER A CA  1 
ATOM   311  C C   . SER A 1 45  ? -5.576  5.070   8.029   1.00 16.74 ? 162 SER A C   1 
ATOM   312  O O   . SER A 1 45  ? -5.050  6.187   8.100   1.00 12.76 ? 162 SER A O   1 
ATOM   313  C CB  . SER A 1 45  ? -7.912  4.400   7.572   1.00 19.23 ? 162 SER A CB  1 
ATOM   314  O OG  . SER A 1 45  ? -9.178  4.182   8.123   1.00 22.21 ? 162 SER A OG  1 
ATOM   315  N N   . PHE A 1 46  ? -5.033  4.044   7.378   1.00 14.76 ? 163 PHE A N   1 
ATOM   316  C CA  . PHE A 1 46  ? -3.821  4.200   6.578   1.00 14.15 ? 163 PHE A CA  1 
ATOM   317  C C   . PHE A 1 46  ? -4.137  3.771   5.139   1.00 13.59 ? 163 PHE A C   1 
ATOM   318  O O   . PHE A 1 46  ? -5.190  3.200   4.879   1.00 12.03 ? 163 PHE A O   1 
ATOM   319  C CB  . PHE A 1 46  ? -2.648  3.359   7.157   1.00 14.95 ? 163 PHE A CB  1 
ATOM   320  C CG  . PHE A 1 46  ? -2.252  3.741   8.578   1.00 16.11 ? 163 PHE A CG  1 
ATOM   321  C CD1 . PHE A 1 46  ? -1.378  4.781   8.811   1.00 15.52 ? 163 PHE A CD1 1 
ATOM   322  C CD2 . PHE A 1 46  ? -2.901  3.173   9.670   1.00 17.59 ? 163 PHE A CD2 1 
ATOM   323  C CE1 . PHE A 1 46  ? -1.182  5.271   10.106  1.00 17.22 ? 163 PHE A CE1 1 
ATOM   324  C CE2 . PHE A 1 46  ? -2.706  3.666   10.961  1.00 17.43 ? 163 PHE A CE2 1 
ATOM   325  C CZ  . PHE A 1 46  ? -1.850  4.717   11.170  1.00 15.66 ? 163 PHE A CZ  1 
ATOM   326  N N   . SER A 1 47  ? -3.296  4.204   4.202   1.00 12.63 ? 164 SER A N   1 
ATOM   327  C CA  . SER A 1 47  ? -3.408  3.870   2.790   1.00 11.99 ? 164 SER A CA  1 
ATOM   328  C C   . SER A 1 47  ? -2.071  3.350   2.317   1.00 13.24 ? 164 SER A C   1 
ATOM   329  O O   . SER A 1 47  ? -1.025  3.869   2.717   1.00 11.34 ? 164 SER A O   1 
ATOM   330  C CB  . SER A 1 47  ? -3.773  5.093   1.962   1.00 9.87  ? 164 SER A CB  1 
ATOM   331  O OG  . SER A 1 47  ? -5.049  5.562   2.328   1.00 10.52 ? 164 SER A OG  1 
ATOM   332  N N   . LEU A 1 48  ? -2.112  2.238   1.595   1.00 13.12 ? 165 LEU A N   1 
ATOM   333  C CA  . LEU A 1 48  ? -0.934  1.665   0.957   1.00 13.38 ? 165 LEU A CA  1 
ATOM   334  C C   . LEU A 1 48  ? -0.854  2.073   -0.499  1.00 13.05 ? 165 LEU A C   1 
ATOM   335  O O   . LEU A 1 48  ? -1.794  1.863   -1.256  1.00 12.60 ? 165 LEU A O   1 
ATOM   336  C CB  . LEU A 1 48  ? -0.968  0.148   1.069   1.00 15.22 ? 165 LEU A CB  1 
ATOM   337  C CG  . LEU A 1 48  ? -0.016  -0.642  0.161   1.00 16.64 ? 165 LEU A CG  1 
ATOM   338  C CD1 . LEU A 1 48  ? 1.358   -0.805  0.819   1.00 19.32 ? 165 LEU A CD1 1 
ATOM   339  C CD2 . LEU A 1 48  ? -0.639  -1.988  -0.100  1.00 19.17 ? 165 LEU A CD2 1 
ATOM   340  N N   . SER A 1 49  ? 0.233   2.745   -0.857  1.00 12.56 ? 166 SER A N   1 
ATOM   341  C CA  . SER A 1 49  ? 0.447   3.199   -2.240  1.00 13.51 ? 166 SER A CA  1 
ATOM   342  C C   . SER A 1 49  ? 1.546   2.352   -2.871  1.00 12.78 ? 166 SER A C   1 
ATOM   343  O O   . SER A 1 49  ? 2.600   2.155   -2.270  1.00 9.84  ? 166 SER A O   1 
ATOM   344  C CB  . SER A 1 49  ? 0.867   4.674   -2.275  1.00 14.12 ? 166 SER A CB  1 
ATOM   345  O OG  . SER A 1 49  ? -0.186  5.530   -1.857  1.00 15.90 ? 166 SER A OG  1 
ATOM   346  N N   . VAL A 1 50  ? 1.261   1.757   -4.024  1.00 11.71 ? 167 VAL A N   1 
ATOM   347  C CA  . VAL A 1 50  ? 2.192   0.796   -4.611  1.00 11.78 ? 167 VAL A CA  1 
ATOM   348  C C   . VAL A 1 50  ? 2.350   1.068   -6.096  1.00 13.73 ? 167 VAL A C   1 
ATOM   349  O O   . VAL A 1 50  ? 1.387   1.463   -6.753  1.00 12.59 ? 167 VAL A O   1 
ATOM   350  C CB  . VAL A 1 50  ? 1.731   -0.703  -4.364  1.00 12.61 ? 167 VAL A CB  1 
ATOM   351  C CG1 . VAL A 1 50  ? 0.405   -0.977  -5.066  1.00 12.00 ? 167 VAL A CG1 1 
ATOM   352  C CG2 . VAL A 1 50  ? 2.819   -1.704  -4.816  1.00 9.98  ? 167 VAL A CG2 1 
ATOM   353  N N   . ARG A 1 51  ? 3.605   1.072   -6.561  1.00 12.55 ? 168 ARG A N   1 
ATOM   354  C CA  . ARG A 1 51  ? 3.899   1.154   -7.985  1.00 12.84 ? 168 ARG A CA  1 
ATOM   355  C C   . ARG A 1 51  ? 3.713   -0.199  -8.704  1.00 13.31 ? 168 ARG A C   1 
ATOM   356  O O   . ARG A 1 51  ? 4.207   -1.231  -8.244  1.00 13.01 ? 168 ARG A O   1 
ATOM   357  C CB  . ARG A 1 51  ? 5.314   1.712   -8.217  1.00 10.02 ? 168 ARG A CB  1 
ATOM   358  C CG  . ARG A 1 51  ? 5.729   1.646   -9.696  1.00 11.59 ? 168 ARG A CG  1 
ATOM   359  C CD  . ARG A 1 51  ? 6.334   2.916   -10.200 1.00 13.49 ? 168 ARG A CD  1 
ATOM   360  N NE  . ARG A 1 51  ? 7.534   2.637   -10.979 1.00 12.09 ? 168 ARG A NE  1 
ATOM   361  C CZ  . ARG A 1 51  ? 8.298   3.578   -11.523 1.00 14.53 ? 168 ARG A CZ  1 
ATOM   362  N NH1 . ARG A 1 51  ? 9.072   4.286   -10.719 1.00 15.30 ? 168 ARG A NH1 1 
ATOM   363  N NH2 . ARG A 1 51  ? 8.679   3.476   -12.788 1.00 14.89 ? 168 ARG A NH2 1 
ATOM   364  N N   . ASP A 1 52  ? 3.016   -0.186  -9.840  1.00 13.88 ? 169 ASP A N   1 
ATOM   365  C CA  . ASP A 1 52  ? 2.628   -1.415  -10.533 1.00 13.81 ? 169 ASP A CA  1 
ATOM   366  C C   . ASP A 1 52  ? 2.766   -1.267  -12.053 1.00 14.29 ? 169 ASP A C   1 
ATOM   367  O O   . ASP A 1 52  ? 2.955   -0.165  -12.571 1.00 13.92 ? 169 ASP A O   1 
ATOM   368  C CB  . ASP A 1 52  ? 1.176   -1.797  -10.149 1.00 13.39 ? 169 ASP A CB  1 
ATOM   369  C CG  . ASP A 1 52  ? 0.769   -3.226  -10.601 1.00 15.45 ? 169 ASP A CG  1 
ATOM   370  O OD1 . ASP A 1 52  ? 1.618   -4.118  -10.731 1.00 13.55 ? 169 ASP A OD1 1 
ATOM   371  O OD2 . ASP A 1 52  ? -0.433  -3.473  -10.809 1.00 17.77 ? 169 ASP A OD2 1 
ATOM   372  N N   . PHE A 1 53  ? 2.776   -2.402  -12.742 1.00 15.17 ? 170 PHE A N   1 
ATOM   373  C CA  . PHE A 1 53  ? 2.846   -2.450  -14.194 1.00 16.15 ? 170 PHE A CA  1 
ATOM   374  C C   . PHE A 1 53  ? 1.484   -2.868  -14.789 1.00 18.58 ? 170 PHE A C   1 
ATOM   375  O O   . PHE A 1 53  ? 0.904   -3.861  -14.398 1.00 18.76 ? 170 PHE A O   1 
ATOM   376  C CB  . PHE A 1 53  ? 3.959   -3.437  -14.603 1.00 16.09 ? 170 PHE A CB  1 
ATOM   377  C CG  . PHE A 1 53  ? 4.047   -3.698  -16.076 1.00 13.80 ? 170 PHE A CG  1 
ATOM   378  C CD1 . PHE A 1 53  ? 4.702   -2.818  -16.910 1.00 14.89 ? 170 PHE A CD1 1 
ATOM   379  C CD2 . PHE A 1 53  ? 3.479   -4.832  -16.617 1.00 15.92 ? 170 PHE A CD2 1 
ATOM   380  C CE1 . PHE A 1 53  ? 4.786   -3.060  -18.277 1.00 16.83 ? 170 PHE A CE1 1 
ATOM   381  C CE2 . PHE A 1 53  ? 3.561   -5.081  -17.984 1.00 16.06 ? 170 PHE A CE2 1 
ATOM   382  C CZ  . PHE A 1 53  ? 4.209   -4.194  -18.815 1.00 16.09 ? 170 PHE A CZ  1 
ATOM   383  N N   . ASP A 1 54  ? 0.904   -1.990  -15.592 1.00 21.75 ? 171 ASP A N   1 
ATOM   384  C CA  . ASP A 1 54  ? -0.336  -2.253  -16.307 1.00 24.28 ? 171 ASP A CA  1 
ATOM   385  C C   . ASP A 1 54  ? -0.016  -2.674  -17.731 1.00 26.95 ? 171 ASP A C   1 
ATOM   386  O O   . ASP A 1 54  ? 0.637   -1.914  -18.474 1.00 23.19 ? 171 ASP A O   1 
ATOM   387  C CB  . ASP A 1 54  ? -1.134  -0.965  -16.356 1.00 28.63 ? 171 ASP A CB  1 
ATOM   388  C CG  . ASP A 1 54  ? -2.516  -1.132  -16.990 1.00 32.79 ? 171 ASP A CG  1 
ATOM   389  O OD1 . ASP A 1 54  ? -2.622  -1.630  -18.136 1.00 33.52 ? 171 ASP A OD1 1 
ATOM   390  O OD2 . ASP A 1 54  ? -3.496  -0.646  -16.370 1.00 38.09 ? 171 ASP A OD2 1 
ATOM   391  N N   . GLN A 1 55  ? -0.609  -3.793  -18.150 1.00 29.80 ? 172 GLN A N   1 
ATOM   392  C CA  . GLN A 1 55  ? -0.421  -4.303  -19.501 1.00 33.29 ? 172 GLN A CA  1 
ATOM   393  C C   . GLN A 1 55  ? -0.464  -3.232  -20.593 1.00 35.13 ? 172 GLN A C   1 
ATOM   394  O O   . GLN A 1 55  ? 0.480   -3.099  -21.366 1.00 35.61 ? 172 GLN A O   1 
ATOM   395  C CB  . GLN A 1 55  ? -1.419  -5.414  -19.792 1.00 36.65 ? 172 GLN A CB  1 
ATOM   396  C CG  . GLN A 1 55  ? -0.768  -6.791  -19.794 1.00 39.08 ? 172 GLN A CG  1 
ATOM   397  C CD  . GLN A 1 55  ? -1.733  -7.912  -20.069 1.00 39.86 ? 172 GLN A CD  1 
ATOM   398  O OE1 . GLN A 1 55  ? -1.746  -8.462  -21.171 1.00 38.25 ? 172 GLN A OE1 1 
ATOM   399  N NE2 . GLN A 1 55  ? -2.605  -8.168  -19.134 1.00 40.09 ? 172 GLN A NE2 1 
ATOM   400  N N   . ASN A 1 56  ? -1.507  -2.420  -20.632 1.00 37.19 ? 173 ASN A N   1 
ATOM   401  C CA  . ASN A 1 56  ? -1.525  -1.420  -21.684 1.00 39.82 ? 173 ASN A CA  1 
ATOM   402  C C   . ASN A 1 56  ? -1.114  0.008   -21.297 1.00 39.17 ? 173 ASN A C   1 
ATOM   403  O O   . ASN A 1 56  ? -0.894  0.837   -22.186 1.00 41.86 ? 173 ASN A O   1 
ATOM   404  C CB  . ASN A 1 56  ? -2.870  -1.424  -22.434 1.00 44.62 ? 173 ASN A CB  1 
ATOM   405  C CG  . ASN A 1 56  ? -4.073  -1.138  -21.530 1.00 49.08 ? 173 ASN A CG  1 
ATOM   406  O OD1 . ASN A 1 56  ? -3.918  -0.878  -20.333 1.00 53.18 ? 173 ASN A OD1 1 
ATOM   407  N ND2 . ASN A 1 56  ? -5.271  -1.134  -22.111 1.00 53.05 ? 173 ASN A ND2 1 
ATOM   408  N N   . GLN A 1 57  ? -0.934  0.301   -20.007 1.00 37.16 ? 174 GLN A N   1 
ATOM   409  C CA  . GLN A 1 57  ? -0.656  1.684   -19.598 1.00 33.96 ? 174 GLN A CA  1 
ATOM   410  C C   . GLN A 1 57  ? 0.739   2.037   -19.065 1.00 32.09 ? 174 GLN A C   1 
ATOM   411  O O   . GLN A 1 57  ? 1.122   3.215   -19.018 1.00 32.67 ? 174 GLN A O   1 
ATOM   412  C CB  . GLN A 1 57  ? -1.720  2.149   -18.617 1.00 36.32 ? 174 GLN A CB  1 
ATOM   413  C CG  . GLN A 1 57  ? -3.089  2.262   -19.254 1.00 40.26 ? 174 GLN A CG  1 
ATOM   414  C CD  . GLN A 1 57  ? -4.106  2.909   -18.337 1.00 42.73 ? 174 GLN A CD  1 
ATOM   415  O OE1 . GLN A 1 57  ? -4.838  3.813   -18.749 1.00 43.95 ? 174 GLN A OE1 1 
ATOM   416  N NE2 . GLN A 1 57  ? -4.186  2.428   -17.093 1.00 42.24 ? 174 GLN A NE2 1 
ATOM   417  N N   . GLY A 1 58  ? 1.533   1.021   -18.759 1.00 29.79 ? 175 GLY A N   1 
ATOM   418  C CA  . GLY A 1 58  ? 2.878   1.273   -18.284 1.00 25.52 ? 175 GLY A CA  1 
ATOM   419  C C   . GLY A 1 58  ? 2.922   1.376   -16.775 1.00 23.44 ? 175 GLY A C   1 
ATOM   420  O O   . GLY A 1 58  ? 2.210   0.645   -16.087 1.00 25.04 ? 175 GLY A O   1 
ATOM   421  N N   . GLU A 1 59  ? 3.709   2.317   -16.255 1.00 22.69 ? 176 GLU A N   1 
ATOM   422  C CA  . GLU A 1 59  ? 3.877   2.477   -14.806 1.00 22.66 ? 176 GLU A CA  1 
ATOM   423  C C   . GLU A 1 59  ? 2.679   3.207   -14.234 1.00 21.72 ? 176 GLU A C   1 
ATOM   424  O O   . GLU A 1 59  ? 2.219   4.194   -14.816 1.00 20.80 ? 176 GLU A O   1 
ATOM   425  C CB  . GLU A 1 59  ? 5.161   3.253   -14.460 1.00 20.62 ? 176 GLU A CB  1 
ATOM   426  C CG  . GLU A 1 59  ? 6.474   2.638   -14.974 1.00 20.76 ? 176 GLU A CG  1 
ATOM   427  C CD  . GLU A 1 59  ? 6.734   1.219   -14.479 1.00 18.16 ? 176 GLU A CD  1 
ATOM   428  O OE1 . GLU A 1 59  ? 7.067   1.029   -13.297 1.00 15.22 ? 176 GLU A OE1 1 
ATOM   429  O OE2 . GLU A 1 59  ? 6.771   0.293   -15.317 1.00 22.46 ? 176 GLU A OE2 1 
ATOM   430  N N   . VAL A 1 60  ? 2.076   2.597   -13.211 1.00 21.66 ? 177 VAL A N   1 
ATOM   431  C CA  . VAL A 1 60  ? 0.926   3.169   -12.509 1.00 19.73 ? 177 VAL A CA  1 
ATOM   432  C C   . VAL A 1 60  ? 1.008   2.961   -10.995 1.00 18.99 ? 177 VAL A C   1 
ATOM   433  O O   . VAL A 1 60  ? 1.629   2.024   -10.514 1.00 19.02 ? 177 VAL A O   1 
ATOM   434  C CB  . VAL A 1 60  ? -0.417  2.571   -13.011 1.00 19.28 ? 177 VAL A CB  1 
ATOM   435  C CG1 . VAL A 1 60  ? -0.666  2.989   -14.458 1.00 19.46 ? 177 VAL A CG1 1 
ATOM   436  C CG2 . VAL A 1 60  ? -0.430  1.052   -12.855 1.00 17.45 ? 177 VAL A CG2 1 
ATOM   437  N N   . VAL A 1 61  ? 0.451   3.908   -10.254 1.00 17.32 ? 178 VAL A N   1 
ATOM   438  C CA  . VAL A 1 61  ? 0.340   3.793   -8.800  1.00 15.67 ? 178 VAL A CA  1 
ATOM   439  C C   . VAL A 1 61  ? -1.083  3.396   -8.385  1.00 13.65 ? 178 VAL A C   1 
ATOM   440  O O   . VAL A 1 61  ? -2.053  3.983   -8.864  1.00 13.01 ? 178 VAL A O   1 
ATOM   441  C CB  . VAL A 1 61  ? 0.691   5.126   -8.112  1.00 14.42 ? 178 VAL A CB  1 
ATOM   442  C CG1 . VAL A 1 61  ? 0.643   4.958   -6.612  1.00 12.90 ? 178 VAL A CG1 1 
ATOM   443  C CG2 . VAL A 1 61  ? 2.051   5.623   -8.583  1.00 14.38 ? 178 VAL A CG2 1 
ATOM   444  N N   . LYS A 1 62  ? -1.193  2.419   -7.487  1.00 11.55 ? 179 LYS A N   1 
ATOM   445  C CA  . LYS A 1 62  ? -2.494  1.975   -6.986  1.00 12.38 ? 179 LYS A CA  1 
ATOM   446  C C   . LYS A 1 62  ? -2.572  2.130   -5.474  1.00 10.86 ? 179 LYS A C   1 
ATOM   447  O O   . LYS A 1 62  ? -1.540  2.215   -4.796  1.00 12.14 ? 179 LYS A O   1 
ATOM   448  C CB  . LYS A 1 62  ? -2.733  0.528   -7.405  1.00 10.47 ? 179 LYS A CB  1 
ATOM   449  C CG  . LYS A 1 62  ? -2.753  0.364   -8.915  1.00 13.22 ? 179 LYS A CG  1 
ATOM   450  C CD  . LYS A 1 62  ? -3.246  -0.968  -9.335  1.00 15.16 ? 179 LYS A CD  1 
ATOM   451  C CE  . LYS A 1 62  ? -3.181  -1.121  -10.840 1.00 18.61 ? 179 LYS A CE  1 
ATOM   452  N NZ  . LYS A 1 62  ? -3.510  -2.526  -11.227 1.00 20.55 ? 179 LYS A NZ  1 
ATOM   453  N N   . HIS A 1 63  ? -3.780  2.320   -4.959  1.00 11.04 ? 180 HIS A N   1 
ATOM   454  C CA  . HIS A 1 63  ? -3.940  2.671   -3.541  1.00 13.22 ? 180 HIS A CA  1 
ATOM   455  C C   . HIS A 1 63  ? -4.937  1.715   -2.878  1.00 12.70 ? 180 HIS A C   1 
ATOM   456  O O   . HIS A 1 63  ? -5.963  1.399   -3.449  1.00 14.67 ? 180 HIS A O   1 
ATOM   457  C CB  . HIS A 1 63  ? -4.448  4.105   -3.415  1.00 12.07 ? 180 HIS A CB  1 
ATOM   458  C CG  . HIS A 1 63  ? -3.544  5.111   -4.118  1.00 14.45 ? 180 HIS A CG  1 
ATOM   459  N ND1 . HIS A 1 63  ? -2.493  5.734   -3.457  1.00 15.40 ? 180 HIS A ND1 1 
ATOM   460  C CD2 . HIS A 1 63  ? -3.535  5.586   -5.388  1.00 13.16 ? 180 HIS A CD2 1 
ATOM   461  C CE1 . HIS A 1 63  ? -1.892  6.539   -4.311  1.00 13.23 ? 180 HIS A CE1 1 
ATOM   462  N NE2 . HIS A 1 63  ? -2.501  6.462   -5.469  1.00 13.59 ? 180 HIS A NE2 1 
ATOM   463  N N   . TYR A 1 64  ? -4.553  1.171   -1.726  1.00 14.11 ? 181 TYR A N   1 
ATOM   464  C CA  . TYR A 1 64  ? -5.431  0.306   -0.918  1.00 13.85 ? 181 TYR A CA  1 
ATOM   465  C C   . TYR A 1 64  ? -5.700  0.956   0.426   1.00 15.19 ? 181 TYR A C   1 
ATOM   466  O O   . TYR A 1 64  ? -4.785  1.540   1.025   1.00 14.28 ? 181 TYR A O   1 
ATOM   467  C CB  . TYR A 1 64  ? -4.770  -1.041  -0.626  1.00 12.67 ? 181 TYR A CB  1 
ATOM   468  C CG  . TYR A 1 64  ? -4.610  -1.928  -1.818  1.00 13.47 ? 181 TYR A CG  1 
ATOM   469  C CD1 . TYR A 1 64  ? -3.567  -1.722  -2.731  1.00 13.36 ? 181 TYR A CD1 1 
ATOM   470  C CD2 . TYR A 1 64  ? -5.536  -2.940  -2.076  1.00 12.46 ? 181 TYR A CD2 1 
ATOM   471  C CE1 . TYR A 1 64  ? -3.471  -2.489  -3.871  1.00 14.65 ? 181 TYR A CE1 1 
ATOM   472  C CE2 . TYR A 1 64  ? -5.448  -3.722  -3.219  1.00 13.39 ? 181 TYR A CE2 1 
ATOM   473  C CZ  . TYR A 1 64  ? -4.420  -3.485  -4.117  1.00 15.75 ? 181 TYR A CZ  1 
ATOM   474  O OH  . TYR A 1 64  ? -4.363  -4.176  -5.299  1.00 13.92 ? 181 TYR A OH  1 
ATOM   475  N N   . LYS A 1 65  ? -6.853  0.627   1.001   1.00 14.33 ? 182 LYS A N   1 
ATOM   476  C CA  . LYS A 1 65  ? -7.180  1.077   2.342   1.00 16.22 ? 182 LYS A CA  1 
ATOM   477  C C   . LYS A 1 65  ? -6.755  0.052   3.399   1.00 15.31 ? 182 LYS A C   1 
ATOM   478  O O   . LYS A 1 65  ? -6.938  -1.158  3.238   1.00 14.11 ? 182 LYS A O   1 
ATOM   479  C CB  . LYS A 1 65  ? -8.676  1.382   2.457   1.00 19.43 ? 182 LYS A CB  1 
ATOM   480  C CG  . LYS A 1 65  ? -8.994  2.448   3.463   1.00 25.06 ? 182 LYS A CG  1 
ATOM   481  C CD  . LYS A 1 65  ? -8.695  3.817   2.889   1.00 29.98 ? 182 LYS A CD  1 
ATOM   482  C CE  . LYS A 1 65  ? -9.510  4.873   3.623   1.00 32.63 ? 182 LYS A CE  1 
ATOM   483  N NZ  . LYS A 1 65  ? -9.596  6.162   2.880   1.00 33.01 ? 182 LYS A NZ  1 
ATOM   484  N N   . ILE A 1 66  ? -5.972  0.533   4.354   1.00 14.65 ? 183 ILE A N   1 
ATOM   485  C CA  . ILE A 1 66  ? -5.609  -0.268  5.501   1.00 13.70 ? 183 ILE A CA  1 
ATOM   486  C C   . ILE A 1 66  ? -6.467  0.170   6.662   1.00 14.86 ? 183 ILE A C   1 
ATOM   487  O O   . ILE A 1 66  ? -6.492  1.339   7.043   1.00 15.28 ? 183 ILE A O   1 
ATOM   488  C CB  . ILE A 1 66  ? -4.110  -0.146  5.872   1.00 13.28 ? 183 ILE A CB  1 
ATOM   489  C CG1 . ILE A 1 66  ? -3.238  -0.485  4.660   1.00 11.37 ? 183 ILE A CG1 1 
ATOM   490  C CG2 . ILE A 1 66  ? -3.789  -1.109  7.044   1.00 14.16 ? 183 ILE A CG2 1 
ATOM   491  C CD1 . ILE A 1 66  ? -1.736  -0.610  4.987   1.00 15.00 ? 183 ILE A CD1 1 
ATOM   492  N N   . ARG A 1 67  ? -7.268  -0.768  7.132   1.00 15.41 ? 184 ARG A N   1 
ATOM   493  C CA  . ARG A 1 67  ? -8.293  -0.491  8.118   1.00 18.99 ? 184 ARG A CA  1 
ATOM   494  C C   . ARG A 1 67  ? -7.942  -1.080  9.480   1.00 19.85 ? 184 ARG A C   1 
ATOM   495  O O   . ARG A 1 67  ? -7.076  -1.943  9.601   1.00 18.30 ? 184 ARG A O   1 
ATOM   496  C CB  . ARG A 1 67  ? -9.627  -1.032  7.612   1.00 18.71 ? 184 ARG A CB  1 
ATOM   497  C CG  . ARG A 1 67  ? -9.964  -0.505  6.226   1.00 24.96 ? 184 ARG A CG  1 
ATOM   498  C CD  . ARG A 1 67  ? -10.978 -1.354  5.541   1.00 29.47 ? 184 ARG A CD  1 
ATOM   499  N NE  . ARG A 1 67  ? -12.352 -0.898  5.730   1.00 34.44 ? 184 ARG A NE  1 
ATOM   500  C CZ  . ARG A 1 67  ? -12.929 0.068   5.019   1.00 36.16 ? 184 ARG A CZ  1 
ATOM   501  N NH1 . ARG A 1 67  ? -13.090 -0.141  3.711   1.00 37.37 ? 184 ARG A NH1 1 
ATOM   502  N NH2 . ARG A 1 67  ? -13.788 0.903   5.623   1.00 36.86 ? 184 ARG A NH2 1 
ATOM   503  N N   . ASN A 1 68  ? -8.542  -0.523  10.516  1.00 22.49 ? 185 ASN A N   1 
ATOM   504  C CA  . ASN A 1 68  ? -8.282  -0.958  11.883  1.00 24.61 ? 185 ASN A CA  1 
ATOM   505  C C   . ASN A 1 68  ? -9.309  -1.966  12.359  1.00 25.38 ? 185 ASN A C   1 
ATOM   506  O O   . ASN A 1 68  ? -10.478 -1.833  12.074  1.00 23.27 ? 185 ASN A O   1 
ATOM   507  C CB  . ASN A 1 68  ? -8.268  0.263   12.787  1.00 26.11 ? 185 ASN A CB  1 
ATOM   508  C CG  . ASN A 1 68  ? -7.382  1.344   12.241  1.00 27.60 ? 185 ASN A CG  1 
ATOM   509  O OD1 . ASN A 1 68  ? -7.768  2.080   11.322  1.00 32.42 ? 185 ASN A OD1 1 
ATOM   510  N ND2 . ASN A 1 68  ? -6.128  1.304   12.626  1.00 27.15 ? 185 ASN A ND2 1 
ATOM   511  N N   . LEU A 1 69  ? -8.815  -3.097  12.829  1.00 29.43 ? 186 LEU A N   1 
ATOM   512  C CA  . LEU A 1 69  ? -9.612  -3.994  13.628  1.00 34.88 ? 186 LEU A CA  1 
ATOM   513  C C   . LEU A 1 69  ? -9.482  -3.439  15.029  1.00 39.39 ? 186 LEU A C   1 
ATOM   514  O O   . LEU A 1 69  ? -8.514  -2.711  15.328  1.00 41.43 ? 186 LEU A O   1 
ATOM   515  C CB  . LEU A 1 69  ? -9.051  -5.412  13.558  1.00 34.98 ? 186 LEU A CB  1 
ATOM   516  C CG  . LEU A 1 69  ? -10.161 -6.440  13.361  1.00 35.30 ? 186 LEU A CG  1 
ATOM   517  C CD1 . LEU A 1 69  ? -11.222 -5.860  12.461  1.00 35.68 ? 186 LEU A CD1 1 
ATOM   518  C CD2 . LEU A 1 69  ? -9.603  -7.702  12.773  1.00 36.13 ? 186 LEU A CD2 1 
ATOM   519  N N   . ASP A 1 70  ? -10.396 -3.762  15.928  1.00 43.61 ? 187 ASP A N   1 
ATOM   520  C CA  . ASP A 1 70  ? -10.412 -2.973  17.155  1.00 47.41 ? 187 ASP A CA  1 
ATOM   521  C C   . ASP A 1 70  ? -9.280  -3.176  18.161  1.00 49.39 ? 187 ASP A C   1 
ATOM   522  O O   . ASP A 1 70  ? -9.076  -4.251  18.723  1.00 48.25 ? 187 ASP A O   1 
ATOM   523  C CB  . ASP A 1 70  ? -11.790 -2.987  17.812  1.00 49.11 ? 187 ASP A CB  1 
ATOM   524  C CG  . ASP A 1 70  ? -12.808 -2.129  17.053  1.00 52.47 ? 187 ASP A CG  1 
ATOM   525  O OD1 . ASP A 1 70  ? -12.513 -0.936  16.772  1.00 50.95 ? 187 ASP A OD1 1 
ATOM   526  O OD2 . ASP A 1 70  ? -13.916 -2.642  16.754  1.00 56.40 ? 187 ASP A OD2 1 
ATOM   527  N N   . ASN A 1 71  ? -8.751  -2.018  18.555  1.00 51.90 ? 188 ASN A N   1 
ATOM   528  C CA  . ASN A 1 71  ? -7.370  -1.827  19.002  1.00 52.29 ? 188 ASN A CA  1 
ATOM   529  C C   . ASN A 1 71  ? -6.365  -2.168  17.915  1.00 51.00 ? 188 ASN A C   1 
ATOM   530  O O   . ASN A 1 71  ? -6.410  -1.565  16.856  1.00 51.87 ? 188 ASN A O   1 
ATOM   531  C CB  . ASN A 1 71  ? -7.053  -2.593  20.296  1.00 54.17 ? 188 ASN A CB  1 
ATOM   532  C CG  . ASN A 1 71  ? -6.460  -1.677  21.358  1.00 55.00 ? 188 ASN A CG  1 
ATOM   533  O OD1 . ASN A 1 71  ? -7.089  -0.684  21.720  1.00 56.47 ? 188 ASN A OD1 1 
ATOM   534  N ND2 . ASN A 1 71  ? -5.190  -1.887  21.696  1.00 55.21 ? 188 ASN A ND2 1 
ATOM   535  N N   . GLY A 1 72  ? -5.691  -3.302  18.085  1.00 48.60 ? 189 GLY A N   1 
ATOM   536  C CA  . GLY A 1 72  ? -4.402  -3.484  17.465  1.00 45.16 ? 189 GLY A CA  1 
ATOM   537  C C   . GLY A 1 72  ? -4.424  -4.486  16.352  1.00 41.57 ? 189 GLY A C   1 
ATOM   538  O O   . GLY A 1 72  ? -3.892  -5.583  16.534  1.00 44.64 ? 189 GLY A O   1 
ATOM   539  N N   . GLY A 1 73  ? -5.276  -4.263  15.362  1.00 36.88 ? 190 GLY A N   1 
ATOM   540  C CA  . GLY A 1 73  ? -5.340  -5.197  14.247  1.00 31.12 ? 190 GLY A CA  1 
ATOM   541  C C   . GLY A 1 73  ? -5.433  -4.439  12.950  1.00 26.18 ? 190 GLY A C   1 
ATOM   542  O O   . GLY A 1 73  ? -6.215  -3.520  12.853  1.00 27.09 ? 190 GLY A O   1 
ATOM   543  N N   . PHE A 1 74  ? -4.555  -4.732  12.009  1.00 21.54 ? 191 PHE A N   1 
ATOM   544  C CA  . PHE A 1 74  ? -4.675  -4.150  10.678  1.00 17.64 ? 191 PHE A CA  1 
ATOM   545  C C   . PHE A 1 74  ? -5.093  -5.150  9.615   1.00 15.20 ? 191 PHE A C   1 
ATOM   546  O O   . PHE A 1 74  ? -4.749  -6.319  9.691   1.00 14.68 ? 191 PHE A O   1 
ATOM   547  C CB  . PHE A 1 74  ? -3.370  -3.492  10.296  1.00 16.08 ? 191 PHE A CB  1 
ATOM   548  C CG  . PHE A 1 74  ? -3.010  -2.389  11.215  1.00 16.80 ? 191 PHE A CG  1 
ATOM   549  C CD1 . PHE A 1 74  ? -3.579  -1.147  11.055  1.00 17.21 ? 191 PHE A CD1 1 
ATOM   550  C CD2 . PHE A 1 74  ? -2.129  -2.598  12.249  1.00 14.73 ? 191 PHE A CD2 1 
ATOM   551  C CE1 . PHE A 1 74  ? -3.262  -0.124  11.898  1.00 17.95 ? 191 PHE A CE1 1 
ATOM   552  C CE2 . PHE A 1 74  ? -1.806  -1.570  13.105  1.00 18.58 ? 191 PHE A CE2 1 
ATOM   553  C CZ  . PHE A 1 74  ? -2.369  -0.324  12.920  1.00 17.50 ? 191 PHE A CZ  1 
ATOM   554  N N   . TYR A 1 75  ? -5.850  -4.674  8.636   1.00 14.04 ? 192 TYR A N   1 
ATOM   555  C CA  . TYR A 1 75  ? -6.089  -5.426  7.416   1.00 12.67 ? 192 TYR A CA  1 
ATOM   556  C C   . TYR A 1 75  ? -6.380  -4.544  6.206   1.00 12.66 ? 192 TYR A C   1 
ATOM   557  O O   . TYR A 1 75  ? -6.744  -3.369  6.327   1.00 11.95 ? 192 TYR A O   1 
ATOM   558  C CB  . TYR A 1 75  ? -7.238  -6.422  7.599   1.00 12.34 ? 192 TYR A CB  1 
ATOM   559  C CG  . TYR A 1 75  ? -8.570  -5.755  7.795   1.00 12.16 ? 192 TYR A CG  1 
ATOM   560  C CD1 . TYR A 1 75  ? -8.937  -5.241  9.043   1.00 14.53 ? 192 TYR A CD1 1 
ATOM   561  C CD2 . TYR A 1 75  ? -9.427  -5.564  6.726   1.00 10.31 ? 192 TYR A CD2 1 
ATOM   562  C CE1 . TYR A 1 75  ? -10.112 -4.555  9.203   1.00 17.09 ? 192 TYR A CE1 1 
ATOM   563  C CE2 . TYR A 1 75  ? -10.606 -4.889  6.874   1.00 14.30 ? 192 TYR A CE2 1 
ATOM   564  C CZ  . TYR A 1 75  ? -10.946 -4.378  8.110   1.00 16.58 ? 192 TYR A CZ  1 
ATOM   565  O OH  . TYR A 1 75  ? -12.104 -3.646  8.253   1.00 19.18 ? 192 TYR A OH  1 
ATOM   566  N N   . ILE A 1 76  ? -6.193  -5.143  5.035   1.00 12.61 ? 193 ILE A N   1 
ATOM   567  C CA  . ILE A 1 76  ? -6.678  -4.615  3.763   1.00 13.39 ? 193 ILE A CA  1 
ATOM   568  C C   . ILE A 1 76  ? -7.995  -5.352  3.415   1.00 12.59 ? 193 ILE A C   1 
ATOM   569  O O   . ILE A 1 76  ? -9.040  -4.729  3.257   1.00 14.26 ? 193 ILE A O   1 
ATOM   570  C CB  . ILE A 1 76  ? -5.585  -4.818  2.659   1.00 11.64 ? 193 ILE A CB  1 
ATOM   571  C CG1 . ILE A 1 76  ? -4.326  -4.077  3.101   1.00 12.29 ? 193 ILE A CG1 1 
ATOM   572  C CG2 . ILE A 1 76  ? -6.072  -4.337  1.254   1.00 8.34  ? 193 ILE A CG2 1 
ATOM   573  C CD1 . ILE A 1 76  ? -3.274  -4.001  2.037   1.00 14.53 ? 193 ILE A CD1 1 
ATOM   574  N N   . SER A 1 77  ? -7.945  -6.679  3.499   1.00 12.48 ? 194 SER A N   1 
ATOM   575  C CA  . SER A 1 77  ? -9.120  -7.545  3.432   1.00 14.25 ? 194 SER A CA  1 
ATOM   576  C C   . SER A 1 77  ? -9.238  -8.314  4.753   1.00 16.95 ? 194 SER A C   1 
ATOM   577  O O   . SER A 1 77  ? -8.231  -8.820  5.265   1.00 14.69 ? 194 SER A O   1 
ATOM   578  C CB  . SER A 1 77  ? -8.974  -8.533  2.271   1.00 12.28 ? 194 SER A CB  1 
ATOM   579  O OG  . SER A 1 77  ? -9.750  -9.694  2.478   1.00 15.70 ? 194 SER A OG  1 
ATOM   580  N N   . PRO A 1 78  ? -10.458 -8.372  5.349   1.00 17.38 ? 195 PRO A N   1 
ATOM   581  C CA  . PRO A 1 78  ? -10.686 -9.040  6.645   1.00 17.78 ? 195 PRO A CA  1 
ATOM   582  C C   . PRO A 1 78  ? -10.319 -10.537 6.647   1.00 18.51 ? 195 PRO A C   1 
ATOM   583  O O   . PRO A 1 78  ? -10.170 -11.144 7.698   1.00 20.40 ? 195 PRO A O   1 
ATOM   584  C CB  . PRO A 1 78  ? -12.179 -8.793  6.922   1.00 17.27 ? 195 PRO A CB  1 
ATOM   585  C CG  . PRO A 1 78  ? -12.757 -8.409  5.592   1.00 16.70 ? 195 PRO A CG  1 
ATOM   586  C CD  . PRO A 1 78  ? -11.679 -7.706  4.857   1.00 17.52 ? 195 PRO A CD  1 
ATOM   587  N N   . ARG A 1 79  ? -10.128 -11.103 5.459   1.00 17.78 ? 196 ARG A N   1 
ATOM   588  C CA  . ARG A 1 79  ? -9.539  -12.431 5.267   1.00 18.37 ? 196 ARG A CA  1 
ATOM   589  C C   . ARG A 1 79  ? -8.292  -12.681 6.112   1.00 16.72 ? 196 ARG A C   1 
ATOM   590  O O   . ARG A 1 79  ? -8.125  -13.774 6.626   1.00 14.81 ? 196 ARG A O   1 
ATOM   591  C CB  . ARG A 1 79  ? -9.172  -12.580 3.800   1.00 20.22 ? 196 ARG A CB  1 
ATOM   592  C CG  . ARG A 1 79  ? -9.211  -13.960 3.231   1.00 25.90 ? 196 ARG A CG  1 
ATOM   593  C CD  . ARG A 1 79  ? -9.819  -13.839 1.813   1.00 28.80 ? 196 ARG A CD  1 
ATOM   594  N NE  . ARG A 1 79  ? -9.229  -12.693 1.105   1.00 27.43 ? 196 ARG A NE  1 
ATOM   595  C CZ  . ARG A 1 79  ? -9.422  -12.437 -0.184  1.00 27.58 ? 196 ARG A CZ  1 
ATOM   596  N NH1 . ARG A 1 79  ? -8.414  -12.634 -1.017  1.00 32.28 ? 196 ARG A NH1 1 
ATOM   597  N NH2 . ARG A 1 79  ? -10.348 -11.557 -0.550  1.00 27.73 ? 196 ARG A NH2 1 
ATOM   598  N N   . ILE A 1 80  ? -7.323  -11.763 6.027   1.00 17.69 ? 197 ILE A N   1 
ATOM   599  C CA  . ILE A 1 80  ? -6.095  -11.828 6.835   1.00 17.57 ? 197 ILE A CA  1 
ATOM   600  C C   . ILE A 1 80  ? -5.891  -10.519 7.546   1.00 18.08 ? 197 ILE A C   1 
ATOM   601  O O   . ILE A 1 80  ? -5.779  -9.482  6.912   1.00 17.75 ? 197 ILE A O   1 
ATOM   602  C CB  . ILE A 1 80  ? -4.777  -12.043 6.026   1.00 17.87 ? 197 ILE A CB  1 
ATOM   603  C CG1 . ILE A 1 80  ? -5.044  -12.802 4.737   1.00 21.54 ? 197 ILE A CG1 1 
ATOM   604  C CG2 . ILE A 1 80  ? -3.745  -12.746 6.896   1.00 14.41 ? 197 ILE A CG2 1 
ATOM   605  C CD1 . ILE A 1 80  ? -5.004  -11.919 3.545   1.00 22.07 ? 197 ILE A CD1 1 
ATOM   606  N N   . THR A 1 81  ? -5.668  -10.600 8.849   1.00 18.00 ? 198 THR A N   1 
ATOM   607  C CA  . THR A 1 81  ? -5.427  -9.421  9.669   1.00 18.83 ? 198 THR A CA  1 
ATOM   608  C C   . THR A 1 81  ? -4.064  -9.599  10.323  1.00 17.80 ? 198 THR A C   1 
ATOM   609  O O   . THR A 1 81  ? -3.554  -10.736 10.378  1.00 18.36 ? 198 THR A O   1 
ATOM   610  C CB  . THR A 1 81  ? -6.540  -9.255  10.745  1.00 19.05 ? 198 THR A CB  1 
ATOM   611  O OG1 . THR A 1 81  ? -6.452  -10.321 11.711  1.00 22.78 ? 198 THR A OG1 1 
ATOM   612  C CG2 . THR A 1 81  ? -7.930  -9.273  10.079  1.00 15.27 ? 198 THR A CG2 1 
ATOM   613  N N   . PHE A 1 82  ? -3.442  -8.484  10.723  1.00 17.58 ? 199 PHE A N   1 
ATOM   614  C CA  . PHE A 1 82  ? -2.081  -8.482  11.292  1.00 16.40 ? 199 PHE A CA  1 
ATOM   615  C C   . PHE A 1 82  ? -1.990  -7.667  12.608  1.00 16.15 ? 199 PHE A C   1 
ATOM   616  O O   . PHE A 1 82  ? -2.686  -6.669  12.776  1.00 15.32 ? 199 PHE A O   1 
ATOM   617  C CB  . PHE A 1 82  ? -1.075  -7.911  10.262  1.00 15.97 ? 199 PHE A CB  1 
ATOM   618  C CG  . PHE A 1 82  ? -1.155  -8.549  8.891   1.00 14.14 ? 199 PHE A CG  1 
ATOM   619  C CD1 . PHE A 1 82  ? -0.428  -9.709  8.599   1.00 13.05 ? 199 PHE A CD1 1 
ATOM   620  C CD2 . PHE A 1 82  ? -1.987  -8.011  7.909   1.00 11.43 ? 199 PHE A CD2 1 
ATOM   621  C CE1 . PHE A 1 82  ? -0.543  -10.320 7.360   1.00 14.66 ? 199 PHE A CE1 1 
ATOM   622  C CE2 . PHE A 1 82  ? -2.109  -8.623  6.662   1.00 13.41 ? 199 PHE A CE2 1 
ATOM   623  C CZ  . PHE A 1 82  ? -1.390  -9.779  6.387   1.00 12.38 ? 199 PHE A CZ  1 
ATOM   624  N N   . PRO A 1 83  ? -1.056  -8.035  13.513  1.00 16.15 ? 200 PRO A N   1 
ATOM   625  C CA  . PRO A 1 83  ? -0.892  -7.319  14.789  1.00 14.82 ? 200 PRO A CA  1 
ATOM   626  C C   . PRO A 1 83  ? -0.291  -5.902  14.688  1.00 15.87 ? 200 PRO A C   1 
ATOM   627  O O   . PRO A 1 83  ? -0.357  -5.121  15.633  1.00 18.28 ? 200 PRO A O   1 
ATOM   628  C CB  . PRO A 1 83  ? 0.008   -8.256  15.579  1.00 14.37 ? 200 PRO A CB  1 
ATOM   629  C CG  . PRO A 1 83  ? 0.814   -8.916  14.550  1.00 14.26 ? 200 PRO A CG  1 
ATOM   630  C CD  . PRO A 1 83  ? -0.190  -9.221  13.473  1.00 14.16 ? 200 PRO A CD  1 
ATOM   631  N N   . GLY A 1 84  ? 0.379   -5.616  13.576  1.00 15.74 ? 201 GLY A N   1 
ATOM   632  C CA  . GLY A 1 84  ? 1.031   -4.328  13.373  1.00 14.48 ? 201 GLY A CA  1 
ATOM   633  C C   . GLY A 1 84  ? 1.256   -4.125  11.882  1.00 15.02 ? 201 GLY A C   1 
ATOM   634  O O   . GLY A 1 84  ? 1.063   -5.064  11.107  1.00 12.73 ? 201 GLY A O   1 
ATOM   635  N N   . LEU A 1 85  ? 1.608   -2.913  11.458  1.00 13.87 ? 202 LEU A N   1 
ATOM   636  C CA  . LEU A 1 85  ? 1.812   -2.644  10.030  1.00 15.79 ? 202 LEU A CA  1 
ATOM   637  C C   . LEU A 1 85  ? 3.046   -3.363  9.461   1.00 14.12 ? 202 LEU A C   1 
ATOM   638  O O   . LEU A 1 85  ? 3.131   -3.682  8.274   1.00 12.67 ? 202 LEU A O   1 
ATOM   639  C CB  . LEU A 1 85  ? 1.914   -1.127  9.787   1.00 17.38 ? 202 LEU A CB  1 
ATOM   640  C CG  . LEU A 1 85  ? 0.683   -0.206  9.922   1.00 18.43 ? 202 LEU A CG  1 
ATOM   641  C CD1 . LEU A 1 85  ? 1.111   1.263   9.866   1.00 19.84 ? 202 LEU A CD1 1 
ATOM   642  C CD2 . LEU A 1 85  ? -0.304  -0.520  8.812   1.00 17.66 ? 202 LEU A CD2 1 
ATOM   643  N N   . HIS A 1 86  ? 3.999   -3.646  10.331  1.00 14.95 ? 203 HIS A N   1 
ATOM   644  C CA  . HIS A 1 86  ? 5.195   -4.365  9.941   1.00 15.91 ? 203 HIS A CA  1 
ATOM   645  C C   . HIS A 1 86  ? 4.887   -5.786  9.464   1.00 14.76 ? 203 HIS A C   1 
ATOM   646  O O   . HIS A 1 86  ? 5.512   -6.278  8.522   1.00 15.96 ? 203 HIS A O   1 
ATOM   647  C CB  . HIS A 1 86  ? 6.185   -4.417  11.104  1.00 16.76 ? 203 HIS A CB  1 
ATOM   648  C CG  . HIS A 1 86  ? 7.520   -5.006  10.747  1.00 18.45 ? 203 HIS A CG  1 
ATOM   649  N ND1 . HIS A 1 86  ? 8.481   -4.278  10.098  1.00 20.90 ? 203 HIS A ND1 1 
ATOM   650  C CD2 . HIS A 1 86  ? 7.996   -6.256  10.864  1.00 18.82 ? 203 HIS A CD2 1 
ATOM   651  C CE1 . HIS A 1 86  ? 9.505   -5.059  9.817   1.00 20.45 ? 203 HIS A CE1 1 
ATOM   652  N NE2 . HIS A 1 86  ? 9.242   -6.272  10.274  1.00 21.63 ? 203 HIS A NE2 1 
ATOM   653  N N   . GLU A 1 87  ? 4.014   -6.482  10.167  1.00 13.27 ? 204 GLU A N   1 
ATOM   654  C CA  . GLU A 1 87  ? 3.667   -7.832  9.729   1.00 14.93 ? 204 GLU A CA  1 
ATOM   655  C C   . GLU A 1 87  ? 2.850   -7.838  8.428   1.00 13.81 ? 204 GLU A C   1 
ATOM   656  O O   . GLU A 1 87  ? 2.990   -8.737  7.603   1.00 14.53 ? 204 GLU A O   1 
ATOM   657  C CB  . GLU A 1 87  ? 2.925   -8.584  10.845  1.00 19.53 ? 204 GLU A CB  1 
ATOM   658  C CG  . GLU A 1 87  ? 3.759   -8.841  12.080  1.00 24.53 ? 204 GLU A CG  1 
ATOM   659  C CD  . GLU A 1 87  ? 5.149   -9.335  11.725  1.00 31.27 ? 204 GLU A CD  1 
ATOM   660  O OE1 . GLU A 1 87  ? 5.277   -10.364 11.000  1.00 29.92 ? 204 GLU A OE1 1 
ATOM   661  O OE2 . GLU A 1 87  ? 6.127   -8.650  12.117  1.00 34.45 ? 204 GLU A OE2 1 
ATOM   662  N N   . LEU A 1 88  ? 1.973   -6.852  8.271   1.00 12.51 ? 205 LEU A N   1 
ATOM   663  C CA  . LEU A 1 88  ? 1.228   -6.660  7.024   1.00 11.98 ? 205 LEU A CA  1 
ATOM   664  C C   . LEU A 1 88  ? 2.187   -6.525  5.838   1.00 10.98 ? 205 LEU A C   1 
ATOM   665  O O   . LEU A 1 88  ? 2.113   -7.298  4.894   1.00 8.53  ? 205 LEU A O   1 
ATOM   666  C CB  . LEU A 1 88  ? 0.341   -5.417  7.113   1.00 10.34 ? 205 LEU A CB  1 
ATOM   667  C CG  . LEU A 1 88  ? -0.588  -5.140  5.933   1.00 11.41 ? 205 LEU A CG  1 
ATOM   668  C CD1 . LEU A 1 88  ? -1.867  -4.602  6.489   1.00 13.85 ? 205 LEU A CD1 1 
ATOM   669  C CD2 . LEU A 1 88  ? 0.015   -4.163  4.909   1.00 9.85  ? 205 LEU A CD2 1 
ATOM   670  N N   . VAL A 1 89  ? 3.151   -5.610  5.958   1.00 12.32 ? 206 VAL A N   1 
ATOM   671  C CA  . VAL A 1 89  ? 4.179   -5.391  4.927   1.00 12.57 ? 206 VAL A CA  1 
ATOM   672  C C   . VAL A 1 89  ? 4.977   -6.677  4.632   1.00 13.03 ? 206 VAL A C   1 
ATOM   673  O O   . VAL A 1 89  ? 4.985   -7.129  3.489   1.00 12.16 ? 206 VAL A O   1 
ATOM   674  C CB  . VAL A 1 89  ? 5.127   -4.189  5.304   1.00 12.67 ? 206 VAL A CB  1 
ATOM   675  C CG1 . VAL A 1 89  ? 6.375   -4.142  4.389   1.00 13.42 ? 206 VAL A CG1 1 
ATOM   676  C CG2 . VAL A 1 89  ? 4.365   -2.899  5.168   1.00 8.65  ? 206 VAL A CG2 1 
ATOM   677  N N   . ARG A 1 90  ? 5.371   -7.396  5.687   1.00 12.93 ? 207 ARG A N   1 
ATOM   678  C CA  . ARG A 1 90  ? 6.084   -8.662  5.534   1.00 13.91 ? 207 ARG A CA  1 
ATOM   679  C C   . ARG A 1 90  ? 5.290   -9.697  4.732   1.00 14.76 ? 207 ARG A C   1 
ATOM   680  O O   . ARG A 1 90  ? 5.796   -10.312 3.798   1.00 14.71 ? 207 ARG A O   1 
ATOM   681  C CB  . ARG A 1 90  ? 6.430   -9.238  6.898   1.00 16.38 ? 207 ARG A CB  1 
ATOM   682  C CG  . ARG A 1 90  ? 7.593   -10.178 6.849   1.00 22.49 ? 207 ARG A CG  1 
ATOM   683  C CD  . ARG A 1 90  ? 7.545   -11.147 8.004   1.00 26.31 ? 207 ARG A CD  1 
ATOM   684  N NE  . ARG A 1 90  ? 7.944   -10.634 9.316   1.00 32.37 ? 207 ARG A NE  1 
ATOM   685  C CZ  . ARG A 1 90  ? 9.084   -9.988  9.580   1.00 33.14 ? 207 ARG A CZ  1 
ATOM   686  N NH1 . ARG A 1 90  ? 10.226  -10.353 8.980   1.00 33.11 ? 207 ARG A NH1 1 
ATOM   687  N NH2 . ARG A 1 90  ? 9.170   -9.287  10.711  1.00 30.79 ? 207 ARG A NH2 1 
ATOM   688  N N   . HIS A 1 91  ? 4.009   -9.814  5.036   1.00 13.07 ? 208 HIS A N   1 
ATOM   689  C CA  . HIS A 1 91  ? 3.136   -10.733 4.314   1.00 12.19 ? 208 HIS A CA  1 
ATOM   690  C C   . HIS A 1 91  ? 3.096   -10.492 2.800   1.00 10.41 ? 208 HIS A C   1 
ATOM   691  O O   . HIS A 1 91  ? 3.303   -11.407 2.008   1.00 10.50 ? 208 HIS A O   1 
ATOM   692  C CB  . HIS A 1 91  ? 1.725   -10.637 4.912   1.00 13.00 ? 208 HIS A CB  1 
ATOM   693  C CG  . HIS A 1 91  ? 0.720   -11.510 4.242   1.00 12.09 ? 208 HIS A CG  1 
ATOM   694  N ND1 . HIS A 1 91  ? 0.475   -12.811 4.634   1.00 14.37 ? 208 HIS A ND1 1 
ATOM   695  C CD2 . HIS A 1 91  ? -0.140  -11.258 3.227   1.00 11.36 ? 208 HIS A CD2 1 
ATOM   696  C CE1 . HIS A 1 91  ? -0.489  -13.312 3.890   1.00 13.31 ? 208 HIS A CE1 1 
ATOM   697  N NE2 . HIS A 1 91  ? -0.873  -12.400 3.031   1.00 11.72 ? 208 HIS A NE2 1 
ATOM   698  N N   . TYR A 1 92  ? 2.832   -9.257  2.404   1.00 8.54  ? 209 TYR A N   1 
ATOM   699  C CA  . TYR A 1 92  ? 2.652   -8.940  1.006   1.00 9.61  ? 209 TYR A CA  1 
ATOM   700  C C   . TYR A 1 92  ? 3.945   -8.740  0.261   1.00 9.40  ? 209 TYR A C   1 
ATOM   701  O O   . TYR A 1 92  ? 3.942   -8.584  -0.948  1.00 11.66 ? 209 TYR A O   1 
ATOM   702  C CB  . TYR A 1 92  ? 1.766   -7.718  0.865   1.00 10.96 ? 209 TYR A CB  1 
ATOM   703  C CG  . TYR A 1 92  ? 0.334   -8.002  1.269   1.00 13.63 ? 209 TYR A CG  1 
ATOM   704  C CD1 . TYR A 1 92  ? -0.480  -8.800  0.473   1.00 10.96 ? 209 TYR A CD1 1 
ATOM   705  C CD2 . TYR A 1 92  ? -0.173  -7.538  2.487   1.00 12.12 ? 209 TYR A CD2 1 
ATOM   706  C CE1 . TYR A 1 92  ? -1.758  -9.120  0.862   1.00 11.75 ? 209 TYR A CE1 1 
ATOM   707  C CE2 . TYR A 1 92  ? -1.441  -7.875  2.899   1.00 11.63 ? 209 TYR A CE2 1 
ATOM   708  C CZ  . TYR A 1 92  ? -2.239  -8.651  2.078   1.00 13.46 ? 209 TYR A CZ  1 
ATOM   709  O OH  . TYR A 1 92  ? -3.549  -8.868  2.443   1.00 14.10 ? 209 TYR A OH  1 
ATOM   710  N N   . THR A 1 93  ? 5.057   -8.763  0.982   1.00 12.36 ? 210 THR A N   1 
ATOM   711  C CA  . THR A 1 93  ? 6.368   -8.864  0.330   1.00 14.86 ? 210 THR A CA  1 
ATOM   712  C C   . THR A 1 93  ? 6.645   -10.328 -0.001  1.00 16.36 ? 210 THR A C   1 
ATOM   713  O O   . THR A 1 93  ? 7.242   -10.632 -1.033  1.00 16.80 ? 210 THR A O   1 
ATOM   714  C CB  . THR A 1 93  ? 7.511   -8.317  1.239   1.00 16.79 ? 210 THR A CB  1 
ATOM   715  O OG1 . THR A 1 93  ? 7.438   -6.891  1.297   1.00 18.65 ? 210 THR A OG1 1 
ATOM   716  C CG2 . THR A 1 93  ? 8.883   -8.723  0.721   1.00 16.12 ? 210 THR A CG2 1 
ATOM   717  N N   . ASN A 1 94  ? 6.127   -11.242 0.817   1.00 16.12 ? 211 ASN A N   1 
ATOM   718  C CA  . ASN A 1 94  ? 6.371   -12.665 0.603   1.00 15.98 ? 211 ASN A CA  1 
ATOM   719  C C   . ASN A 1 94  ? 5.578   -13.208 -0.566  1.00 15.94 ? 211 ASN A C   1 
ATOM   720  O O   . ASN A 1 94  ? 5.968   -14.181 -1.191  1.00 14.86 ? 211 ASN A O   1 
ATOM   721  C CB  . ASN A 1 94  ? 6.036   -13.463 1.859   1.00 19.29 ? 211 ASN A CB  1 
ATOM   722  C CG  . ASN A 1 94  ? 7.014   -13.205 3.001   1.00 24.39 ? 211 ASN A CG  1 
ATOM   723  O OD1 . ASN A 1 94  ? 8.148   -12.770 2.787   1.00 25.89 ? 211 ASN A OD1 1 
ATOM   724  N ND2 . ASN A 1 94  ? 6.572   -13.451 4.224   1.00 26.13 ? 211 ASN A ND2 1 
ATOM   725  N N   . ALA A 1 95  ? 4.387   -12.662 -0.757  1.00 16.37 ? 212 ALA A N   1 
ATOM   726  C CA  . ALA A 1 95  ? 3.456   -13.110 -1.786  1.00 15.67 ? 212 ALA A CA  1 
ATOM   727  C C   . ALA A 1 95  ? 2.418   -12.018 -1.991  1.00 17.12 ? 212 ALA A C   1 
ATOM   728  O O   . ALA A 1 95  ? 1.933   -11.457 -1.010  1.00 17.20 ? 212 ALA A O   1 
ATOM   729  C CB  . ALA A 1 95  ? 2.777   -14.370 -1.336  1.00 14.63 ? 212 ALA A CB  1 
ATOM   730  N N   . SER A 1 96  ? 2.059   -11.716 -3.236  1.00 17.56 ? 213 SER A N   1 
ATOM   731  C CA  . SER A 1 96  ? 1.013   -10.714 -3.485  1.00 16.45 ? 213 SER A CA  1 
ATOM   732  C C   . SER A 1 96  ? -0.324  -11.066 -2.802  1.00 15.96 ? 213 SER A C   1 
ATOM   733  O O   . SER A 1 96  ? -1.027  -10.199 -2.311  1.00 14.83 ? 213 SER A O   1 
ATOM   734  C CB  . SER A 1 96  ? 0.803   -10.528 -4.981  1.00 15.11 ? 213 SER A CB  1 
ATOM   735  O OG  . SER A 1 96  ? 0.426   -11.743 -5.591  1.00 15.48 ? 213 SER A OG  1 
ATOM   736  N N   . ASP A 1 97  ? -0.660  -12.349 -2.767  1.00 17.04 ? 214 ASP A N   1 
ATOM   737  C CA  . ASP A 1 97  ? -1.874  -12.837 -2.100  1.00 17.96 ? 214 ASP A CA  1 
ATOM   738  C C   . ASP A 1 97  ? -3.109  -11.985 -2.370  1.00 17.13 ? 214 ASP A C   1 
ATOM   739  O O   . ASP A 1 97  ? -3.816  -11.559 -1.455  1.00 20.08 ? 214 ASP A O   1 
ATOM   740  C CB  . ASP A 1 97  ? -1.639  -12.985 -0.588  1.00 16.73 ? 214 ASP A CB  1 
ATOM   741  C CG  . ASP A 1 97  ? -2.779  -13.722 0.113   1.00 20.66 ? 214 ASP A CG  1 
ATOM   742  O OD1 . ASP A 1 97  ? -3.501  -14.542 -0.504  1.00 20.99 ? 214 ASP A OD1 1 
ATOM   743  O OD2 . ASP A 1 97  ? -2.988  -13.434 1.297   1.00 20.86 ? 214 ASP A OD2 1 
ATOM   744  N N   . GLY A 1 98  ? -3.384  -11.758 -3.642  1.00 15.03 ? 215 GLY A N   1 
ATOM   745  C CA  . GLY A 1 98  ? -4.567  -11.013 -4.002  1.00 14.44 ? 215 GLY A CA  1 
ATOM   746  C C   . GLY A 1 98  ? -4.282  -9.581  -4.355  1.00 13.88 ? 215 GLY A C   1 
ATOM   747  O O   . GLY A 1 98  ? -5.086  -8.926  -5.027  1.00 14.59 ? 215 GLY A O   1 
ATOM   748  N N   . LEU A 1 99  ? -3.178  -9.071  -3.837  1.00 12.73 ? 216 LEU A N   1 
ATOM   749  C CA  . LEU A 1 99  ? -2.797  -7.703  -4.100  1.00 14.90 ? 216 LEU A CA  1 
ATOM   750  C C   . LEU A 1 99  ? -2.374  -7.557  -5.570  1.00 14.49 ? 216 LEU A C   1 
ATOM   751  O O   . LEU A 1 99  ? -1.908  -8.509  -6.182  1.00 13.82 ? 216 LEU A O   1 
ATOM   752  C CB  . LEU A 1 99  ? -1.672  -7.321  -3.141  1.00 15.73 ? 216 LEU A CB  1 
ATOM   753  C CG  . LEU A 1 99  ? -1.546  -5.914  -2.580  1.00 17.85 ? 216 LEU A CG  1 
ATOM   754  C CD1 . LEU A 1 99  ? -2.761  -5.558  -1.755  1.00 17.83 ? 216 LEU A CD1 1 
ATOM   755  C CD2 . LEU A 1 99  ? -0.269  -5.871  -1.744  1.00 19.03 ? 216 LEU A CD2 1 
ATOM   756  N N   . CYS A 1 100 ? -2.521  -6.365  -6.129  1.00 13.78 ? 217 CYS A N   1 
ATOM   757  C CA  . CYS A 1 100 ? -2.160  -6.138  -7.532  1.00 14.55 ? 217 CYS A CA  1 
ATOM   758  C C   . CYS A 1 100 ? -0.742  -6.569  -7.896  1.00 14.28 ? 217 CYS A C   1 
ATOM   759  O O   . CYS A 1 100 ? -0.469  -6.858  -9.043  1.00 12.89 ? 217 CYS A O   1 
ATOM   760  C CB  . CYS A 1 100 ? -2.383  -4.665  -7.935  1.00 15.31 ? 217 CYS A CB  1 
ATOM   761  S SG  . CYS A 1 100 ? -1.478  -3.384  -6.972  1.00 20.67 ? 217 CYS A SG  1 
ATOM   762  N N   . THR A 1 101 ? 0.146   -6.624  -6.906  1.00 15.17 ? 218 THR A N   1 
ATOM   763  C CA  . THR A 1 101 ? 1.537   -7.032  -7.100  1.00 16.02 ? 218 THR A CA  1 
ATOM   764  C C   . THR A 1 101 ? 2.185   -7.361  -5.751  1.00 15.04 ? 218 THR A C   1 
ATOM   765  O O   . THR A 1 101 ? 1.694   -6.963  -4.695  1.00 15.14 ? 218 THR A O   1 
ATOM   766  C CB  . THR A 1 101 ? 2.387   -5.913  -7.812  1.00 17.12 ? 218 THR A CB  1 
ATOM   767  O OG1 . THR A 1 101 ? 3.761   -6.325  -7.928  1.00 18.91 ? 218 THR A OG1 1 
ATOM   768  C CG2 . THR A 1 101 ? 2.342   -4.628  -7.016  1.00 16.64 ? 218 THR A CG2 1 
ATOM   769  N N   . ARG A 1 102 ? 3.259   -8.135  -5.792  1.00 14.24 ? 219 ARG A N   1 
ATOM   770  C CA  . ARG A 1 102 ? 4.117   -8.354  -4.626  1.00 15.40 ? 219 ARG A CA  1 
ATOM   771  C C   . ARG A 1 102 ? 4.828   -7.041  -4.273  1.00 14.44 ? 219 ARG A C   1 
ATOM   772  O O   . ARG A 1 102 ? 5.097   -6.229  -5.151  1.00 14.28 ? 219 ARG A O   1 
ATOM   773  C CB  . ARG A 1 102 ? 5.143   -9.462  -4.939  1.00 18.18 ? 219 ARG A CB  1 
ATOM   774  C CG  . ARG A 1 102 ? 5.988   -9.937  -3.753  1.00 26.01 ? 219 ARG A CG  1 
ATOM   775  C CD  . ARG A 1 102 ? 6.614   -11.330 -3.993  1.00 28.15 ? 219 ARG A CD  1 
ATOM   776  N NE  . ARG A 1 102 ? 8.082   -11.374 -3.842  1.00 34.16 ? 219 ARG A NE  1 
ATOM   777  C CZ  . ARG A 1 102 ? 8.744   -12.481 -3.486  1.00 34.69 ? 219 ARG A CZ  1 
ATOM   778  N NH1 . ARG A 1 102 ? 9.545   -12.500 -2.417  1.00 36.60 ? 219 ARG A NH1 1 
ATOM   779  N NH2 . ARG A 1 102 ? 8.966   -13.391 -4.419  1.00 38.00 ? 219 ARG A NH2 1 
ATOM   780  N N   . LEU A 1 103 ? 4.959   -6.743  -2.987  1.00 15.59 ? 220 LEU A N   1 
ATOM   781  C CA  . LEU A 1 103 ? 5.682   -5.539  -2.553  1.00 14.43 ? 220 LEU A CA  1 
ATOM   782  C C   . LEU A 1 103 ? 7.174   -5.853  -2.591  1.00 15.21 ? 220 LEU A C   1 
ATOM   783  O O   . LEU A 1 103 ? 7.582   -6.918  -2.147  1.00 15.48 ? 220 LEU A O   1 
ATOM   784  C CB  . LEU A 1 103 ? 5.286   -5.152  -1.121  1.00 15.39 ? 220 LEU A CB  1 
ATOM   785  C CG  . LEU A 1 103 ? 3.813   -4.906  -0.767  1.00 16.01 ? 220 LEU A CG  1 
ATOM   786  C CD1 . LEU A 1 103 ? 3.719   -4.256  0.620   1.00 13.74 ? 220 LEU A CD1 1 
ATOM   787  C CD2 . LEU A 1 103 ? 3.172   -4.027  -1.837  1.00 15.18 ? 220 LEU A CD2 1 
ATOM   788  N N   . SER A 1 104 ? 7.987   -4.973  -3.158  1.00 14.43 ? 221 SER A N   1 
ATOM   789  C CA  . SER A 1 104 ? 9.423   -5.251  -3.224  1.00 16.74 ? 221 SER A CA  1 
ATOM   790  C C   . SER A 1 104 ? 10.222  -4.392  -2.246  1.00 17.09 ? 221 SER A C   1 
ATOM   791  O O   . SER A 1 104 ? 10.669  -4.877  -1.211  1.00 19.48 ? 221 SER A O   1 
ATOM   792  C CB  . SER A 1 104 ? 9.972   -5.088  -4.650  1.00 14.80 ? 221 SER A CB  1 
ATOM   793  O OG  . SER A 1 104 ? 9.683   -3.822  -5.222  1.00 18.56 ? 221 SER A OG  1 
ATOM   794  N N   . ARG A 1 105 ? 10.466  -3.144  -2.600  1.00 16.38 ? 222 ARG A N   1 
ATOM   795  C CA  . ARG A 1 105 ? 11.207  -2.282  -1.692  1.00 18.41 ? 222 ARG A CA  1 
ATOM   796  C C   . ARG A 1 105 ? 10.542  -0.939  -1.448  1.00 15.19 ? 222 ARG A C   1 
ATOM   797  O O   . ARG A 1 105 ? 9.764   -0.459  -2.270  1.00 11.96 ? 222 ARG A O   1 
ATOM   798  C CB  . ARG A 1 105 ? 12.656  -2.087  -2.178  1.00 20.58 ? 222 ARG A CB  1 
ATOM   799  C CG  . ARG A 1 105 ? 12.797  -1.417  -3.526  1.00 24.95 ? 222 ARG A CG  1 
ATOM   800  C CD  . ARG A 1 105 ? 14.219  -1.541  -4.094  1.00 30.88 ? 222 ARG A CD  1 
ATOM   801  N NE  . ARG A 1 105 ? 14.190  -1.383  -5.549  1.00 33.38 ? 222 ARG A NE  1 
ATOM   802  C CZ  . ARG A 1 105 ? 14.329  -0.215  -6.166  1.00 33.50 ? 222 ARG A CZ  1 
ATOM   803  N NH1 . ARG A 1 105 ? 13.840  0.876   -5.587  1.00 31.44 ? 222 ARG A NH1 1 
ATOM   804  N NH2 . ARG A 1 105 ? 14.609  -0.194  -7.466  1.00 33.19 ? 222 ARG A NH2 1 
ATOM   805  N N   . PRO A 1 106 ? 10.838  -0.323  -0.292  1.00 16.91 ? 223 PRO A N   1 
ATOM   806  C CA  . PRO A 1 106 ? 10.233  0.957   0.062   1.00 15.02 ? 223 PRO A CA  1 
ATOM   807  C C   . PRO A 1 106 ? 10.630  2.070   -0.889  1.00 15.21 ? 223 PRO A C   1 
ATOM   808  O O   . PRO A 1 106 ? 11.710  2.044   -1.487  1.00 15.22 ? 223 PRO A O   1 
ATOM   809  C CB  . PRO A 1 106 ? 10.759  1.207   1.468   1.00 15.18 ? 223 PRO A CB  1 
ATOM   810  C CG  . PRO A 1 106 ? 11.086  -0.118  1.984   1.00 16.85 ? 223 PRO A CG  1 
ATOM   811  C CD  . PRO A 1 106 ? 11.681  -0.821  0.799   1.00 16.53 ? 223 PRO A CD  1 
ATOM   812  N N   . CYS A 1 107 ? 9.678   2.956   -1.135  1.00 14.95 ? 224 CYS A N   1 
ATOM   813  C CA  . CYS A 1 107 ? 9.894   4.179   -1.887  1.00 16.98 ? 224 CYS A CA  1 
ATOM   814  C C   . CYS A 1 107 ? 11.251  4.814   -1.583  1.00 19.52 ? 224 CYS A C   1 
ATOM   815  O O   . CYS A 1 107 ? 11.505  5.238   -0.446  1.00 20.13 ? 224 CYS A O   1 
ATOM   816  C CB  . CYS A 1 107 ? 8.796   5.184   -1.555  1.00 15.03 ? 224 CYS A CB  1 
ATOM   817  S SG  . CYS A 1 107 ? 8.692   6.506   -2.715  1.00 15.26 ? 224 CYS A SG  1 
ATOM   818  N N   . GLN A 1 108 ? 12.090  4.935   -2.609  1.00 21.12 ? 225 GLN A N   1 
ATOM   819  C CA  . GLN A 1 108 ? 13.352  5.663   -2.464  1.00 23.94 ? 225 GLN A CA  1 
ATOM   820  C C   . GLN A 1 108 ? 13.103  7.169   -2.558  1.00 22.26 ? 225 GLN A C   1 
ATOM   821  O O   . GLN A 1 108 ? 12.319  7.619   -3.390  1.00 25.25 ? 225 GLN A O   1 
ATOM   822  C CB  . GLN A 1 108 ? 14.366  5.215   -3.534  1.00 27.07 ? 225 GLN A CB  1 
ATOM   823  C CG  . GLN A 1 108 ? 14.860  3.750   -3.415  1.00 29.71 ? 225 GLN A CG  1 
ATOM   824  C CD  . GLN A 1 108 ? 15.479  3.417   -2.048  1.00 32.12 ? 225 GLN A CD  1 
ATOM   825  O OE1 . GLN A 1 108 ? 16.587  3.858   -1.719  1.00 31.26 ? 225 GLN A OE1 1 
ATOM   826  N NE2 . GLN A 1 108 ? 14.781  2.597   -1.266  1.00 29.91 ? 225 GLN A NE2 1 
ATOM   827  N N   . THR A 1 109 ? 13.768  7.944   -1.711  1.00 19.31 ? 226 THR A N   1 
ATOM   828  C CA  . THR A 1 109 ? 13.489  9.377   -1.633  1.00 19.01 ? 226 THR A CA  1 
ATOM   829  C C   . THR A 1 109 ? 14.620  10.201  -2.226  1.00 19.46 ? 226 THR A C   1 
ATOM   830  O O   . THR A 1 109 ? 14.465  11.433  -2.263  1.00 19.86 ? 226 THR A O   1 
ATOM   831  C CB  . THR A 1 109 ? 13.308  9.837   -0.188  1.00 19.08 ? 226 THR A CB  1 
ATOM   832  O OG1 . THR A 1 109 ? 14.210  9.105   0.656   1.00 20.06 ? 226 THR A OG1 1 
ATOM   833  C CG2 . THR A 1 109 ? 11.872  9.592   0.277   1.00 18.09 ? 226 THR A CG2 1 
ATOM   834  O OXT . THR A 1 109 ? 15.653  9.616   -2.610  1.00 18.22 ? 226 THR A OXT 1 
ATOM   835  N N   . GLU B 2 1   ? -14.414 9.154   -2.176  1.00 44.59 ? 201 GLU B N   1 
ATOM   836  C CA  . GLU B 2 1   ? -14.520 9.791   -3.528  1.00 44.56 ? 201 GLU B CA  1 
ATOM   837  C C   . GLU B 2 1   ? -13.324 9.422   -4.456  1.00 41.87 ? 201 GLU B C   1 
ATOM   838  O O   . GLU B 2 1   ? -13.547 8.934   -5.567  1.00 43.00 ? 201 GLU B O   1 
ATOM   839  C CB  . GLU B 2 1   ? -14.704 11.332  -3.405  1.00 48.71 ? 201 GLU B CB  1 
ATOM   840  C CG  . GLU B 2 1   ? -15.267 12.037  -4.687  1.00 53.71 ? 201 GLU B CG  1 
ATOM   841  C CD  . GLU B 2 1   ? -15.540 13.566  -4.532  1.00 57.76 ? 201 GLU B CD  1 
ATOM   842  O OE1 . GLU B 2 1   ? -14.605 14.324  -4.138  1.00 58.48 ? 201 GLU B OE1 1 
ATOM   843  O OE2 . GLU B 2 1   ? -16.669 14.017  -4.902  1.00 57.44 ? 201 GLU B OE2 1 
ATOM   844  N N   . PRO B 2 2   ? -12.071 9.464   -3.937  1.00 37.91 ? 202 PRO B N   1 
ATOM   845  C CA  . PRO B 2 2   ? -10.911 8.979   -4.701  1.00 33.91 ? 202 PRO B CA  1 
ATOM   846  C C   . PRO B 2 2   ? -10.852 7.457   -4.763  1.00 30.95 ? 202 PRO B C   1 
ATOM   847  O O   . PRO B 2 2   ? -11.146 6.802   -3.767  1.00 29.01 ? 202 PRO B O   1 
ATOM   848  C CB  . PRO B 2 2   ? -9.726  9.526   -3.925  1.00 34.50 ? 202 PRO B CB  1 
ATOM   849  C CG  . PRO B 2 2   ? -10.199 9.499   -2.513  1.00 36.57 ? 202 PRO B CG  1 
ATOM   850  C CD  . PRO B 2 2   ? -11.648 9.989   -2.620  1.00 38.04 ? 202 PRO B CD  1 
ATOM   851  N N   . GLN B 2 3   ? -10.515 6.914   -5.937  1.00 28.47 ? 203 GLN B N   1 
ATOM   852  C CA  . GLN B 2 3   ? -10.443 5.466   -6.173  1.00 26.14 ? 203 GLN B CA  1 
ATOM   853  C C   . GLN B 2 3   ? -9.443  4.645   -5.355  1.00 22.30 ? 203 GLN B C   1 
ATOM   854  O O   . GLN B 2 3   ? -8.223  4.859   -5.426  1.00 22.85 ? 203 GLN B O   1 
ATOM   855  C CB  . GLN B 2 3   ? -10.202 5.192   -7.670  1.00 30.52 ? 203 GLN B CB  1 
ATOM   856  C CG  . GLN B 2 3   ? -10.109 3.699   -8.069  1.00 37.82 ? 203 GLN B CG  1 
ATOM   857  C CD  . GLN B 2 3   ? -11.337 3.159   -8.833  1.00 41.34 ? 203 GLN B CD  1 
ATOM   858  O OE1 . GLN B 2 3   ? -11.886 3.828   -9.719  1.00 42.59 ? 203 GLN B OE1 1 
ATOM   859  N NE2 . GLN B 2 3   ? -11.707 1.898   -8.550  1.00 43.17 ? 203 GLN B NE2 1 
HETATM 860  N N   . PTR B 2 4   ? -9.977  3.652   -4.642  1.00 18.15 ? 204 PTR B N   1 
HETATM 861  C CA  . PTR B 2 4   ? -9.164  2.614   -3.991  1.00 17.87 ? 204 PTR B CA  1 
HETATM 862  C C   . PTR B 2 4   ? -9.354  1.200   -4.573  1.00 19.29 ? 204 PTR B C   1 
HETATM 863  O O   . PTR B 2 4   ? -10.468 0.790   -4.929  1.00 19.16 ? 204 PTR B O   1 
HETATM 864  C CB  . PTR B 2 4   ? -9.440  2.573   -2.492  1.00 15.49 ? 204 PTR B CB  1 
HETATM 865  C CG  . PTR B 2 4   ? -8.907  3.775   -1.733  1.00 15.05 ? 204 PTR B CG  1 
HETATM 866  C CD1 . PTR B 2 4   ? -7.631  3.765   -1.184  1.00 14.79 ? 204 PTR B CD1 1 
HETATM 867  C CD2 . PTR B 2 4   ? -9.719  4.874   -1.481  1.00 14.77 ? 204 PTR B CD2 1 
HETATM 868  C CE1 . PTR B 2 4   ? -7.183  4.802   -0.413  1.00 13.08 ? 204 PTR B CE1 1 
HETATM 869  C CE2 . PTR B 2 4   ? -9.284  5.914   -0.685  1.00 14.79 ? 204 PTR B CE2 1 
HETATM 870  C CZ  . PTR B 2 4   ? -8.013  5.877   -0.152  1.00 15.73 ? 204 PTR B CZ  1 
HETATM 871  O OH  . PTR B 2 4   ? -7.602  6.889   0.701   1.00 15.46 ? 204 PTR B OH  1 
HETATM 872  P P   . PTR B 2 4   ? -6.638  8.011   0.228   1.00 13.02 ? 204 PTR B P   1 
HETATM 873  O O1P . PTR B 2 4   ? -7.469  9.088   0.146   1.00 16.68 ? 204 PTR B O1P 1 
HETATM 874  O O2P . PTR B 2 4   ? -5.900  7.964   -0.952  1.00 11.59 ? 204 PTR B O2P 1 
HETATM 875  O O3P . PTR B 2 4   ? -5.840  8.188   1.286   1.00 13.96 ? 204 PTR B O3P 1 
ATOM   876  N N   . GLU B 2 5   ? -8.274  0.428   -4.614  1.00 18.63 ? 205 GLU B N   1 
ATOM   877  C CA  . GLU B 2 5   ? -8.387  -0.998  -4.950  1.00 19.10 ? 205 GLU B CA  1 
ATOM   878  C C   . GLU B 2 5   ? -8.858  -1.887  -3.781  1.00 16.50 ? 205 GLU B C   1 
ATOM   879  O O   . GLU B 2 5   ? -8.582  -1.628  -2.612  1.00 14.96 ? 205 GLU B O   1 
ATOM   880  C CB  . GLU B 2 5   ? -7.049  -1.564  -5.463  1.00 20.24 ? 205 GLU B CB  1 
ATOM   881  C CG  . GLU B 2 5   ? -6.296  -0.644  -6.367  1.00 26.06 ? 205 GLU B CG  1 
ATOM   882  C CD  . GLU B 2 5   ? -7.106  -0.283  -7.584  1.00 32.13 ? 205 GLU B CD  1 
ATOM   883  O OE1 . GLU B 2 5   ? -7.644  -1.213  -8.226  1.00 35.14 ? 205 GLU B OE1 1 
ATOM   884  O OE2 . GLU B 2 5   ? -7.258  0.922   -7.891  1.00 34.67 ? 205 GLU B OE2 1 
ATOM   885  N N   . GLU B 2 6   ? -9.462  -3.016  -4.135  1.00 16.68 ? 206 GLU B N   1 
ATOM   886  C CA  . GLU B 2 6   ? -9.753  -4.084  -3.179  1.00 17.46 ? 206 GLU B CA  1 
ATOM   887  C C   . GLU B 2 6   ? -9.087  -5.373  -3.601  1.00 16.82 ? 206 GLU B C   1 
ATOM   888  O O   . GLU B 2 6   ? -8.892  -5.628  -4.789  1.00 17.69 ? 206 GLU B O   1 
ATOM   889  C CB  . GLU B 2 6   ? -11.254 -4.339  -3.099  1.00 16.43 ? 206 GLU B CB  1 
ATOM   890  C CG  . GLU B 2 6   ? -12.069 -3.090  -3.103  1.00 21.09 ? 206 GLU B CG  1 
ATOM   891  C CD  . GLU B 2 6   ? -13.502 -3.353  -2.739  1.00 24.63 ? 206 GLU B CD  1 
ATOM   892  O OE1 . GLU B 2 6   ? -13.737 -3.979  -1.681  1.00 26.16 ? 206 GLU B OE1 1 
ATOM   893  O OE2 . GLU B 2 6   ? -14.387 -2.920  -3.511  1.00 27.68 ? 206 GLU B OE2 1 
ATOM   894  N N   . ILE B 2 7   ? -8.865  -6.238  -2.629  1.00 16.65 ? 207 ILE B N   1 
ATOM   895  C CA  . ILE B 2 7   ? -8.444  -7.592  -2.895  1.00 16.86 ? 207 ILE B CA  1 
ATOM   896  C C   . ILE B 2 7   ? -9.675  -8.429  -3.222  1.00 18.38 ? 207 ILE B C   1 
ATOM   897  O O   . ILE B 2 7   ? -10.681 -8.367  -2.520  1.00 18.04 ? 207 ILE B O   1 
ATOM   898  C CB  . ILE B 2 7   ? -7.697  -8.164  -1.692  1.00 15.80 ? 207 ILE B CB  1 
ATOM   899  C CG1 . ILE B 2 7   ? -6.409  -7.354  -1.475  1.00 14.90 ? 207 ILE B CG1 1 
ATOM   900  C CG2 . ILE B 2 7   ? -7.341  -9.616  -1.939  1.00 16.85 ? 207 ILE B CG2 1 
ATOM   901  C CD1 . ILE B 2 7   ? -5.593  -7.784  -0.323  1.00 15.75 ? 207 ILE B CD1 1 
ATOM   902  N N   . PRO B 2 8   ? -9.696  -9.028  -4.409  1.00 19.37 ? 208 PRO B N   1 
ATOM   903  C CA  . PRO B 2 8   ? -10.893 -9.746  -4.845  1.00 22.05 ? 208 PRO B CA  1 
ATOM   904  C C   . PRO B 2 8   ? -11.139 -11.011 -4.046  1.00 22.76 ? 208 PRO B C   1 
ATOM   905  O O   . PRO B 2 8   ? -10.303 -11.437 -3.259  1.00 23.39 ? 208 PRO B O   1 
ATOM   906  C CB  . PRO B 2 8   ? -10.629 -10.051 -6.319  1.00 21.26 ? 208 PRO B CB  1 
ATOM   907  C CG  . PRO B 2 8   ? -9.148  -10.139 -6.421  1.00 21.98 ? 208 PRO B CG  1 
ATOM   908  C CD  . PRO B 2 8   ? -8.581  -9.172  -5.373  1.00 21.13 ? 208 PRO B CD  1 
ATOM   909  N N   . ILE B 2 9   ? -12.330 -11.569 -4.166  1.00 25.52 ? 209 ILE B N   1 
ATOM   910  C CA  . ILE B 2 9   ? -12.531 -12.929 -3.661  1.00 29.60 ? 209 ILE B CA  1 
ATOM   911  C C   . ILE B 2 9   ? -12.435 -13.857 -4.871  1.00 30.11 ? 209 ILE B C   1 
ATOM   912  O O   . ILE B 2 9   ? -12.669 -13.418 -6.002  1.00 30.70 ? 209 ILE B O   1 
ATOM   913  C CB  . ILE B 2 9   ? -13.928 -13.112 -2.983  1.00 29.90 ? 209 ILE B CB  1 
ATOM   914  C CG1 . ILE B 2 9   ? -14.944 -12.115 -3.540  1.00 29.99 ? 209 ILE B CG1 1 
ATOM   915  C CG2 . ILE B 2 9   ? -13.797 -13.016 -1.463  1.00 32.83 ? 209 ILE B CG2 1 
ATOM   916  C CD1 . ILE B 2 9   ? -16.382 -12.640 -3.501  1.00 33.80 ? 209 ILE B CD1 1 
ATOM   917  N N   . TYR B 2 10  ? -12.050 -15.112 -4.666  1.00 32.03 ? 210 TYR B N   1 
ATOM   918  C CA  . TYR B 2 10  ? -12.167 -16.080 -5.759  1.00 34.05 ? 210 TYR B CA  1 
ATOM   919  C C   . TYR B 2 10  ? -13.567 -16.750 -5.844  1.00 35.39 ? 210 TYR B C   1 
ATOM   920  O O   . TYR B 2 10  ? -14.056 -17.318 -4.856  1.00 36.29 ? 210 TYR B O   1 
ATOM   921  C CB  . TYR B 2 10  ? -11.090 -17.151 -5.637  1.00 34.48 ? 210 TYR B CB  1 
ATOM   922  C CG  . TYR B 2 10  ? -10.990 -18.038 -6.854  1.00 36.23 ? 210 TYR B CG  1 
ATOM   923  C CD1 . TYR B 2 10  ? -10.557 -17.525 -8.073  1.00 37.04 ? 210 TYR B CD1 1 
ATOM   924  C CD2 . TYR B 2 10  ? -11.387 -19.371 -6.805  1.00 37.39 ? 210 TYR B CD2 1 
ATOM   925  C CE1 . TYR B 2 10  ? -10.523 -18.309 -9.203  1.00 37.42 ? 210 TYR B CE1 1 
ATOM   926  C CE2 . TYR B 2 10  ? -11.354 -20.169 -7.941  1.00 37.26 ? 210 TYR B CE2 1 
ATOM   927  C CZ  . TYR B 2 10  ? -10.910 -19.630 -9.129  1.00 37.45 ? 210 TYR B CZ  1 
ATOM   928  O OH  . TYR B 2 10  ? -10.744 -20.422 -10.231 1.00 37.89 ? 210 TYR B OH  1 
ATOM   929  N N   . LEU B 2 11  ? -14.212 -16.637 -7.008  1.00 35.74 ? 211 LEU B N   1 
ATOM   930  C CA  . LEU B 2 11  ? -15.579 -17.138 -7.218  1.00 35.35 ? 211 LEU B CA  1 
ATOM   931  C C   . LEU B 2 11  ? -15.649 -18.286 -8.221  1.00 34.80 ? 211 LEU B C   1 
ATOM   932  O O   . LEU B 2 11  ? -15.793 -18.046 -9.448  1.00 35.90 ? 211 LEU B O   1 
ATOM   933  C CB  . LEU B 2 11  ? -16.503 -16.001 -7.655  1.00 35.82 ? 211 LEU B CB  1 
ATOM   934  C CG  . LEU B 2 11  ? -17.369 -15.462 -6.520  1.00 36.80 ? 211 LEU B CG  1 
ATOM   935  C CD1 . LEU B 2 11  ? -18.161 -14.223 -6.982  1.00 36.01 ? 211 LEU B CD1 1 
ATOM   936  C CD2 . LEU B 2 11  ? -18.291 -16.589 -6.079  1.00 36.52 ? 211 LEU B CD2 1 
ATOM   937  O OXT . LEU B 2 11  ? -15.467 -19.435 -7.771  1.00 34.15 ? 211 LEU B OXT 1 
HETATM 938  O O   . HOH C 3 .   ? 19.111  -2.761  10.242  1.00 58.50 ? 301 HOH A O   1 
HETATM 939  O O   . HOH C 3 .   ? 12.481  4.976   1.952   1.00 19.93 ? 302 HOH A O   1 
HETATM 940  O O   . HOH C 3 .   ? 8.982   6.755   10.650  1.00 47.08 ? 304 HOH A O   1 
HETATM 941  O O   . HOH C 3 .   ? 2.862   18.862  3.902   1.00 33.60 ? 305 HOH A O   1 
HETATM 942  O O   . HOH C 3 .   ? 2.368   15.503  1.175   1.00 23.13 ? 306 HOH A O   1 
HETATM 943  O O   . HOH C 3 .   ? -6.797  11.635  -1.606  1.00 17.37 ? 307 HOH A O   1 
HETATM 944  O O   . HOH C 3 .   ? -5.296  8.676   -7.767  1.00 42.54 ? 308 HOH A O   1 
HETATM 945  O O   . HOH C 3 .   ? 0.676   18.195  1.436   1.00 38.47 ? 309 HOH A O   1 
HETATM 946  O O   . HOH C 3 .   ? -0.033  8.218   -11.074 1.00 34.99 ? 310 HOH A O   1 
HETATM 947  O O   . HOH C 3 .   ? 8.958   10.235  -14.038 1.00 42.50 ? 311 HOH A O   1 
HETATM 948  O O   . HOH C 3 .   ? 17.155  7.498   -4.248  1.00 35.77 ? 312 HOH A O   1 
HETATM 949  O O   . HOH C 3 .   ? 11.906  1.581   -4.353  1.00 15.83 ? 313 HOH A O   1 
HETATM 950  O O   . HOH C 3 .   ? 10.814  -1.602  -7.447  1.00 50.57 ? 314 HOH A O   1 
HETATM 951  O O   . HOH C 3 .   ? 9.203   -6.411  -8.194  1.00 30.52 ? 315 HOH A O   1 
HETATM 952  O O   . HOH C 3 .   ? -5.837  9.685   8.461   1.00 22.14 ? 316 HOH A O   1 
HETATM 953  O O   . HOH C 3 .   ? -6.978  17.024  0.158   1.00 53.58 ? 317 HOH A O   1 
HETATM 954  O O   . HOH C 3 .   ? -11.863 7.004   1.169   1.00 35.94 ? 318 HOH A O   1 
HETATM 955  O O   . HOH C 3 .   ? -9.292  15.027  2.074   1.00 47.72 ? 319 HOH A O   1 
HETATM 956  O O   . HOH C 3 .   ? -11.416 5.537   10.316  1.00 45.99 ? 320 HOH A O   1 
HETATM 957  O O   . HOH C 3 .   ? 4.091   -4.694  -10.752 1.00 14.59 ? 321 HOH A O   1 
HETATM 958  O O   . HOH C 3 .   ? -1.608  -6.067  -16.480 1.00 34.92 ? 322 HOH A O   1 
HETATM 959  O O   . HOH C 3 .   ? 1.063   4.336   -22.831 1.00 54.81 ? 323 HOH A O   1 
HETATM 960  O O   . HOH C 3 .   ? 10.051  -0.093  -13.422 1.00 25.72 ? 324 HOH A O   1 
HETATM 961  O O   . HOH C 3 .   ? -11.545 3.787   1.593   1.00 51.75 ? 327 HOH A O   1 
HETATM 962  O O   . HOH C 3 .   ? -4.944  4.064   15.004  1.00 60.39 ? 328 HOH A O   1 
HETATM 963  O O   . HOH C 3 .   ? -5.635  -0.765  14.482  1.00 50.12 ? 329 HOH A O   1 
HETATM 964  O O   . HOH C 3 .   ? -1.737  -5.517  18.380  1.00 34.10 ? 330 HOH A O   1 
HETATM 965  O O   . HOH C 3 .   ? -1.319  0.484   22.021  1.00 43.43 ? 331 HOH A O   1 
HETATM 966  O O   . HOH C 3 .   ? -3.236  -1.726  15.963  1.00 48.53 ? 332 HOH A O   1 
HETATM 967  O O   . HOH C 3 .   ? -4.955  -10.984 1.012   1.00 12.11 ? 333 HOH A O   1 
HETATM 968  O O   . HOH C 3 .   ? 1.890   -0.851  13.713  1.00 13.88 ? 334 HOH A O   1 
HETATM 969  O O   . HOH C 3 .   ? 10.248  -3.706  13.827  1.00 44.92 ? 335 HOH A O   1 
HETATM 970  O O   . HOH C 3 .   ? 8.076   -5.682  7.408   1.00 35.02 ? 336 HOH A O   1 
HETATM 971  O O   . HOH C 3 .   ? 9.344   -7.797  5.905   1.00 39.85 ? 337 HOH A O   1 
HETATM 972  O O   . HOH C 3 .   ? 3.404   -12.165 8.154   1.00 64.14 ? 338 HOH A O   1 
HETATM 973  O O   . HOH C 3 .   ? 7.666   -13.778 7.434   1.00 43.45 ? 339 HOH A O   1 
HETATM 974  O O   . HOH C 3 .   ? 2.742   -14.350 2.744   1.00 22.02 ? 340 HOH A O   1 
HETATM 975  O O   . HOH C 3 .   ? 0.828   -16.882 -1.384  1.00 35.86 ? 341 HOH A O   1 
HETATM 976  O O   . HOH C 3 .   ? -2.906  -7.098  -11.201 1.00 35.21 ? 342 HOH A O   1 
HETATM 977  O O   . HOH C 3 .   ? 5.148   -9.301  -8.432  1.00 17.60 ? 343 HOH A O   1 
HETATM 978  O O   . HOH C 3 .   ? 15.751  -0.640  -9.769  1.00 34.04 ? 344 HOH A O   1 
HETATM 979  O O   . HOH C 3 .   ? 13.572  9.201   3.704   1.00 45.35 ? 345 HOH A O   1 
HETATM 980  O O   . HOH C 3 .   ? -5.658  8.752   -11.003 1.00 28.10 ? 349 HOH A O   1 
HETATM 981  O O   . HOH C 3 .   ? -8.458  7.452   -11.913 1.00 43.33 ? 350 HOH A O   1 
HETATM 982  O O   . HOH C 3 .   ? -5.244  -7.932  4.609   1.00 9.15  ? 356 HOH A O   1 
HETATM 983  O O   . HOH C 3 .   ? 9.082   -6.428  -13.026 1.00 24.79 ? 357 HOH A O   1 
HETATM 984  O O   . HOH C 3 .   ? 11.606  -6.795  1.683   1.00 46.30 ? 359 HOH A O   1 
HETATM 985  O O   . HOH C 3 .   ? -9.510  -2.613  1.793   1.00 20.78 ? 360 HOH A O   1 
HETATM 986  O O   . HOH C 3 .   ? 2.923   -13.180 -5.632  1.00 25.90 ? 361 HOH A O   1 
HETATM 987  O O   . HOH C 3 .   ? 0.351   19.600  -9.828  1.00 38.02 ? 362 HOH A O   1 
HETATM 988  O O   . HOH C 3 .   ? -1.138  5.786   -11.839 1.00 31.45 ? 363 HOH A O   1 
HETATM 989  O O   . HOH C 3 .   ? -6.066  -6.433  -5.894  1.00 23.95 ? 364 HOH A O   1 
HETATM 990  O O   . HOH C 3 .   ? 9.563   -4.965  1.045   1.00 29.12 ? 365 HOH A O   1 
HETATM 991  O O   . HOH D 3 .   ? -14.526 -0.774  -7.157  1.00 64.77 ? 303 HOH B O   1 
HETATM 992  O O   . HOH D 3 .   ? -7.150  2.800   -10.569 1.00 26.99 ? 325 HOH B O   1 
HETATM 993  O O   . HOH D 3 .   ? -6.054  3.017   -6.551  1.00 11.09 ? 326 HOH B O   1 
HETATM 994  O O   . HOH D 3 .   ? -13.980 6.487   -1.947  1.00 38.85 ? 346 HOH B O   1 
HETATM 995  O O   . HOH D 3 .   ? -15.274 9.128   -7.298  1.00 51.12 ? 347 HOH B O   1 
HETATM 996  O O   . HOH D 3 .   ? -12.908 3.293   -4.382  1.00 25.51 ? 348 HOH B O   1 
HETATM 997  O O   . HOH D 3 .   ? -10.236 -3.410  -7.143  1.00 25.50 ? 351 HOH B O   1 
HETATM 998  O O   . HOH D 3 .   ? -13.063 1.539   -2.307  1.00 40.70 ? 352 HOH B O   1 
HETATM 999  O O   . HOH D 3 .   ? -14.139 -17.184 -2.164  1.00 44.21 ? 353 HOH B O   1 
HETATM 1000 O O   . HOH D 3 .   ? -8.909  -0.658  -0.218  1.00 10.52 ? 354 HOH B O   1 
HETATM 1001 O O   . HOH D 3 .   ? -9.524  -5.405  -0.201  1.00 19.37 ? 355 HOH B O   1 
HETATM 1002 O O   . HOH D 3 .   ? -9.498  8.352   -7.763  1.00 43.42 ? 358 HOH B O   1 
# 
